data_5GRS
#
_entry.id   5GRS
#
_cell.length_a   1
_cell.length_b   1
_cell.length_c   1
_cell.angle_alpha   90.00
_cell.angle_beta   90.00
_cell.angle_gamma   90.00
#
_symmetry.space_group_name_H-M   'P 1'
#
loop_
_entity.id
_entity.type
_entity.pdbx_description
1 polymer 'Sterol regulatory element-binding protein cleavage-activating protein'
2 polymer 'Sterol regulatory element-binding protein cleavage-activating protein'
3 polymer 'Sterol regulatory element-binding protein 1'
#
loop_
_entity_poly.entity_id
_entity_poly.type
_entity_poly.pdbx_seq_one_letter_code
_entity_poly.pdbx_strand_id
1 'polypeptide(L)'
;MGWSDHDELSTDTTLHEEKFRIEPVPVHHQLDILKIAVSENYKTFASVGLDRCLVVWDLRQWCTKLVLSKEQMPRTLKAI
ALDPQGNYVSLFSKDTLFILNVESPSLMLQHSYHCKPNSKLNVFWMPGTHKDDEWKNFELVVVESSGEIQVFSLTIEIEG
ADIALVEKFQLSSPIIKSISIVSPTANRIACLTESGEVTVYSKKGPVWSPKILSQNKNYLTETKKDIYGIAMADILFLAR
DSGVDMIDLKNDELLHSFTLPPIKVNTFSVGVSNSRFVNGQFRVSSISFCFTHAVTEKVLYYYYGNESNESYIILNKWDQ
QPNLVDVHDPDNSLASLTFDELQENIHEVEDASESVMSSDGLYIFGMRRKSSSGISPTADEKNEDNGFTLRNRKLR
;
A,B,C,D
2 'polypeptide(L)'
;AHMNTHSGGETQVWEVWMYSQSEKKHRSKSLKMYNSLIIADPGPSLAVSDRCVAIVLGNYVALVGYGSEIFRDFYQIRNS
DEMDRILRRKRKNLQRKRSGTIG
;
I,J,K,L
3 'polypeptide(L)'
;AHMQHSKSSVHAELRELPESTANLIENSHADDVFSPNMVERLWVLAKSTRDSAQMSDSIISSLSDVLVLSPLEVLASWYA
ADLLDALLMESLSRKVEISEIEEIISLCPKNSSIIRHALLAKLVLFPENTADSLNEVLAAYKNTLDLCSQDKRKQSSVLK
INLSKLFTLHSCLSLALQRLGYGDVSKRMYQEIFVPDSDADITPLSFIISWTALNTFAPICTSPKENDVVEKMAMYVRTA
IGTLKIQDLKLSRKLINSCIDIGSRLQEDLGY
;
E,F,G,H
#
# COMPACT_ATOMS: atom_id res chain seq x y z
N GLY A 2 40.27 10.23 -13.26
CA GLY A 2 39.89 8.89 -12.86
C GLY A 2 39.71 8.74 -11.36
N TRP A 3 38.50 9.05 -10.89
CA TRP A 3 38.23 8.99 -9.46
C TRP A 3 38.29 7.60 -8.86
N SER A 4 38.80 7.57 -7.64
CA SER A 4 38.73 6.41 -6.78
C SER A 4 38.72 6.99 -5.39
N ASP A 5 38.25 6.21 -4.43
CA ASP A 5 38.05 6.73 -3.09
C ASP A 5 39.38 7.21 -2.51
N HIS A 6 40.48 6.58 -2.94
CA HIS A 6 41.81 7.15 -2.79
C HIS A 6 42.86 6.49 -3.68
N ASP A 7 43.30 7.23 -4.69
CA ASP A 7 44.41 6.82 -5.55
C ASP A 7 45.70 6.74 -4.78
N GLU A 8 46.57 5.80 -5.14
CA GLU A 8 47.91 5.78 -4.57
C GLU A 8 48.95 5.22 -5.52
N LEU A 9 50.18 5.63 -5.30
CA LEU A 9 51.33 5.24 -6.09
C LEU A 9 52.49 5.04 -5.13
N SER A 10 53.48 4.23 -5.50
CA SER A 10 54.62 3.98 -4.60
C SER A 10 55.38 5.28 -4.34
N THR A 11 55.84 5.47 -3.10
CA THR A 11 56.57 6.68 -2.75
C THR A 11 57.85 6.76 -3.55
N ASP A 12 58.12 7.93 -4.11
CA ASP A 12 59.27 8.11 -4.97
C ASP A 12 60.60 8.13 -4.22
N THR A 13 61.62 7.55 -4.85
CA THR A 13 62.97 7.61 -4.31
C THR A 13 63.90 8.42 -5.22
N THR A 14 63.33 8.96 -6.30
CA THR A 14 64.13 9.67 -7.29
C THR A 14 63.50 11.00 -7.67
N LEU A 15 64.35 11.99 -7.94
CA LEU A 15 63.89 13.27 -8.48
C LEU A 15 63.36 13.03 -9.88
N HIS A 16 63.79 11.93 -10.48
CA HIS A 16 63.30 11.50 -11.77
C HIS A 16 61.81 11.25 -11.69
N GLU A 17 61.36 10.83 -10.51
CA GLU A 17 59.95 10.58 -10.27
C GLU A 17 59.31 11.69 -9.43
N GLU A 18 60.14 12.53 -8.83
CA GLU A 18 59.65 13.56 -7.93
C GLU A 18 58.77 14.59 -8.62
N LYS A 19 59.31 15.18 -9.67
CA LYS A 19 58.57 16.13 -10.46
C LYS A 19 57.49 15.41 -11.25
N PHE A 20 57.67 14.11 -11.46
CA PHE A 20 56.66 13.32 -12.11
C PHE A 20 55.44 13.31 -11.19
N ARG A 21 54.27 13.48 -11.78
CA ARG A 21 53.06 13.78 -11.04
C ARG A 21 51.83 13.33 -11.82
N ILE A 22 50.70 13.23 -11.13
CA ILE A 22 49.45 12.84 -11.77
C ILE A 22 48.24 13.34 -11.02
N GLU A 23 47.42 14.17 -11.68
CA GLU A 23 46.26 14.70 -10.97
C GLU A 23 44.96 14.60 -11.77
N PRO A 24 43.85 14.36 -11.06
CA PRO A 24 42.44 14.51 -11.43
C PRO A 24 41.99 15.93 -11.73
N VAL A 25 41.05 16.09 -12.65
CA VAL A 25 40.12 17.22 -12.61
C VAL A 25 38.78 16.70 -12.09
N PRO A 26 38.36 17.18 -10.92
CA PRO A 26 37.12 16.76 -10.29
C PRO A 26 35.89 16.98 -11.15
N VAL A 27 35.89 18.06 -11.95
CA VAL A 27 34.77 18.38 -12.82
C VAL A 27 34.64 17.26 -13.84
N HIS A 28 33.40 16.91 -14.19
CA HIS A 28 33.18 15.73 -15.01
C HIS A 28 31.89 15.76 -15.81
N HIS A 29 31.89 15.00 -16.91
CA HIS A 29 30.66 14.67 -17.62
C HIS A 29 29.82 13.74 -16.77
N GLN A 30 28.51 13.79 -16.97
CA GLN A 30 27.59 12.88 -16.30
C GLN A 30 27.88 11.44 -16.73
N LEU A 31 28.45 11.30 -17.93
CA LEU A 31 28.62 10.00 -18.59
C LEU A 31 29.90 9.98 -19.42
N ASP A 32 30.27 8.80 -19.88
CA ASP A 32 31.60 8.59 -20.48
C ASP A 32 31.89 9.43 -21.72
N ILE A 33 33.17 9.76 -21.89
CA ILE A 33 33.64 10.66 -22.94
C ILE A 33 33.44 10.12 -24.36
N LEU A 34 33.11 11.00 -25.30
CA LEU A 34 33.09 10.66 -26.72
C LEU A 34 34.36 11.12 -27.44
N LYS A 35 34.54 12.43 -27.53
CA LYS A 35 35.63 12.99 -28.31
C LYS A 35 35.98 14.40 -27.82
N ILE A 36 37.20 14.86 -28.10
CA ILE A 36 37.71 16.13 -27.58
C ILE A 36 38.61 16.85 -28.58
N ALA A 37 38.95 18.09 -28.25
CA ALA A 37 39.83 18.91 -29.08
C ALA A 37 40.60 19.90 -28.21
N VAL A 38 41.69 20.45 -28.73
CA VAL A 38 42.60 21.22 -27.88
C VAL A 38 43.26 22.41 -28.58
N SER A 39 43.43 23.49 -27.84
CA SER A 39 44.18 24.67 -28.27
C SER A 39 45.69 24.44 -28.34
N GLU A 40 46.34 25.14 -29.27
N GLU A 40 46.35 25.14 -29.27
CA GLU A 40 47.80 25.11 -29.36
CA GLU A 40 47.79 25.08 -29.35
C GLU A 40 48.45 25.77 -28.16
C GLU A 40 48.46 25.76 -28.16
N ASN A 41 47.74 26.71 -27.55
CA ASN A 41 48.27 27.43 -26.40
C ASN A 41 48.50 26.53 -25.20
N TYR A 42 47.78 25.41 -25.19
CA TYR A 42 47.79 24.42 -24.12
C TYR A 42 47.00 24.92 -22.90
N LYS A 43 46.84 26.23 -22.79
CA LYS A 43 46.08 26.82 -21.69
C LYS A 43 44.61 26.43 -21.72
N THR A 44 44.07 26.26 -22.92
CA THR A 44 42.64 25.97 -23.08
C THR A 44 42.39 24.49 -23.29
N PHE A 45 41.27 23.98 -22.80
CA PHE A 45 40.86 22.63 -23.16
C PHE A 45 39.34 22.49 -23.26
N ALA A 46 38.91 21.55 -24.09
CA ALA A 46 37.49 21.29 -24.36
C ALA A 46 37.18 19.80 -24.45
N SER A 47 35.94 19.43 -24.14
CA SER A 47 35.57 18.03 -24.05
C SER A 47 34.06 17.76 -24.14
N VAL A 48 33.71 16.56 -24.60
CA VAL A 48 32.33 16.11 -24.76
C VAL A 48 32.17 14.62 -24.39
N GLY A 49 31.11 14.28 -23.67
CA GLY A 49 30.81 12.90 -23.30
C GLY A 49 29.88 12.13 -24.22
N LEU A 50 29.50 10.92 -23.82
CA LEU A 50 28.46 10.14 -24.50
C LEU A 50 27.10 10.81 -24.38
N ASP A 51 26.91 11.54 -23.30
CA ASP A 51 25.71 12.32 -23.06
C ASP A 51 25.81 13.63 -23.84
N ARG A 52 26.97 13.81 -24.45
CA ARG A 52 27.28 14.96 -25.30
C ARG A 52 27.18 16.30 -24.58
N CYS A 53 27.36 16.28 -23.27
CA CYS A 53 27.49 17.52 -22.52
C CYS A 53 28.82 18.16 -22.88
N LEU A 54 28.85 19.48 -22.98
CA LEU A 54 30.10 20.17 -23.27
C LEU A 54 30.78 20.65 -21.99
N VAL A 55 32.11 20.59 -21.96
CA VAL A 55 32.86 21.12 -20.84
C VAL A 55 34.15 21.77 -21.33
N VAL A 56 34.51 22.92 -20.78
CA VAL A 56 35.81 23.51 -21.08
C VAL A 56 36.48 24.03 -19.82
N TRP A 57 37.81 23.93 -19.83
CA TRP A 57 38.62 24.00 -18.62
C TRP A 57 40.01 24.58 -18.87
N ASP A 58 40.53 25.30 -17.88
CA ASP A 58 41.86 25.90 -17.97
C ASP A 58 42.88 25.01 -17.28
N LEU A 59 44.06 24.92 -17.88
CA LEU A 59 45.05 23.95 -17.44
C LEU A 59 45.92 24.43 -16.29
N ARG A 60 46.41 25.67 -16.40
CA ARG A 60 47.34 26.19 -15.41
C ARG A 60 46.66 26.84 -14.19
N GLN A 61 45.59 27.58 -14.44
CA GLN A 61 44.89 28.27 -13.38
C GLN A 61 43.87 27.37 -12.67
N TRP A 62 43.65 26.19 -13.24
CA TRP A 62 42.84 25.15 -12.60
C TRP A 62 41.47 25.62 -12.12
N CYS A 63 40.85 26.53 -12.86
CA CYS A 63 39.54 27.05 -12.47
C CYS A 63 38.52 26.81 -13.56
N THR A 64 37.26 26.61 -13.17
CA THR A 64 36.20 26.27 -14.11
C THR A 64 35.98 27.37 -15.14
N LYS A 65 35.72 26.96 -16.37
CA LYS A 65 35.45 27.90 -17.45
C LYS A 65 34.01 27.76 -17.94
N LEU A 66 33.63 26.58 -18.42
CA LEU A 66 32.24 26.46 -18.86
C LEU A 66 31.69 25.03 -18.87
N VAL A 67 30.38 24.94 -18.70
CA VAL A 67 29.66 23.67 -18.65
C VAL A 67 28.34 23.80 -19.42
N LEU A 68 27.95 22.73 -20.12
CA LEU A 68 26.67 22.71 -20.84
C LEU A 68 26.02 21.33 -20.83
N SER A 69 24.79 21.28 -20.29
CA SER A 69 23.98 20.07 -20.24
C SER A 69 23.41 19.70 -21.61
N LYS A 70 23.07 18.42 -21.79
CA LYS A 70 22.66 17.89 -23.10
C LYS A 70 21.41 18.53 -23.70
N GLU A 71 20.48 18.94 -22.84
CA GLU A 71 19.17 19.39 -23.28
C GLU A 71 19.22 20.84 -23.76
N GLN A 72 20.38 21.45 -23.54
CA GLN A 72 20.69 22.76 -24.09
C GLN A 72 21.15 22.60 -25.53
N MET A 73 21.28 21.36 -25.99
CA MET A 73 21.94 21.08 -27.26
C MET A 73 21.09 20.23 -28.21
N PRO A 74 21.33 20.39 -29.53
CA PRO A 74 20.72 19.62 -30.62
C PRO A 74 21.07 18.13 -30.59
N ARG A 75 20.13 17.29 -31.03
CA ARG A 75 20.28 15.84 -31.02
C ARG A 75 21.44 15.31 -31.86
N THR A 76 21.75 15.96 -32.97
CA THR A 76 22.89 15.56 -33.78
C THR A 76 24.09 16.47 -33.54
N LEU A 77 25.26 15.88 -33.38
CA LEU A 77 26.50 16.62 -33.16
C LEU A 77 27.66 15.88 -33.79
N LYS A 78 27.69 15.88 -35.12
CA LYS A 78 28.68 15.11 -35.86
C LYS A 78 30.11 15.57 -35.65
N ALA A 79 30.31 16.85 -35.33
CA ALA A 79 31.68 17.35 -35.33
C ALA A 79 31.96 18.49 -34.36
N ILE A 80 33.25 18.79 -34.22
CA ILE A 80 33.76 19.76 -33.26
C ILE A 80 35.04 20.38 -33.79
N ALA A 81 35.29 21.64 -33.45
CA ALA A 81 36.51 22.29 -33.89
C ALA A 81 36.87 23.51 -33.04
N LEU A 82 38.17 23.82 -33.00
CA LEU A 82 38.69 24.89 -32.17
C LEU A 82 39.70 25.76 -32.90
N ASP A 83 39.68 27.06 -32.62
CA ASP A 83 40.68 27.98 -33.14
C ASP A 83 42.03 27.74 -32.46
N PRO A 84 43.13 28.02 -33.18
CA PRO A 84 44.48 27.81 -32.64
C PRO A 84 44.74 28.62 -31.37
N GLN A 85 44.14 29.80 -31.26
CA GLN A 85 44.25 30.60 -30.04
C GLN A 85 43.58 29.95 -28.85
N GLY A 86 42.52 29.18 -29.11
CA GLY A 86 41.79 28.52 -28.06
C GLY A 86 40.80 29.46 -27.38
N ASN A 87 40.71 30.67 -27.91
CA ASN A 87 39.86 31.69 -27.31
C ASN A 87 38.39 31.53 -27.69
N TYR A 88 38.12 30.63 -28.64
CA TYR A 88 36.79 30.48 -29.18
C TYR A 88 36.49 29.04 -29.59
N VAL A 89 35.21 28.74 -29.77
CA VAL A 89 34.78 27.37 -29.95
C VAL A 89 33.79 27.22 -31.08
N SER A 90 33.91 26.10 -31.80
CA SER A 90 33.00 25.80 -32.90
C SER A 90 32.46 24.37 -32.81
N LEU A 91 31.19 24.21 -33.15
CA LEU A 91 30.55 22.91 -33.12
C LEU A 91 29.71 22.66 -34.35
N PHE A 92 29.76 21.43 -34.84
CA PHE A 92 29.00 21.04 -36.02
C PHE A 92 27.89 20.04 -35.74
N SER A 93 26.70 20.56 -35.51
CA SER A 93 25.47 19.81 -35.71
C SER A 93 25.32 19.68 -37.22
N LYS A 94 24.64 18.63 -37.67
CA LYS A 94 24.63 18.28 -39.08
C LYS A 94 24.06 19.40 -39.96
N ASP A 95 23.12 20.16 -39.42
CA ASP A 95 22.43 21.21 -40.18
C ASP A 95 22.96 22.63 -39.97
N THR A 96 23.50 22.90 -38.79
CA THR A 96 23.90 24.27 -38.44
C THR A 96 25.03 24.27 -37.41
N LEU A 97 26.00 25.16 -37.60
CA LEU A 97 27.16 25.27 -36.71
C LEU A 97 27.02 26.35 -35.65
N PHE A 98 27.48 26.05 -34.44
CA PHE A 98 27.58 27.05 -33.37
C PHE A 98 28.99 27.63 -33.23
N ILE A 99 29.07 28.93 -32.96
CA ILE A 99 30.32 29.59 -32.64
C ILE A 99 30.18 30.39 -31.36
N LEU A 100 30.82 29.89 -30.29
CA LEU A 100 30.72 30.49 -28.96
C LEU A 100 32.07 30.81 -28.34
N ASN A 101 32.17 32.00 -27.74
CA ASN A 101 33.33 32.34 -26.92
C ASN A 101 33.26 31.64 -25.56
N VAL A 102 34.41 31.35 -24.98
CA VAL A 102 34.46 30.81 -23.62
C VAL A 102 34.97 31.83 -22.62
N GLU A 103 36.02 32.55 -22.98
CA GLU A 103 36.60 33.56 -22.12
C GLU A 103 35.58 34.67 -21.88
N SER A 104 34.73 34.89 -22.86
CA SER A 104 33.62 35.84 -22.75
C SER A 104 32.34 35.21 -23.24
N PRO A 105 31.72 34.34 -22.41
CA PRO A 105 30.60 33.50 -22.85
C PRO A 105 29.45 34.31 -23.43
N SER A 106 29.33 34.25 -24.75
CA SER A 106 28.29 34.97 -25.49
C SER A 106 28.03 34.24 -26.81
N LEU A 107 26.84 34.43 -27.38
CA LEU A 107 26.51 33.73 -28.61
C LEU A 107 27.08 34.50 -29.78
N MET A 108 28.36 34.28 -30.07
CA MET A 108 29.01 35.03 -31.12
C MET A 108 28.40 34.80 -32.49
N LEU A 109 27.99 33.57 -32.77
CA LEU A 109 27.29 33.33 -34.04
C LEU A 109 26.67 31.95 -34.14
N GLN A 110 25.69 31.83 -35.02
CA GLN A 110 25.10 30.56 -35.41
C GLN A 110 24.88 30.59 -36.92
N HIS A 111 25.16 29.48 -37.62
CA HIS A 111 25.06 29.54 -39.08
C HIS A 111 24.86 28.19 -39.76
N SER A 112 23.80 28.09 -40.57
CA SER A 112 23.52 26.88 -41.33
C SER A 112 24.57 26.63 -42.41
N TYR A 113 24.88 25.36 -42.67
CA TYR A 113 25.92 25.03 -43.64
C TYR A 113 25.62 23.74 -44.40
N HIS A 114 26.23 23.61 -45.58
CA HIS A 114 26.04 22.44 -46.44
C HIS A 114 26.58 21.15 -45.85
N CYS A 115 25.91 20.05 -46.16
CA CYS A 115 26.33 18.73 -45.70
C CYS A 115 25.79 17.63 -46.61
N LYS A 116 26.47 16.49 -46.62
CA LYS A 116 26.01 15.31 -47.35
C LYS A 116 26.06 14.06 -46.45
N PRO A 117 25.09 13.94 -45.54
CA PRO A 117 25.05 12.82 -44.58
C PRO A 117 24.90 11.48 -45.27
N ASN A 118 25.49 10.43 -44.71
CA ASN A 118 26.19 10.51 -43.44
C ASN A 118 27.70 10.28 -43.63
N SER A 119 28.26 10.91 -44.65
CA SER A 119 29.69 10.82 -44.92
C SER A 119 30.49 11.43 -43.78
N LYS A 120 31.59 10.80 -43.39
CA LYS A 120 32.37 11.29 -42.25
C LYS A 120 32.99 12.67 -42.44
N LEU A 121 32.85 13.49 -41.41
CA LEU A 121 33.45 14.81 -41.37
C LEU A 121 34.92 14.84 -41.01
N ASN A 122 35.58 15.90 -41.45
CA ASN A 122 36.88 16.30 -40.95
C ASN A 122 36.95 17.81 -41.09
N VAL A 123 37.73 18.49 -40.27
CA VAL A 123 37.60 19.94 -40.14
C VAL A 123 38.94 20.63 -39.87
N PHE A 124 39.14 21.84 -40.41
CA PHE A 124 40.36 22.59 -40.13
C PHE A 124 40.22 24.11 -40.05
N TRP A 125 40.60 24.67 -38.91
CA TRP A 125 40.77 26.10 -38.72
C TRP A 125 42.03 26.68 -39.36
N MET A 126 41.95 27.94 -39.80
CA MET A 126 43.08 28.64 -40.42
C MET A 126 43.06 30.13 -40.06
N PRO A 127 44.01 30.60 -39.23
CA PRO A 127 44.08 32.01 -38.82
C PRO A 127 44.32 32.97 -39.98
N GLY A 128 43.73 34.17 -39.89
CA GLY A 128 43.77 35.13 -40.96
C GLY A 128 44.94 36.10 -40.87
N THR A 129 44.80 37.27 -41.48
CA THR A 129 45.86 38.28 -41.51
C THR A 129 46.15 38.77 -40.09
N HIS A 130 45.23 38.47 -39.17
CA HIS A 130 45.48 38.60 -37.75
C HIS A 130 45.41 40.02 -37.20
N LYS A 131 45.17 40.11 -35.89
CA LYS A 131 45.08 41.38 -35.18
C LYS A 131 44.41 41.17 -33.84
N ASP A 132 44.52 39.96 -33.28
CA ASP A 132 43.85 39.64 -32.04
C ASP A 132 44.45 40.48 -30.92
N ASP A 133 43.62 40.93 -29.98
CA ASP A 133 42.17 40.68 -29.99
C ASP A 133 41.38 41.67 -30.84
N GLU A 134 42.04 42.73 -31.30
CA GLU A 134 41.33 43.90 -31.79
C GLU A 134 40.44 43.62 -32.99
N TRP A 135 40.87 42.68 -33.82
CA TRP A 135 40.04 42.16 -34.90
C TRP A 135 40.60 40.85 -35.45
N LYS A 136 39.73 40.04 -36.06
CA LYS A 136 40.05 38.64 -36.33
C LYS A 136 39.41 38.15 -37.61
N ASN A 137 39.87 36.99 -38.09
CA ASN A 137 39.24 36.29 -39.20
C ASN A 137 39.65 34.83 -39.18
N PHE A 138 38.85 33.98 -39.79
CA PHE A 138 39.17 32.56 -39.89
C PHE A 138 38.78 31.96 -41.22
N GLU A 139 39.41 30.84 -41.54
CA GLU A 139 39.21 30.15 -42.81
C GLU A 139 38.79 28.71 -42.55
N LEU A 140 37.49 28.45 -42.55
CA LEU A 140 37.00 27.14 -42.15
C LEU A 140 37.01 26.11 -43.26
N VAL A 141 38.06 25.30 -43.29
CA VAL A 141 38.08 24.09 -44.06
C VAL A 141 37.13 23.03 -43.50
N VAL A 142 36.40 22.36 -44.39
CA VAL A 142 35.52 21.26 -44.01
C VAL A 142 35.72 20.09 -44.99
N VAL A 143 36.69 19.25 -44.65
CA VAL A 143 37.00 18.01 -45.36
C VAL A 143 35.88 16.99 -45.21
N GLU A 144 35.63 16.21 -46.26
CA GLU A 144 34.55 15.25 -46.26
C GLU A 144 34.99 13.94 -46.92
N SER A 145 34.43 12.81 -46.46
CA SER A 145 34.76 11.50 -47.02
C SER A 145 34.27 11.42 -48.46
N SER A 146 33.32 12.29 -48.79
CA SER A 146 32.87 12.48 -50.16
C SER A 146 34.02 12.99 -51.02
N GLY A 147 35.00 13.60 -50.36
CA GLY A 147 36.12 14.22 -51.05
C GLY A 147 35.85 15.67 -51.35
N GLU A 148 34.65 16.12 -51.06
CA GLU A 148 34.39 17.55 -51.03
C GLU A 148 35.19 18.18 -49.90
N ILE A 149 35.72 19.36 -50.16
CA ILE A 149 36.42 20.11 -49.13
C ILE A 149 35.99 21.56 -49.15
N GLN A 150 35.12 21.89 -48.20
CA GLN A 150 34.57 23.23 -48.11
C GLN A 150 35.63 24.19 -47.58
N VAL A 151 35.56 25.46 -47.97
CA VAL A 151 36.31 26.49 -47.27
C VAL A 151 35.47 27.75 -47.13
N PHE A 152 35.53 28.34 -45.94
CA PHE A 152 34.65 29.46 -45.60
C PHE A 152 35.41 30.66 -45.05
N SER A 153 34.98 31.86 -45.44
CA SER A 153 35.39 33.07 -44.76
C SER A 153 34.67 33.16 -43.42
N LEU A 154 35.34 33.75 -42.43
CA LEU A 154 34.70 33.99 -41.16
C LEU A 154 35.45 35.07 -40.40
N THR A 155 35.39 36.29 -40.92
CA THR A 155 35.94 37.42 -40.20
C THR A 155 35.14 37.60 -38.92
N ILE A 156 35.82 37.85 -37.81
CA ILE A 156 35.15 37.99 -36.52
C ILE A 156 35.75 39.11 -35.70
N GLU A 157 34.88 39.83 -34.99
CA GLU A 157 35.27 40.95 -34.17
C GLU A 157 34.43 40.91 -32.90
N ILE A 158 34.87 41.62 -31.88
CA ILE A 158 34.25 41.56 -30.56
C ILE A 158 32.82 42.08 -30.65
N GLU A 159 32.60 42.89 -31.69
CA GLU A 159 31.29 43.47 -31.97
C GLU A 159 30.24 42.41 -32.24
N GLY A 160 30.69 41.25 -32.69
CA GLY A 160 29.78 40.16 -32.96
C GLY A 160 30.31 39.46 -34.19
N ALA A 161 30.33 38.12 -34.15
CA ALA A 161 30.92 37.37 -35.23
C ALA A 161 30.15 37.62 -36.52
N ASP A 162 30.88 37.77 -37.61
CA ASP A 162 30.29 38.04 -38.91
C ASP A 162 30.63 36.85 -39.77
N ILE A 163 29.85 36.56 -40.81
CA ILE A 163 30.12 35.35 -41.58
C ILE A 163 29.74 35.45 -43.05
N ALA A 164 30.54 34.79 -43.89
CA ALA A 164 30.24 34.65 -45.31
C ALA A 164 30.96 33.44 -45.92
N LEU A 165 30.29 32.75 -46.83
CA LEU A 165 30.88 31.62 -47.54
C LEU A 165 31.87 32.12 -48.60
N VAL A 166 32.89 31.31 -48.91
CA VAL A 166 33.73 31.62 -50.05
C VAL A 166 33.81 30.50 -51.10
N GLU A 167 34.29 29.30 -50.76
CA GLU A 167 34.54 28.33 -51.83
C GLU A 167 34.19 26.88 -51.49
N LYS A 168 33.95 26.10 -52.54
CA LYS A 168 33.67 24.67 -52.45
C LYS A 168 34.65 23.85 -53.28
N PHE A 169 35.73 23.36 -52.66
CA PHE A 169 36.57 22.38 -53.34
C PHE A 169 35.78 21.09 -53.50
N GLN A 170 35.99 20.39 -54.61
CA GLN A 170 35.35 19.09 -54.80
C GLN A 170 36.35 18.11 -55.35
N LEU A 171 37.19 17.61 -54.46
CA LEU A 171 38.30 16.77 -54.84
C LEU A 171 37.82 15.40 -55.28
N SER A 172 38.57 14.81 -56.21
CA SER A 172 38.28 13.48 -56.72
C SER A 172 38.43 12.43 -55.62
N SER A 173 37.56 11.43 -55.66
CA SER A 173 37.69 10.21 -54.86
C SER A 173 37.50 10.42 -53.35
N PRO A 174 37.03 9.37 -52.67
CA PRO A 174 36.96 9.32 -51.21
C PRO A 174 38.36 9.41 -50.61
N ILE A 175 38.47 10.03 -49.44
CA ILE A 175 39.77 10.34 -48.85
C ILE A 175 40.11 9.59 -47.55
N ILE A 176 41.35 9.11 -47.46
CA ILE A 176 41.90 8.54 -46.23
C ILE A 176 42.17 9.59 -45.15
N LYS A 177 42.87 10.64 -45.55
CA LYS A 177 43.42 11.59 -44.60
C LYS A 177 43.82 12.91 -45.28
N SER A 178 43.76 13.99 -44.51
CA SER A 178 44.26 15.29 -44.95
C SER A 178 44.45 16.17 -43.73
N ILE A 179 45.35 17.15 -43.80
CA ILE A 179 45.60 18.02 -42.65
C ILE A 179 46.05 19.43 -43.02
N SER A 180 45.72 20.38 -42.15
CA SER A 180 46.18 21.75 -42.27
C SER A 180 47.66 21.89 -41.93
N ILE A 181 48.33 22.80 -42.64
CA ILE A 181 49.77 23.06 -42.47
C ILE A 181 50.10 24.54 -42.74
N VAL A 182 50.09 25.36 -41.69
CA VAL A 182 50.35 26.79 -41.87
C VAL A 182 51.79 27.19 -41.59
N SER A 183 52.55 27.45 -42.64
CA SER A 183 53.86 28.06 -42.50
C SER A 183 53.66 29.52 -42.08
N PRO A 184 54.58 30.05 -41.28
CA PRO A 184 54.42 31.45 -40.89
C PRO A 184 54.38 32.36 -42.11
N THR A 185 55.14 32.01 -43.14
CA THR A 185 55.06 32.72 -44.41
C THR A 185 53.72 32.52 -45.13
N ALA A 186 53.13 31.34 -44.98
CA ALA A 186 51.97 31.02 -45.79
C ALA A 186 51.15 29.83 -45.32
N ASN A 187 49.85 29.89 -45.56
CA ASN A 187 48.95 28.75 -45.44
C ASN A 187 49.18 27.68 -46.50
N ARG A 188 49.12 26.42 -46.06
CA ARG A 188 49.22 25.27 -46.95
C ARG A 188 48.36 24.17 -46.35
N ILE A 189 47.77 23.30 -47.15
CA ILE A 189 46.98 22.19 -46.63
C ILE A 189 47.13 20.92 -47.47
N ALA A 190 47.61 19.89 -46.77
CA ALA A 190 47.82 18.55 -47.29
C ALA A 190 46.53 17.74 -47.43
N CYS A 191 46.54 16.83 -48.39
CA CYS A 191 45.38 16.05 -48.75
C CYS A 191 45.76 14.70 -49.38
N LEU A 192 45.91 13.67 -48.54
CA LEU A 192 46.03 12.30 -49.03
C LEU A 192 44.72 11.83 -49.64
N THR A 193 44.80 11.01 -50.68
CA THR A 193 43.62 10.31 -51.18
C THR A 193 43.64 8.84 -50.80
N GLU A 194 42.46 8.20 -50.84
CA GLU A 194 42.40 6.74 -50.83
C GLU A 194 43.06 6.23 -52.09
N SER A 195 43.05 7.06 -53.12
CA SER A 195 43.80 6.83 -54.34
C SER A 195 45.30 6.91 -54.04
N GLY A 196 45.64 7.54 -52.92
CA GLY A 196 47.03 7.74 -52.53
C GLY A 196 47.63 9.01 -53.07
N GLU A 197 46.85 9.76 -53.82
CA GLU A 197 47.25 11.10 -54.28
C GLU A 197 47.40 12.05 -53.11
N VAL A 198 48.36 12.97 -53.21
CA VAL A 198 48.65 13.86 -52.10
C VAL A 198 48.64 15.34 -52.54
N THR A 199 47.45 15.85 -52.79
CA THR A 199 47.29 17.22 -53.25
C THR A 199 47.50 18.22 -52.12
N VAL A 200 47.98 19.40 -52.45
CA VAL A 200 48.01 20.46 -51.44
C VAL A 200 47.51 21.80 -51.95
N TYR A 201 46.40 22.26 -51.38
CA TYR A 201 45.98 23.63 -51.65
C TYR A 201 46.89 24.56 -50.87
N SER A 202 47.09 25.76 -51.37
CA SER A 202 47.97 26.68 -50.69
C SER A 202 47.51 28.10 -50.92
N LYS A 203 47.58 28.92 -49.86
CA LYS A 203 47.07 30.28 -49.95
C LYS A 203 48.12 31.29 -50.38
N LYS A 204 48.19 31.56 -51.68
CA LYS A 204 48.98 32.70 -52.14
C LYS A 204 48.11 33.93 -52.05
N GLY A 205 47.82 34.35 -50.81
CA GLY A 205 46.93 35.47 -50.61
C GLY A 205 45.60 35.11 -51.25
N PRO A 206 45.14 35.97 -52.15
CA PRO A 206 43.88 35.76 -52.87
C PRO A 206 43.87 34.45 -53.65
N VAL A 207 45.05 34.07 -54.14
CA VAL A 207 45.20 32.81 -54.83
C VAL A 207 45.00 31.66 -53.85
N TRP A 208 44.33 30.60 -54.31
CA TRP A 208 44.10 29.42 -53.49
C TRP A 208 44.43 28.16 -54.29
N SER A 209 45.71 27.92 -54.54
CA SER A 209 46.12 26.96 -55.56
C SER A 209 46.38 25.53 -55.06
N PRO A 210 45.57 24.57 -55.55
CA PRO A 210 45.87 23.15 -55.45
C PRO A 210 47.14 22.83 -56.20
N LYS A 211 47.94 21.89 -55.71
CA LYS A 211 49.09 21.43 -56.47
C LYS A 211 49.32 19.93 -56.25
N ILE A 212 49.78 19.26 -57.30
CA ILE A 212 49.98 17.81 -57.28
C ILE A 212 51.36 17.42 -56.81
N LEU A 213 51.47 17.11 -55.52
CA LEU A 213 52.73 16.63 -54.96
C LEU A 213 53.14 15.31 -55.55
N SER A 214 54.43 15.18 -55.79
CA SER A 214 54.96 14.03 -56.50
C SER A 214 55.35 12.89 -55.59
N GLN A 215 54.41 12.04 -55.23
CA GLN A 215 54.85 10.73 -54.78
C GLN A 215 55.51 10.16 -56.02
N ASN A 216 56.70 9.59 -55.86
CA ASN A 216 57.48 9.26 -57.03
C ASN A 216 57.21 7.82 -57.43
N LYS A 217 57.76 7.46 -58.58
CA LYS A 217 57.43 6.26 -59.32
C LYS A 217 57.69 4.93 -58.61
N ASN A 218 58.66 4.89 -57.70
CA ASN A 218 59.12 3.61 -57.12
C ASN A 218 58.12 2.80 -56.29
N TYR A 219 57.15 3.47 -55.66
CA TYR A 219 56.17 2.73 -54.85
C TYR A 219 54.80 3.38 -54.94
N LEU A 220 54.43 3.84 -56.14
CA LEU A 220 53.17 4.54 -56.34
C LEU A 220 51.96 3.67 -56.00
N THR A 221 52.10 2.38 -56.22
CA THR A 221 50.98 1.47 -56.15
C THR A 221 50.52 1.16 -54.73
N GLU A 222 51.37 1.45 -53.75
CA GLU A 222 51.14 0.97 -52.40
C GLU A 222 49.87 1.55 -51.82
N THR A 223 49.10 0.73 -51.10
CA THR A 223 48.13 1.33 -50.21
C THR A 223 48.95 2.02 -49.15
N LYS A 224 48.57 3.23 -48.84
CA LYS A 224 49.27 4.02 -47.85
C LYS A 224 48.87 3.57 -46.45
N LYS A 225 49.75 3.80 -45.48
CA LYS A 225 49.34 3.63 -44.09
C LYS A 225 48.77 4.96 -43.63
N ASP A 226 49.61 5.95 -43.32
CA ASP A 226 49.15 7.35 -43.37
C ASP A 226 50.29 8.36 -43.42
N ILE A 227 50.06 9.42 -44.17
CA ILE A 227 50.94 10.57 -44.15
C ILE A 227 50.80 11.26 -42.82
N TYR A 228 51.86 11.88 -42.35
CA TYR A 228 51.75 12.78 -41.24
C TYR A 228 52.91 13.73 -41.36
N GLY A 229 52.76 14.93 -40.85
CA GLY A 229 53.83 15.88 -40.99
C GLY A 229 53.89 16.81 -39.82
N ILE A 230 54.74 17.80 -39.92
CA ILE A 230 54.79 18.80 -38.87
C ILE A 230 54.51 20.15 -39.48
N ALA A 231 53.30 20.64 -39.21
CA ALA A 231 52.81 21.86 -39.84
C ALA A 231 53.61 23.07 -39.46
N MET A 232 54.09 23.11 -38.23
CA MET A 232 54.97 24.18 -37.81
C MET A 232 56.31 24.08 -38.54
N ALA A 233 56.69 22.85 -38.88
CA ALA A 233 57.86 22.62 -39.73
C ALA A 233 57.47 22.64 -41.21
N ASP A 234 56.17 22.59 -41.48
CA ASP A 234 55.65 22.49 -42.84
C ASP A 234 56.41 21.40 -43.57
N ILE A 235 56.62 20.28 -42.90
CA ILE A 235 57.36 19.19 -43.53
C ILE A 235 56.54 17.92 -43.59
N LEU A 236 56.55 17.31 -44.77
CA LEU A 236 55.66 16.19 -45.06
C LEU A 236 56.28 14.81 -44.86
N PHE A 237 56.08 14.20 -43.71
CA PHE A 237 56.36 12.77 -43.60
C PHE A 237 55.22 11.98 -44.23
N LEU A 238 55.55 10.80 -44.75
CA LEU A 238 54.59 10.07 -45.56
C LEU A 238 54.78 8.58 -45.44
N ALA A 239 53.87 7.89 -44.77
CA ALA A 239 54.05 6.47 -44.52
C ALA A 239 54.10 5.65 -45.81
N ARG A 240 55.06 4.73 -45.82
CA ARG A 240 55.09 3.60 -46.74
C ARG A 240 55.87 2.51 -46.05
N ASP A 241 55.56 1.26 -46.39
CA ASP A 241 56.36 0.15 -45.92
C ASP A 241 57.72 0.18 -46.61
N SER A 242 57.79 0.87 -47.75
CA SER A 242 59.04 1.00 -48.51
C SER A 242 59.96 2.09 -47.96
N GLY A 243 59.45 2.87 -47.02
CA GLY A 243 60.23 3.95 -46.43
C GLY A 243 59.51 5.27 -46.53
N VAL A 244 59.29 5.92 -45.39
CA VAL A 244 58.50 7.15 -45.36
C VAL A 244 59.16 8.29 -46.12
N ASP A 245 58.34 9.05 -46.83
CA ASP A 245 58.82 10.28 -47.43
C ASP A 245 58.98 11.36 -46.39
N MET A 246 59.87 12.31 -46.69
CA MET A 246 59.99 13.51 -45.90
C MET A 246 60.06 14.70 -46.88
N ILE A 247 59.02 14.81 -47.69
CA ILE A 247 58.94 15.80 -48.76
C ILE A 247 58.83 17.27 -48.29
N ASP A 248 59.56 18.12 -49.01
CA ASP A 248 59.54 19.58 -48.89
C ASP A 248 58.28 20.22 -49.43
N LEU A 249 57.95 21.40 -48.91
CA LEU A 249 56.74 22.07 -49.34
C LEU A 249 57.06 23.38 -50.07
N LYS A 250 56.00 24.07 -50.51
CA LYS A 250 56.11 25.19 -51.44
C LYS A 250 56.98 24.84 -52.64
N ASN A 251 58.27 25.17 -52.55
CA ASN A 251 59.22 24.94 -53.63
C ASN A 251 59.38 23.43 -53.85
N ASP A 252 59.11 22.68 -52.78
CA ASP A 252 58.72 21.27 -52.85
C ASP A 252 59.71 20.31 -53.49
N GLU A 253 60.15 19.34 -52.71
CA GLU A 253 60.93 18.24 -53.24
C GLU A 253 60.92 17.07 -52.26
N LEU A 254 61.04 15.85 -52.76
CA LEU A 254 61.35 14.72 -51.90
C LEU A 254 62.81 14.81 -51.45
N LEU A 255 63.08 14.43 -50.21
CA LEU A 255 64.44 14.50 -49.68
C LEU A 255 65.03 13.11 -49.47
N HIS A 256 64.45 12.40 -48.50
CA HIS A 256 65.07 11.22 -47.93
C HIS A 256 64.03 10.29 -47.36
N SER A 257 64.36 9.00 -47.24
CA SER A 257 63.45 8.04 -46.64
C SER A 257 64.14 7.22 -45.57
N PHE A 258 63.73 7.46 -44.33
CA PHE A 258 64.27 6.82 -43.15
C PHE A 258 63.96 5.32 -43.18
N THR A 259 64.91 4.47 -42.84
CA THR A 259 64.68 3.02 -42.96
C THR A 259 63.78 2.50 -41.86
N LEU A 260 62.70 1.82 -42.25
CA LEU A 260 61.69 1.37 -41.29
C LEU A 260 61.16 -0.05 -41.55
N PRO A 261 60.72 -0.73 -40.49
CA PRO A 261 59.84 -1.91 -40.52
C PRO A 261 58.47 -1.56 -41.07
N PRO A 262 57.78 -2.52 -41.72
CA PRO A 262 56.43 -2.23 -42.19
C PRO A 262 55.51 -1.90 -41.02
N ILE A 263 54.56 -0.99 -41.21
CA ILE A 263 53.85 -0.40 -40.09
C ILE A 263 52.35 -0.38 -40.31
N LYS A 264 51.60 -0.55 -39.23
CA LYS A 264 50.15 -0.57 -39.28
C LYS A 264 49.57 0.78 -39.71
N VAL A 265 48.47 0.71 -40.46
CA VAL A 265 47.74 1.89 -40.89
C VAL A 265 47.15 2.58 -39.68
N ASN A 266 46.93 3.89 -39.80
CA ASN A 266 46.32 4.70 -38.75
C ASN A 266 47.16 4.74 -37.49
N THR A 267 48.47 4.89 -37.66
CA THR A 267 49.38 4.83 -36.53
C THR A 267 50.47 5.89 -36.54
N PHE A 268 50.93 6.23 -37.75
CA PHE A 268 52.10 7.10 -37.91
C PHE A 268 51.95 8.53 -37.39
N SER A 269 52.97 9.01 -36.67
CA SER A 269 53.06 10.40 -36.22
C SER A 269 54.46 10.74 -35.71
N VAL A 270 54.76 12.03 -35.65
CA VAL A 270 56.11 12.52 -35.39
C VAL A 270 56.09 13.67 -34.37
N GLY A 271 57.15 13.78 -33.56
CA GLY A 271 57.28 14.89 -32.63
C GLY A 271 58.71 15.36 -32.51
N VAL A 272 58.91 16.60 -32.08
CA VAL A 272 60.26 17.15 -31.97
C VAL A 272 60.47 18.07 -30.78
N SER A 273 61.65 17.97 -30.18
CA SER A 273 62.04 18.88 -29.11
C SER A 273 62.52 20.25 -29.62
N ASN A 274 62.37 21.27 -28.79
CA ASN A 274 62.97 22.59 -29.02
C ASN A 274 62.70 23.24 -30.37
N SER A 275 61.50 23.78 -30.54
CA SER A 275 61.21 24.60 -31.71
C SER A 275 62.04 25.89 -31.69
N ARG A 276 62.55 26.27 -32.85
CA ARG A 276 63.30 27.51 -33.01
C ARG A 276 63.39 27.82 -34.49
N PHE A 277 63.73 29.06 -34.85
CA PHE A 277 63.78 29.37 -36.27
C PHE A 277 65.01 30.24 -36.58
N VAL A 278 66.18 29.72 -36.21
CA VAL A 278 67.44 30.44 -36.42
C VAL A 278 67.76 30.67 -37.88
N ASN A 279 68.18 31.88 -38.23
CA ASN A 279 68.72 32.21 -39.55
C ASN A 279 67.78 31.73 -40.67
N GLY A 280 66.49 31.66 -40.36
CA GLY A 280 65.51 31.22 -41.32
C GLY A 280 65.37 29.71 -41.30
N GLN A 281 66.34 29.02 -40.72
CA GLN A 281 66.26 27.56 -40.57
C GLN A 281 65.31 27.19 -39.45
N PHE A 282 64.75 25.98 -39.48
CA PHE A 282 63.88 25.53 -38.41
C PHE A 282 64.39 24.21 -37.80
N ARG A 283 65.58 24.28 -37.21
CA ARG A 283 66.20 23.12 -36.56
C ARG A 283 65.54 22.73 -35.25
N VAL A 284 65.62 21.45 -34.89
CA VAL A 284 65.12 20.99 -33.59
C VAL A 284 66.13 20.05 -32.93
N SER A 285 66.12 20.02 -31.61
CA SER A 285 67.07 19.22 -30.84
C SER A 285 66.94 17.69 -30.98
N SER A 286 65.73 17.20 -31.19
CA SER A 286 65.51 15.75 -31.32
C SER A 286 64.20 15.45 -32.01
N ILE A 287 64.11 14.25 -32.59
CA ILE A 287 62.92 13.87 -33.33
C ILE A 287 62.50 12.45 -32.93
N SER A 288 61.21 12.17 -32.97
CA SER A 288 60.70 10.88 -32.53
C SER A 288 59.42 10.49 -33.27
N PHE A 289 59.10 9.19 -33.21
CA PHE A 289 58.23 8.57 -34.21
C PHE A 289 57.28 7.52 -33.66
N CYS A 290 56.09 7.97 -33.29
CA CYS A 290 54.99 7.09 -32.90
C CYS A 290 54.40 6.27 -34.05
N PHE A 291 54.13 5.00 -33.76
CA PHE A 291 53.32 4.12 -34.62
C PHE A 291 53.09 2.78 -33.96
N THR A 292 51.90 2.21 -34.13
CA THR A 292 51.70 0.79 -33.85
C THR A 292 52.35 -0.05 -34.97
N HIS A 293 52.93 -1.19 -34.61
CA HIS A 293 53.52 -2.12 -35.58
C HIS A 293 52.44 -2.85 -36.41
N ALA A 294 52.72 -3.09 -37.69
CA ALA A 294 51.76 -3.76 -38.59
C ALA A 294 51.47 -5.22 -38.28
N VAL A 295 52.44 -5.92 -37.71
CA VAL A 295 52.36 -7.37 -37.56
C VAL A 295 52.38 -7.80 -36.11
N THR A 296 53.49 -7.53 -35.45
CA THR A 296 53.65 -7.83 -34.05
C THR A 296 52.64 -7.02 -33.25
N GLU A 297 52.27 -5.88 -33.83
CA GLU A 297 51.24 -5.00 -33.28
C GLU A 297 51.63 -4.43 -31.92
N LYS A 298 52.91 -4.57 -31.57
CA LYS A 298 53.45 -3.87 -30.42
C LYS A 298 53.61 -2.37 -30.70
N VAL A 299 53.40 -1.56 -29.68
CA VAL A 299 53.55 -0.12 -29.81
C VAL A 299 55.02 0.20 -30.07
N LEU A 300 55.29 1.15 -30.95
CA LEU A 300 56.66 1.47 -31.29
C LEU A 300 56.89 2.97 -31.47
N TYR A 301 58.00 3.46 -30.92
CA TYR A 301 58.36 4.86 -30.97
C TYR A 301 59.83 5.01 -31.34
N TYR A 302 60.15 4.99 -32.62
CA TYR A 302 61.57 5.14 -32.98
C TYR A 302 62.11 6.55 -32.70
N TYR A 303 63.33 6.59 -32.19
CA TYR A 303 63.98 7.87 -31.89
C TYR A 303 65.11 8.23 -32.87
N TYR A 304 65.31 9.53 -33.07
CA TYR A 304 66.44 10.04 -33.86
C TYR A 304 66.93 11.39 -33.34
N GLY A 305 68.18 11.71 -33.67
CA GLY A 305 68.92 12.78 -33.03
C GLY A 305 69.86 12.20 -31.99
N ASN A 306 70.80 13.01 -31.50
CA ASN A 306 71.81 12.51 -30.59
C ASN A 306 71.75 13.26 -29.24
N GLU A 307 72.32 14.46 -29.16
CA GLU A 307 72.02 15.41 -28.07
C GLU A 307 72.60 14.81 -26.75
N SER A 308 72.61 15.49 -25.59
CA SER A 308 72.16 16.85 -25.30
C SER A 308 72.95 17.93 -26.03
N ASN A 309 74.20 17.63 -26.30
CA ASN A 309 75.06 18.55 -27.03
C ASN A 309 75.69 17.84 -28.20
N GLU A 310 75.41 16.56 -28.31
CA GLU A 310 76.02 15.71 -29.33
C GLU A 310 75.62 16.09 -30.76
N SER A 311 74.44 16.68 -30.94
CA SER A 311 73.96 16.94 -32.29
C SER A 311 72.91 18.04 -32.38
N TYR A 312 72.74 18.56 -33.60
CA TYR A 312 71.67 19.50 -33.94
C TYR A 312 71.09 19.03 -35.27
N ILE A 313 69.79 19.18 -35.44
CA ILE A 313 69.14 18.60 -36.60
C ILE A 313 68.92 19.63 -37.72
N ILE A 314 69.76 19.55 -38.76
CA ILE A 314 69.49 20.33 -39.96
C ILE A 314 68.41 19.58 -40.70
N LEU A 315 67.23 19.55 -40.11
CA LEU A 315 66.09 19.02 -40.82
C LEU A 315 65.90 19.92 -42.01
N ASN A 316 65.68 19.32 -43.17
CA ASN A 316 65.60 20.06 -44.41
C ASN A 316 66.79 21.02 -44.52
N LYS A 317 66.60 22.10 -45.24
CA LYS A 317 67.36 23.33 -45.12
C LYS A 317 66.37 24.40 -45.53
N TRP A 318 66.42 25.56 -44.88
CA TRP A 318 65.47 26.63 -45.20
C TRP A 318 65.61 27.07 -46.64
N ASP A 319 66.85 26.99 -47.09
CA ASP A 319 67.22 27.23 -48.46
C ASP A 319 68.24 26.15 -48.77
N GLN A 320 67.93 25.26 -49.71
CA GLN A 320 68.82 24.12 -49.96
C GLN A 320 70.06 24.59 -50.72
N GLN A 321 70.66 25.64 -50.22
CA GLN A 321 71.75 26.33 -50.91
C GLN A 321 72.85 26.63 -49.91
N PRO A 322 74.09 26.77 -50.39
CA PRO A 322 75.15 27.21 -49.47
C PRO A 322 74.84 28.62 -48.95
N ASN A 323 75.21 28.87 -47.70
CA ASN A 323 74.83 30.11 -47.03
C ASN A 323 75.93 30.53 -46.06
N LEU A 324 76.11 31.84 -45.90
CA LEU A 324 77.17 32.37 -45.04
C LEU A 324 76.72 33.59 -44.23
N VAL A 325 75.45 33.64 -43.88
CA VAL A 325 74.96 34.72 -43.03
C VAL A 325 75.66 34.65 -41.67
N ASP A 326 76.07 35.80 -41.14
CA ASP A 326 76.85 35.82 -39.92
C ASP A 326 76.05 36.27 -38.70
N VAL A 327 75.49 35.29 -37.99
CA VAL A 327 74.87 35.49 -36.69
C VAL A 327 75.26 34.28 -35.86
N HIS A 328 75.21 34.38 -34.54
CA HIS A 328 75.68 33.29 -33.71
C HIS A 328 74.86 32.02 -33.92
N ASP A 329 75.57 30.89 -34.05
CA ASP A 329 74.94 29.59 -34.29
C ASP A 329 75.47 28.54 -33.34
N PRO A 330 74.92 28.49 -32.12
CA PRO A 330 75.45 27.58 -31.09
C PRO A 330 75.43 26.14 -31.61
N ASP A 331 74.47 25.84 -32.47
CA ASP A 331 74.43 24.52 -33.06
C ASP A 331 75.67 24.19 -33.87
N ASN A 332 76.36 25.17 -34.43
CA ASN A 332 77.55 24.82 -35.21
C ASN A 332 78.60 24.15 -34.33
N SER A 333 78.61 24.50 -33.05
CA SER A 333 79.46 23.83 -32.09
C SER A 333 79.06 22.38 -31.93
N LEU A 334 77.77 22.11 -32.07
CA LEU A 334 77.26 20.73 -32.08
C LEU A 334 77.59 20.05 -33.43
N ALA A 335 77.74 18.73 -33.41
CA ALA A 335 78.06 17.98 -34.64
C ALA A 335 76.94 18.00 -35.67
N SER A 336 77.31 18.14 -36.94
CA SER A 336 76.34 18.13 -38.03
C SER A 336 75.71 16.75 -38.18
N LEU A 337 74.43 16.71 -38.54
CA LEU A 337 73.73 15.44 -38.73
C LEU A 337 73.33 15.15 -40.17
N THR A 338 74.14 14.36 -40.85
CA THR A 338 73.71 13.63 -42.04
C THR A 338 72.81 12.50 -41.56
N PHE A 339 71.94 12.00 -42.44
CA PHE A 339 70.94 11.02 -42.06
C PHE A 339 71.58 9.76 -41.50
N ASP A 340 72.82 9.51 -41.89
CA ASP A 340 73.47 8.23 -41.65
C ASP A 340 73.68 7.87 -40.17
N GLU A 341 73.90 8.88 -39.33
CA GLU A 341 74.22 8.63 -37.92
C GLU A 341 73.02 8.73 -36.98
N LEU A 342 71.84 8.94 -37.54
CA LEU A 342 70.65 9.20 -36.73
C LEU A 342 70.26 8.03 -35.83
N GLN A 343 70.51 6.81 -36.30
CA GLN A 343 70.52 5.61 -35.45
C GLN A 343 69.30 5.44 -34.54
N GLU A 344 68.26 4.78 -35.04
CA GLU A 344 67.03 4.61 -34.28
C GLU A 344 67.27 3.80 -33.01
N ASN A 345 66.54 4.15 -31.96
CA ASN A 345 66.67 3.46 -30.67
C ASN A 345 65.44 2.61 -30.36
N ILE A 346 65.59 1.29 -30.48
CA ILE A 346 64.49 0.34 -30.29
C ILE A 346 63.97 0.33 -28.85
N HIS A 347 62.65 0.21 -28.71
CA HIS A 347 62.04 -0.04 -27.42
C HIS A 347 60.64 -0.63 -27.61
N GLU A 348 60.60 -1.85 -28.13
CA GLU A 348 59.32 -2.53 -28.35
C GLU A 348 58.63 -2.81 -27.02
N VAL A 349 57.30 -2.65 -27.01
CA VAL A 349 56.53 -2.73 -25.78
C VAL A 349 55.17 -3.39 -26.03
N GLU A 350 54.57 -3.94 -24.99
CA GLU A 350 53.28 -4.62 -25.13
C GLU A 350 52.21 -3.63 -25.58
N ASP A 351 51.30 -4.10 -26.44
CA ASP A 351 50.18 -3.27 -26.86
C ASP A 351 49.29 -2.99 -25.66
N ALA A 352 49.30 -3.92 -24.70
CA ALA A 352 48.38 -3.87 -23.57
C ALA A 352 48.63 -2.62 -22.72
N SER A 353 49.87 -2.15 -22.72
CA SER A 353 50.19 -0.91 -22.07
C SER A 353 49.83 0.23 -23.01
N GLU A 354 48.63 0.78 -22.85
CA GLU A 354 48.22 1.87 -23.72
C GLU A 354 49.17 3.03 -23.46
N SER A 355 49.65 3.68 -24.51
CA SER A 355 50.70 4.67 -24.33
C SER A 355 50.87 5.62 -25.51
N VAL A 356 51.47 6.76 -25.22
CA VAL A 356 51.73 7.76 -26.23
C VAL A 356 53.15 8.29 -26.10
N MET A 357 53.73 8.62 -27.24
CA MET A 357 54.95 9.40 -27.33
C MET A 357 54.66 10.84 -26.95
N SER A 358 55.63 11.51 -26.33
CA SER A 358 55.48 12.92 -26.01
C SER A 358 55.49 13.76 -27.29
N SER A 359 54.83 14.90 -27.26
CA SER A 359 54.76 15.76 -28.44
C SER A 359 56.13 16.28 -28.89
N ASP A 360 57.02 16.50 -27.93
CA ASP A 360 58.40 16.82 -28.25
C ASP A 360 59.16 15.54 -28.60
N GLY A 361 58.54 14.40 -28.26
CA GLY A 361 59.06 13.08 -28.59
C GLY A 361 60.07 12.60 -27.56
N LEU A 362 60.35 13.44 -26.58
CA LEU A 362 61.37 13.16 -25.59
C LEU A 362 61.08 12.00 -24.65
N TYR A 363 59.80 11.76 -24.34
CA TYR A 363 59.45 10.84 -23.27
C TYR A 363 58.24 9.98 -23.61
N ILE A 364 58.25 8.74 -23.12
CA ILE A 364 57.11 7.84 -23.27
C ILE A 364 56.19 7.97 -22.07
N PHE A 365 54.88 7.85 -22.26
CA PHE A 365 54.00 7.73 -21.09
C PHE A 365 52.77 6.87 -21.37
N GLY A 366 52.27 6.19 -20.36
CA GLY A 366 51.08 5.37 -20.52
C GLY A 366 50.78 4.45 -19.35
N MET A 367 49.67 3.73 -19.46
CA MET A 367 49.16 2.86 -18.40
C MET A 367 48.32 1.70 -18.93
N ARG A 368 48.01 0.76 -18.03
CA ARG A 368 47.09 -0.34 -18.27
C ARG A 368 46.64 -0.92 -16.94
N ARG A 369 45.53 -1.65 -16.93
CA ARG A 369 45.12 -2.36 -15.71
C ARG A 369 45.57 -3.82 -15.74
N LYS A 370 46.54 -4.15 -14.88
CA LYS A 370 46.94 -5.53 -14.71
C LYS A 370 45.80 -6.33 -14.12
N SER A 371 45.01 -5.67 -13.27
CA SER A 371 43.91 -6.30 -12.58
C SER A 371 43.03 -5.25 -11.92
N SER A 372 41.83 -5.67 -11.52
CA SER A 372 40.92 -4.80 -10.81
C SER A 372 39.98 -5.68 -9.99
N SER A 373 39.30 -5.10 -9.01
CA SER A 373 38.42 -5.89 -8.15
C SER A 373 37.28 -5.08 -7.56
N GLY A 374 36.32 -5.76 -6.94
CA GLY A 374 35.16 -5.12 -6.35
C GLY A 374 35.39 -4.58 -4.95
N ILE A 375 34.36 -3.95 -4.40
CA ILE A 375 34.41 -3.45 -3.02
C ILE A 375 34.59 -4.59 -2.01
N SER A 376 34.09 -5.76 -2.36
CA SER A 376 34.18 -6.93 -1.48
C SER A 376 35.63 -7.37 -1.28
N GLU B 10 34.68 0.09 -8.61
CA GLU B 10 35.58 -1.07 -8.52
C GLU B 10 36.97 -0.69 -8.04
N THR B 11 37.60 -1.59 -7.29
CA THR B 11 39.02 -1.46 -6.98
C THR B 11 39.80 -1.74 -8.25
N GLN B 12 40.91 -1.04 -8.46
CA GLN B 12 41.65 -1.16 -9.72
C GLN B 12 43.16 -1.10 -9.54
N VAL B 13 43.84 -2.18 -9.91
CA VAL B 13 45.30 -2.24 -9.86
C VAL B 13 45.89 -1.73 -11.18
N TRP B 14 45.94 -0.42 -11.34
CA TRP B 14 46.50 0.18 -12.54
C TRP B 14 48.02 0.17 -12.58
N GLU B 15 48.58 0.20 -13.79
CA GLU B 15 50.02 0.12 -13.97
C GLU B 15 50.60 1.34 -14.69
N VAL B 16 51.06 2.33 -13.92
CA VAL B 16 51.83 3.43 -14.48
C VAL B 16 53.24 2.94 -14.84
N TRP B 17 53.82 3.46 -15.92
CA TRP B 17 55.24 3.25 -16.21
C TRP B 17 55.77 4.24 -17.23
N MET B 18 57.09 4.30 -17.35
CA MET B 18 57.74 5.22 -18.27
C MET B 18 59.07 4.69 -18.80
N TYR B 19 59.47 5.21 -19.96
CA TYR B 19 60.77 4.87 -20.53
C TYR B 19 61.35 6.06 -21.28
N SER B 20 62.20 6.83 -20.59
CA SER B 20 62.85 7.97 -21.20
C SER B 20 63.77 7.56 -22.33
N GLN B 21 63.74 8.34 -23.42
CA GLN B 21 64.66 8.17 -24.52
C GLN B 21 65.97 8.89 -24.25
N SER B 22 65.84 10.05 -23.60
CA SER B 22 66.99 10.87 -23.28
C SER B 22 67.94 10.14 -22.33
N GLU B 23 67.37 9.31 -21.46
CA GLU B 23 68.15 8.52 -20.51
C GLU B 23 68.24 7.06 -20.94
N LYS B 24 67.42 6.69 -21.92
CA LYS B 24 67.27 5.29 -22.33
C LYS B 24 66.98 4.43 -21.11
N LYS B 25 65.96 4.82 -20.34
CA LYS B 25 65.75 4.25 -19.01
C LYS B 25 64.29 3.96 -18.68
N HIS B 26 64.03 2.81 -18.09
CA HIS B 26 62.67 2.41 -17.71
C HIS B 26 62.41 2.45 -16.20
N ARG B 27 61.21 2.86 -15.84
CA ARG B 27 60.74 2.82 -14.45
C ARG B 27 59.23 2.61 -14.45
N SER B 28 58.64 2.40 -13.27
CA SER B 28 57.21 2.19 -13.18
C SER B 28 56.64 2.51 -11.81
N LYS B 29 55.32 2.69 -11.76
CA LYS B 29 54.61 2.88 -10.50
C LYS B 29 53.30 2.12 -10.51
N SER B 30 52.88 1.65 -9.34
CA SER B 30 51.53 1.13 -9.17
C SER B 30 50.54 2.29 -9.04
N LEU B 31 49.29 2.05 -9.42
CA LEU B 31 48.25 3.05 -9.23
C LEU B 31 46.94 2.39 -8.83
N LYS B 32 46.70 2.33 -7.53
CA LYS B 32 45.45 1.79 -7.02
C LYS B 32 44.26 2.70 -7.38
N MET B 33 43.12 2.08 -7.69
CA MET B 33 41.88 2.82 -7.79
C MET B 33 40.71 2.08 -7.16
N TYR B 34 40.53 2.26 -5.86
CA TYR B 34 39.40 1.66 -5.16
C TYR B 34 38.06 2.28 -5.54
N ASN B 35 37.06 1.42 -5.71
CA ASN B 35 35.66 1.82 -5.92
C ASN B 35 35.44 2.71 -7.15
N SER B 36 36.27 2.56 -8.18
CA SER B 36 36.07 3.32 -9.41
C SER B 36 34.77 2.91 -10.10
N LEU B 37 34.01 3.90 -10.55
CA LEU B 37 32.80 3.64 -11.33
C LEU B 37 33.14 3.49 -12.80
N ILE B 38 34.37 3.87 -13.15
CA ILE B 38 34.85 3.77 -14.52
C ILE B 38 35.06 2.30 -14.86
N ILE B 39 34.85 1.94 -16.12
CA ILE B 39 34.98 0.55 -16.54
C ILE B 39 35.88 0.48 -17.77
N ALA B 40 35.93 1.58 -18.51
CA ALA B 40 36.55 1.64 -19.84
C ALA B 40 38.08 1.54 -19.84
N ASP B 41 38.61 1.07 -20.97
CA ASP B 41 40.04 1.10 -21.24
C ASP B 41 40.51 2.52 -21.53
N PRO B 42 41.78 2.82 -21.23
CA PRO B 42 42.36 4.15 -21.48
C PRO B 42 42.39 4.52 -22.96
N GLY B 43 42.22 5.81 -23.25
CA GLY B 43 42.17 6.29 -24.62
C GLY B 43 40.78 6.74 -25.02
N PRO B 44 40.68 7.58 -26.07
CA PRO B 44 41.76 8.16 -26.86
C PRO B 44 42.66 9.07 -26.04
N SER B 45 43.95 9.08 -26.36
CA SER B 45 44.93 9.82 -25.59
C SER B 45 45.40 11.05 -26.34
N LEU B 46 45.89 12.04 -25.58
CA LEU B 46 46.43 13.23 -26.20
C LEU B 46 47.29 14.03 -25.23
N ALA B 47 48.54 14.27 -25.62
CA ALA B 47 49.45 15.02 -24.76
C ALA B 47 48.93 16.42 -24.54
N VAL B 48 48.94 16.85 -23.27
CA VAL B 48 48.47 18.19 -22.93
C VAL B 48 49.64 19.16 -22.97
N SER B 49 50.84 18.61 -23.18
CA SER B 49 52.06 19.40 -23.36
C SER B 49 53.21 18.46 -23.72
N ASP B 50 54.40 19.01 -23.93
CA ASP B 50 55.57 18.17 -24.16
C ASP B 50 55.92 17.32 -22.95
N ARG B 51 55.64 17.85 -21.76
CA ARG B 51 55.99 17.16 -20.52
C ARG B 51 54.81 16.46 -19.88
N CYS B 52 53.62 16.66 -20.43
CA CYS B 52 52.41 16.18 -19.76
C CYS B 52 51.33 15.75 -20.74
N VAL B 53 50.54 14.77 -20.33
CA VAL B 53 49.54 14.17 -21.22
C VAL B 53 48.21 14.00 -20.50
N ALA B 54 47.13 14.20 -21.26
CA ALA B 54 45.79 13.87 -20.79
C ALA B 54 45.25 12.66 -21.54
N ILE B 55 44.48 11.81 -20.85
CA ILE B 55 43.97 10.58 -21.44
C ILE B 55 42.54 10.28 -20.97
N VAL B 56 41.69 9.85 -21.89
CA VAL B 56 40.34 9.43 -21.53
C VAL B 56 40.31 8.20 -20.62
N LEU B 57 39.52 8.28 -19.57
CA LEU B 57 39.27 7.17 -18.65
C LEU B 57 37.83 7.28 -18.21
N GLY B 58 36.94 6.66 -18.96
CA GLY B 58 35.51 6.83 -18.74
C GLY B 58 35.22 8.29 -18.99
N ASN B 59 34.28 8.85 -18.24
CA ASN B 59 34.06 10.30 -18.28
C ASN B 59 35.24 11.07 -17.70
N TYR B 60 35.97 10.46 -16.78
CA TYR B 60 37.09 11.15 -16.14
C TYR B 60 38.32 11.17 -17.04
N VAL B 61 39.21 12.14 -16.84
CA VAL B 61 40.43 12.20 -17.62
C VAL B 61 41.69 12.22 -16.76
N ALA B 62 42.55 11.24 -17.00
CA ALA B 62 43.84 11.22 -16.35
C ALA B 62 44.70 12.37 -16.86
N LEU B 63 45.40 13.02 -15.95
CA LEU B 63 46.39 14.03 -16.31
C LEU B 63 47.70 13.67 -15.63
N VAL B 64 48.77 13.59 -16.42
CA VAL B 64 50.06 13.18 -15.88
C VAL B 64 51.13 14.12 -16.40
N GLY B 65 52.18 14.38 -15.62
CA GLY B 65 53.26 15.23 -16.09
C GLY B 65 54.55 15.17 -15.30
N TYR B 66 55.62 15.65 -15.92
CA TYR B 66 56.94 15.69 -15.27
C TYR B 66 57.67 17.00 -15.53
N GLY B 67 58.06 17.69 -14.47
CA GLY B 67 58.80 18.93 -14.60
C GLY B 67 57.82 20.03 -14.95
N SER B 68 56.54 19.67 -14.90
CA SER B 68 55.47 20.54 -15.33
C SER B 68 55.24 21.72 -14.39
N GLU B 69 54.91 22.87 -14.97
CA GLU B 69 54.56 24.05 -14.18
C GLU B 69 53.10 23.98 -13.74
N ILE B 70 52.38 23.02 -14.32
CA ILE B 70 50.94 22.87 -14.11
C ILE B 70 50.65 22.44 -12.67
N PHE B 71 51.61 21.78 -12.05
CA PHE B 71 51.46 21.27 -10.69
C PHE B 71 51.93 22.27 -9.64
N GLY C 2 -39.85 -14.35 -9.99
CA GLY C 2 -39.47 -12.95 -10.07
C GLY C 2 -39.32 -12.30 -8.71
N TRP C 3 -38.13 -12.41 -8.12
CA TRP C 3 -37.91 -11.86 -6.80
C TRP C 3 -37.97 -10.34 -6.73
N SER C 4 -38.52 -9.90 -5.61
CA SER C 4 -38.47 -8.52 -5.20
C SER C 4 -38.49 -8.57 -3.70
N ASP C 5 -38.04 -7.50 -3.06
CA ASP C 5 -37.88 -7.53 -1.62
C ASP C 5 -39.23 -7.77 -0.94
N HIS C 6 -40.31 -7.34 -1.59
CA HIS C 6 -41.65 -7.84 -1.28
C HIS C 6 -42.67 -7.53 -2.38
N ASP C 7 -43.09 -8.57 -3.08
CA ASP C 7 -44.17 -8.50 -4.07
C ASP C 7 -45.49 -8.16 -3.39
N GLU C 8 -46.33 -7.41 -4.09
CA GLU C 8 -47.69 -7.20 -3.59
C GLU C 8 -48.70 -7.01 -4.72
N LEU C 9 -49.95 -7.33 -4.39
CA LEU C 9 -51.07 -7.24 -5.32
C LEU C 9 -52.26 -6.71 -4.50
N SER C 10 -53.23 -6.09 -5.16
CA SER C 10 -54.39 -5.56 -4.44
C SER C 10 -55.17 -6.69 -3.76
N THR C 11 -55.66 -6.44 -2.55
CA THR C 11 -56.40 -7.45 -1.81
C THR C 11 -57.67 -7.80 -2.58
N ASP C 12 -57.92 -9.10 -2.70
CA ASP C 12 -59.06 -9.58 -3.48
C ASP C 12 -60.40 -9.34 -2.81
N THR C 13 -61.40 -9.01 -3.61
CA THR C 13 -62.77 -8.91 -3.14
C THR C 13 -63.67 -9.97 -3.74
N THR C 14 -63.08 -10.85 -4.55
CA THR C 14 -63.86 -11.88 -5.25
C THR C 14 -63.22 -13.25 -5.13
N LEU C 15 -64.06 -14.28 -5.06
CA LEU C 15 -63.60 -15.65 -5.10
C LEU C 15 -63.03 -15.91 -6.47
N HIS C 16 -63.44 -15.09 -7.43
CA HIS C 16 -62.90 -15.14 -8.78
C HIS C 16 -61.42 -14.86 -8.74
N GLU C 17 -61.00 -14.05 -7.77
CA GLU C 17 -59.60 -13.75 -7.61
C GLU C 17 -58.99 -14.48 -6.42
N GLU C 18 -59.84 -15.08 -5.58
CA GLU C 18 -59.37 -15.72 -4.35
C GLU C 18 -58.48 -16.92 -4.63
N LYS C 19 -59.00 -17.84 -5.43
CA LYS C 19 -58.23 -19.01 -5.82
C LYS C 19 -57.14 -18.60 -6.78
N PHE C 20 -57.31 -17.45 -7.43
CA PHE C 20 -56.27 -16.92 -8.29
C PHE C 20 -55.09 -16.60 -7.39
N ARG C 21 -53.89 -16.96 -7.86
CA ARG C 21 -52.69 -16.98 -7.02
C ARG C 21 -51.44 -16.82 -7.87
N ILE C 22 -50.33 -16.47 -7.24
CA ILE C 22 -49.07 -16.33 -7.95
C ILE C 22 -47.87 -16.54 -7.03
N GLU C 23 -47.04 -17.53 -7.33
CA GLU C 23 -45.91 -17.77 -6.46
C GLU C 23 -44.60 -17.96 -7.20
N PRO C 24 -43.50 -17.48 -6.59
CA PRO C 24 -42.07 -17.74 -6.85
C PRO C 24 -41.62 -19.18 -6.62
N VAL C 25 -40.66 -19.64 -7.40
CA VAL C 25 -39.74 -20.68 -6.95
C VAL C 25 -38.41 -20.01 -6.60
N PRO C 26 -38.03 -20.05 -5.32
CA PRO C 26 -36.80 -19.42 -4.84
C PRO C 26 -35.54 -19.93 -5.55
N VAL C 27 -35.54 -21.21 -5.92
CA VAL C 27 -34.39 -21.80 -6.60
C VAL C 27 -34.23 -21.12 -7.94
N HIS C 28 -32.99 -20.90 -8.35
CA HIS C 28 -32.74 -20.08 -9.52
C HIS C 28 -31.42 -20.38 -10.24
N HIS C 29 -31.39 -20.05 -11.52
CA HIS C 29 -30.14 -19.99 -12.27
C HIS C 29 -29.31 -18.82 -11.78
N GLN C 30 -27.99 -18.92 -11.92
CA GLN C 30 -27.10 -17.83 -11.58
C GLN C 30 -27.37 -16.64 -12.48
N LEU C 31 -27.91 -16.92 -13.67
CA LEU C 31 -28.05 -15.93 -14.74
C LEU C 31 -29.31 -16.21 -15.57
N ASP C 32 -29.66 -15.26 -16.42
CA ASP C 32 -30.97 -15.28 -17.09
C ASP C 32 -31.24 -16.50 -17.96
N ILE C 33 -32.50 -16.88 -18.04
CA ILE C 33 -32.95 -18.09 -18.74
C ILE C 33 -32.72 -18.07 -20.25
N LEU C 34 -32.36 -19.23 -20.81
CA LEU C 34 -32.30 -19.40 -22.26
C LEU C 34 -33.55 -20.09 -22.82
N LYS C 35 -33.74 -21.35 -22.44
CA LYS C 35 -34.81 -22.15 -23.01
C LYS C 35 -35.18 -23.30 -22.07
N ILE C 36 -36.39 -23.83 -22.22
CA ILE C 36 -36.92 -24.85 -21.30
C ILE C 36 -37.79 -25.88 -22.01
N ALA C 37 -38.14 -26.93 -21.28
CA ALA C 37 -39.01 -27.99 -21.78
C ALA C 37 -39.80 -28.62 -20.64
N VAL C 38 -40.89 -29.31 -20.97
CA VAL C 38 -41.82 -29.75 -19.93
C VAL C 38 -42.48 -31.11 -20.19
N SER C 39 -42.67 -31.86 -19.13
CA SER C 39 -43.41 -33.12 -19.15
C SER C 39 -44.91 -32.95 -19.33
N GLU C 40 -45.54 -33.93 -19.98
N GLU C 40 -45.55 -33.92 -19.97
CA GLU C 40 -47.00 -33.95 -20.12
CA GLU C 40 -47.00 -33.91 -20.11
C GLU C 40 -47.69 -34.13 -18.78
C GLU C 40 -47.69 -34.13 -18.78
N ASN C 41 -47.00 -34.80 -17.86
CA ASN C 41 -47.56 -35.08 -16.55
C ASN C 41 -47.82 -33.82 -15.74
N TYR C 42 -47.09 -32.77 -16.10
CA TYR C 42 -47.13 -31.46 -15.43
C TYR C 42 -46.39 -31.50 -14.11
N LYS C 43 -46.23 -32.70 -13.54
CA LYS C 43 -45.50 -32.86 -12.28
C LYS C 43 -44.03 -32.50 -12.41
N THR C 44 -43.45 -32.75 -13.57
CA THR C 44 -42.03 -32.54 -13.79
C THR C 44 -41.76 -31.21 -14.51
N PHE C 45 -40.65 -30.56 -14.18
CA PHE C 45 -40.22 -29.42 -14.97
C PHE C 45 -38.70 -29.33 -15.08
N ALA C 46 -38.24 -28.72 -16.17
CA ALA C 46 -36.81 -28.57 -16.47
C ALA C 46 -36.49 -27.20 -17.06
N SER C 47 -35.27 -26.73 -16.87
CA SER C 47 -34.89 -25.38 -17.26
C SER C 47 -33.37 -25.16 -17.40
N VAL C 48 -33.01 -24.18 -18.24
CA VAL C 48 -31.62 -23.82 -18.51
C VAL C 48 -31.46 -22.30 -18.68
N GLY C 49 -30.42 -21.72 -18.09
CA GLY C 49 -30.13 -20.31 -18.22
C GLY C 49 -29.16 -19.89 -19.32
N LEU C 50 -28.80 -18.61 -19.35
CA LEU C 50 -27.73 -18.12 -20.23
C LEU C 50 -26.38 -18.69 -19.85
N ASP C 51 -26.23 -19.01 -18.58
CA ASP C 51 -25.03 -19.65 -18.05
C ASP C 51 -25.11 -21.14 -18.33
N ARG C 52 -26.26 -21.54 -18.86
CA ARG C 52 -26.55 -22.91 -19.27
C ARG C 52 -26.47 -23.91 -18.14
N CYS C 53 -26.69 -23.44 -16.91
CA CYS C 53 -26.85 -24.35 -15.79
C CYS C 53 -28.17 -25.08 -15.94
N LEU C 54 -28.20 -26.35 -15.57
CA LEU C 54 -29.45 -27.10 -15.64
C LEU C 54 -30.17 -27.11 -14.29
N VAL C 55 -31.50 -27.05 -14.32
CA VAL C 55 -32.28 -27.16 -13.10
C VAL C 55 -33.56 -27.95 -13.38
N VAL C 56 -33.94 -28.83 -12.46
CA VAL C 56 -35.23 -29.50 -12.59
C VAL C 56 -35.95 -29.56 -11.24
N TRP C 57 -37.28 -29.47 -11.32
CA TRP C 57 -38.11 -29.11 -10.18
C TRP C 57 -39.49 -29.77 -10.25
N ASP C 58 -40.05 -30.09 -9.09
CA ASP C 58 -41.38 -30.68 -9.00
C ASP C 58 -42.42 -29.62 -8.70
N LEU C 59 -43.58 -29.75 -9.32
CA LEU C 59 -44.57 -28.69 -9.27
C LEU C 59 -45.48 -28.75 -8.05
N ARG C 60 -45.97 -29.94 -7.73
CA ARG C 60 -46.93 -30.11 -6.64
C ARG C 60 -46.29 -30.28 -5.27
N GLN C 61 -45.22 -31.06 -5.22
CA GLN C 61 -44.53 -31.33 -3.96
C GLN C 61 -43.54 -30.24 -3.58
N TRP C 62 -43.30 -29.32 -4.51
CA TRP C 62 -42.50 -28.12 -4.25
C TRP C 62 -41.14 -28.39 -3.60
N CYS C 63 -40.51 -29.50 -3.97
CA CYS C 63 -39.22 -29.85 -3.39
C CYS C 63 -38.16 -29.99 -4.47
N THR C 64 -36.92 -29.67 -4.13
CA THR C 64 -35.83 -29.67 -5.11
C THR C 64 -35.57 -31.06 -5.68
N LYS C 65 -35.28 -31.10 -6.96
CA LYS C 65 -34.99 -32.35 -7.64
C LYS C 65 -33.55 -32.39 -8.11
N LEU C 66 -33.14 -31.45 -8.96
CA LEU C 66 -31.74 -31.47 -9.38
C LEU C 66 -31.19 -30.14 -9.87
N VAL C 67 -29.88 -29.98 -9.71
CA VAL C 67 -29.15 -28.78 -10.08
C VAL C 67 -27.82 -29.16 -10.72
N LEU C 68 -27.40 -28.40 -11.74
CA LEU C 68 -26.10 -28.62 -12.39
C LEU C 68 -25.44 -27.32 -12.84
N SER C 69 -24.23 -27.08 -12.31
CA SER C 69 -23.41 -25.92 -12.66
C SER C 69 -22.81 -26.05 -14.07
N LYS C 70 -22.46 -24.91 -14.67
CA LYS C 70 -22.01 -24.86 -16.06
C LYS C 70 -20.74 -25.67 -16.38
N GLU C 71 -19.84 -25.75 -15.40
CA GLU C 71 -18.52 -26.32 -15.63
C GLU C 71 -18.57 -27.84 -15.57
N GLN C 72 -19.73 -28.35 -15.18
CA GLN C 72 -20.04 -29.76 -15.25
C GLN C 72 -20.46 -30.13 -16.67
N MET C 73 -20.56 -29.12 -17.53
CA MET C 73 -21.20 -29.31 -18.84
C MET C 73 -20.32 -28.84 -20.01
N PRO C 74 -20.52 -29.45 -21.19
CA PRO C 74 -19.87 -29.09 -22.47
C PRO C 74 -20.21 -27.68 -22.97
N ARG C 75 -19.25 -27.05 -23.65
CA ARG C 75 -19.40 -25.69 -24.14
C ARG C 75 -20.53 -25.48 -25.15
N THR C 76 -20.83 -26.49 -25.96
CA THR C 76 -21.94 -26.40 -26.90
C THR C 76 -23.14 -27.18 -26.39
N LEU C 77 -24.32 -26.57 -26.48
CA LEU C 77 -25.56 -27.19 -26.04
C LEU C 77 -26.71 -26.73 -26.93
N LYS C 78 -26.69 -27.19 -28.17
CA LYS C 78 -27.65 -26.73 -29.16
C LYS C 78 -29.09 -27.09 -28.84
N ALA C 79 -29.32 -28.18 -28.11
CA ALA C 79 -30.69 -28.65 -27.95
C ALA C 79 -31.00 -29.39 -26.67
N ILE C 80 -32.29 -29.63 -26.47
CA ILE C 80 -32.83 -30.19 -25.25
C ILE C 80 -34.11 -30.98 -25.56
N ALA C 81 -34.36 -32.04 -24.81
CA ALA C 81 -35.59 -32.80 -25.02
C ALA C 81 -35.97 -33.66 -23.83
N LEU C 82 -37.26 -33.94 -23.72
CA LEU C 82 -37.82 -34.66 -22.57
C LEU C 82 -38.82 -35.74 -22.99
N ASP C 83 -38.80 -36.85 -22.27
CA ASP C 83 -39.80 -37.89 -22.46
C ASP C 83 -41.16 -37.46 -21.95
N PRO C 84 -42.24 -37.96 -22.56
CA PRO C 84 -43.60 -37.60 -22.16
C PRO C 84 -43.90 -37.91 -20.69
N GLN C 85 -43.32 -38.98 -20.17
CA GLN C 85 -43.46 -39.31 -18.75
C GLN C 85 -42.82 -38.27 -17.84
N GLY C 86 -41.76 -37.65 -18.32
CA GLY C 86 -41.04 -36.65 -17.54
C GLY C 86 -40.08 -37.30 -16.56
N ASN C 87 -39.97 -38.61 -16.64
CA ASN C 87 -39.15 -39.36 -15.70
C ASN C 87 -37.67 -39.33 -16.07
N TYR C 88 -37.37 -38.81 -17.26
CA TYR C 88 -36.02 -38.86 -17.79
C TYR C 88 -35.71 -37.66 -18.66
N VAL C 89 -34.43 -37.42 -18.88
CA VAL C 89 -33.98 -36.19 -19.52
C VAL C 89 -32.95 -36.44 -20.61
N SER C 90 -33.05 -35.65 -21.68
CA SER C 90 -32.12 -35.74 -22.78
C SER C 90 -31.57 -34.37 -23.18
N LEU C 91 -30.28 -34.33 -23.51
CA LEU C 91 -29.64 -33.09 -23.93
C LEU C 91 -28.76 -33.28 -25.14
N PHE C 92 -28.79 -32.30 -26.03
CA PHE C 92 -28.00 -32.35 -27.25
C PHE C 92 -26.91 -31.30 -27.32
N SER C 93 -25.72 -31.70 -26.88
CA SER C 93 -24.48 -31.07 -27.30
C SER C 93 -24.29 -31.47 -28.75
N LYS C 94 -23.59 -30.63 -29.52
CA LYS C 94 -23.55 -30.81 -30.96
C LYS C 94 -22.95 -32.15 -31.39
N ASP C 95 -22.03 -32.67 -30.58
CA ASP C 95 -21.34 -33.91 -30.92
C ASP C 95 -21.87 -35.17 -30.24
N THR C 96 -22.43 -35.02 -29.05
CA THR C 96 -22.86 -36.18 -28.27
C THR C 96 -24.01 -35.84 -27.32
N LEU C 97 -24.98 -36.75 -27.22
CA LEU C 97 -26.16 -36.54 -26.39
C LEU C 97 -26.05 -37.18 -25.00
N PHE C 98 -26.56 -36.48 -23.99
CA PHE C 98 -26.69 -37.06 -22.65
C PHE C 98 -28.10 -37.55 -22.35
N ILE C 99 -28.19 -38.68 -21.65
CA ILE C 99 -29.46 -39.20 -21.16
C ILE C 99 -29.37 -39.49 -19.67
N LEU C 100 -30.02 -38.66 -18.86
CA LEU C 100 -29.97 -38.76 -17.40
C LEU C 100 -31.34 -38.86 -16.74
N ASN C 101 -31.46 -39.75 -15.78
CA ASN C 101 -32.64 -39.80 -14.92
C ASN C 101 -32.60 -38.66 -13.89
N VAL C 102 -33.77 -38.20 -13.47
CA VAL C 102 -33.85 -37.22 -12.39
C VAL C 102 -34.39 -37.83 -11.11
N GLU C 103 -35.44 -38.64 -11.23
CA GLU C 103 -36.04 -39.29 -10.08
C GLU C 103 -35.04 -40.24 -9.45
N SER C 104 -34.15 -40.79 -10.27
CA SER C 104 -33.07 -41.64 -9.80
C SER C 104 -31.77 -41.20 -10.45
N PRO C 105 -31.16 -40.10 -9.95
CA PRO C 105 -30.03 -39.46 -10.63
C PRO C 105 -28.87 -40.41 -10.85
N SER C 106 -28.71 -40.82 -12.11
CA SER C 106 -27.65 -41.74 -12.53
C SER C 106 -27.35 -41.51 -14.01
N LEU C 107 -26.15 -41.88 -14.45
CA LEU C 107 -25.78 -41.66 -15.84
C LEU C 107 -26.32 -42.79 -16.69
N MET C 108 -27.60 -42.68 -17.07
CA MET C 108 -28.22 -43.76 -17.80
C MET C 108 -27.58 -44.02 -19.15
N LEU C 109 -27.14 -42.96 -19.84
CA LEU C 109 -26.41 -43.16 -21.08
C LEU C 109 -25.78 -41.90 -21.65
N GLN C 110 -24.77 -42.10 -22.49
CA GLN C 110 -24.18 -41.04 -23.27
C GLN C 110 -23.92 -41.58 -24.67
N HIS C 111 -24.17 -40.79 -25.72
CA HIS C 111 -24.03 -41.36 -27.06
C HIS C 111 -23.80 -40.32 -28.17
N SER C 112 -22.72 -40.50 -28.92
CA SER C 112 -22.41 -39.63 -30.06
C SER C 112 -23.43 -39.78 -31.19
N TYR C 113 -23.73 -38.68 -31.89
CA TYR C 113 -24.74 -38.72 -32.93
C TYR C 113 -24.41 -37.77 -34.08
N HIS C 114 -24.99 -38.06 -35.25
CA HIS C 114 -24.78 -37.27 -36.45
C HIS C 114 -25.32 -35.85 -36.37
N CYS C 115 -24.63 -34.92 -37.02
CA CYS C 115 -25.07 -33.53 -37.07
C CYS C 115 -24.48 -32.81 -38.28
N LYS C 116 -25.16 -31.75 -38.71
CA LYS C 116 -24.68 -30.90 -39.79
C LYS C 116 -24.75 -29.42 -39.39
N PRO C 117 -23.79 -28.97 -38.54
CA PRO C 117 -23.78 -27.59 -38.03
C PRO C 117 -23.61 -26.58 -39.15
N ASN C 118 -24.20 -25.40 -39.00
CA ASN C 118 -24.95 -25.04 -37.80
C ASN C 118 -26.44 -24.89 -38.09
N SER C 119 -26.99 -25.83 -38.85
CA SER C 119 -28.41 -25.86 -39.18
C SER C 119 -29.23 -26.03 -37.90
N LYS C 120 -30.35 -25.32 -37.79
CA LYS C 120 -31.15 -25.39 -36.56
C LYS C 120 -31.78 -26.75 -36.30
N LEU C 121 -31.68 -27.16 -35.04
CA LEU C 121 -32.28 -28.38 -34.55
C LEU C 121 -33.76 -28.29 -34.25
N ASN C 122 -34.41 -29.44 -34.31
CA ASN C 122 -35.73 -29.65 -33.73
C ASN C 122 -35.80 -31.12 -33.36
N VAL C 123 -36.61 -31.47 -32.36
CA VAL C 123 -36.49 -32.79 -31.74
C VAL C 123 -37.84 -33.35 -31.28
N PHE C 124 -38.02 -34.67 -31.37
CA PHE C 124 -39.26 -35.28 -30.88
C PHE C 124 -39.13 -36.67 -30.28
N TRP C 125 -39.55 -36.80 -29.03
CA TRP C 125 -39.72 -38.09 -28.34
C TRP C 125 -40.97 -38.86 -28.79
N MET C 126 -40.89 -40.18 -28.77
CA MET C 126 -42.00 -41.07 -29.12
C MET C 126 -41.99 -42.35 -28.27
N PRO C 127 -42.98 -42.49 -27.37
CA PRO C 127 -43.06 -43.67 -26.48
C PRO C 127 -43.27 -44.99 -27.24
N GLY C 128 -42.69 -46.07 -26.72
CA GLY C 128 -42.70 -47.35 -27.39
C GLY C 128 -43.88 -48.22 -27.00
N THR C 129 -43.74 -49.53 -27.18
CA THR C 129 -44.79 -50.49 -26.87
C THR C 129 -45.13 -50.46 -25.38
N HIS C 130 -44.23 -49.86 -24.60
CA HIS C 130 -44.52 -49.49 -23.23
C HIS C 130 -44.46 -50.63 -22.22
N LYS C 131 -44.26 -50.26 -20.95
CA LYS C 131 -44.21 -51.20 -19.85
C LYS C 131 -43.56 -50.53 -18.64
N ASP C 132 -43.69 -49.21 -18.55
CA ASP C 132 -43.05 -48.47 -17.46
C ASP C 132 -43.68 -48.87 -16.14
N ASP C 133 -42.88 -48.96 -15.08
CA ASP C 133 -41.43 -48.73 -15.14
C ASP C 133 -40.63 -49.95 -15.57
N GLU C 134 -41.28 -51.10 -15.65
CA GLU C 134 -40.55 -52.37 -15.68
C GLU C 134 -39.63 -52.51 -16.88
N TRP C 135 -40.04 -51.92 -18.01
CA TRP C 135 -39.18 -51.81 -19.18
C TRP C 135 -39.72 -50.77 -20.15
N LYS C 136 -38.82 -50.22 -20.98
CA LYS C 136 -39.13 -49.01 -21.74
C LYS C 136 -38.45 -48.99 -23.10
N ASN C 137 -38.89 -48.08 -23.95
CA ASN C 137 -38.22 -47.80 -25.21
C ASN C 137 -38.64 -46.42 -25.72
N PHE C 138 -37.81 -45.83 -26.57
CA PHE C 138 -38.12 -44.54 -27.15
C PHE C 138 -37.69 -44.43 -28.61
N GLU C 139 -38.31 -43.50 -29.31
CA GLU C 139 -38.08 -43.29 -30.73
C GLU C 139 -37.66 -41.84 -30.97
N LEU C 140 -36.36 -41.60 -31.04
CA LEU C 140 -35.86 -40.23 -31.10
C LEU C 140 -35.83 -39.66 -32.51
N VAL C 141 -36.89 -38.91 -32.83
CA VAL C 141 -36.88 -38.04 -33.98
C VAL C 141 -35.94 -36.85 -33.80
N VAL C 142 -35.18 -36.53 -34.85
CA VAL C 142 -34.31 -35.35 -34.85
C VAL C 142 -34.47 -34.60 -36.17
N VAL C 143 -35.45 -33.70 -36.17
CA VAL C 143 -35.74 -32.79 -37.27
C VAL C 143 -34.61 -31.77 -37.47
N GLU C 144 -34.34 -31.41 -38.72
CA GLU C 144 -33.25 -30.50 -39.02
C GLU C 144 -33.65 -29.50 -40.11
N SER C 145 -33.12 -28.29 -40.04
CA SER C 145 -33.41 -27.24 -41.04
C SER C 145 -32.88 -27.68 -42.41
N SER C 146 -31.94 -28.61 -42.39
CA SER C 146 -31.46 -29.25 -43.60
C SER C 146 -32.58 -30.03 -44.26
N GLY C 147 -33.58 -30.38 -43.46
CA GLY C 147 -34.69 -31.20 -43.90
C GLY C 147 -34.42 -32.67 -43.68
N GLU C 148 -33.22 -32.98 -43.22
CA GLU C 148 -32.96 -34.31 -42.69
C GLU C 148 -33.81 -34.51 -41.44
N ILE C 149 -34.33 -35.72 -41.28
CA ILE C 149 -35.07 -36.07 -40.07
C ILE C 149 -34.63 -37.42 -39.56
N GLN C 150 -33.80 -37.40 -38.55
CA GLN C 150 -33.26 -38.62 -37.98
C GLN C 150 -34.33 -39.35 -37.18
N VAL C 151 -34.25 -40.67 -37.11
CA VAL C 151 -35.04 -41.40 -36.10
C VAL C 151 -34.20 -42.52 -35.51
N PHE C 152 -34.29 -42.67 -34.19
CA PHE C 152 -33.44 -43.60 -33.46
C PHE C 152 -34.22 -44.53 -32.54
N SER C 153 -33.78 -45.79 -32.49
CA SER C 153 -34.21 -46.69 -31.44
C SER C 153 -33.53 -46.31 -30.14
N LEU C 154 -34.23 -46.52 -29.03
CA LEU C 154 -33.62 -46.30 -27.73
C LEU C 154 -34.40 -47.05 -26.67
N THR C 155 -34.34 -48.37 -26.72
CA THR C 155 -34.91 -49.18 -25.66
C THR C 155 -34.15 -48.90 -24.38
N ILE C 156 -34.86 -48.76 -23.28
CA ILE C 156 -34.22 -48.44 -22.01
C ILE C 156 -34.85 -49.21 -20.86
N GLU C 157 -34.00 -49.63 -19.93
CA GLU C 157 -34.41 -50.40 -18.78
C GLU C 157 -33.61 -49.91 -17.58
N ILE C 158 -34.09 -50.23 -16.39
CA ILE C 158 -33.50 -49.71 -15.15
C ILE C 158 -32.08 -50.24 -15.03
N GLU C 159 -31.83 -51.35 -15.70
CA GLU C 159 -30.52 -51.99 -15.73
C GLU C 159 -29.46 -51.08 -16.32
N GLY C 160 -29.88 -50.14 -17.16
CA GLY C 160 -28.97 -49.21 -17.78
C GLY C 160 -29.45 -48.98 -19.18
N ALA C 161 -29.47 -47.72 -19.60
CA ALA C 161 -30.03 -47.40 -20.90
C ALA C 161 -29.22 -48.07 -22.00
N ASP C 162 -29.93 -48.59 -22.98
CA ASP C 162 -29.30 -49.29 -24.09
C ASP C 162 -29.62 -48.48 -25.34
N ILE C 163 -28.80 -48.56 -26.38
CA ILE C 163 -29.04 -47.70 -27.53
C ILE C 163 -28.63 -48.30 -28.87
N ALA C 164 -29.41 -47.98 -29.90
CA ALA C 164 -29.06 -48.34 -31.27
C ALA C 164 -29.76 -47.42 -32.27
N LEU C 165 -29.06 -47.09 -33.36
CA LEU C 165 -29.63 -46.28 -34.43
C LEU C 165 -30.59 -47.11 -35.28
N VAL C 166 -31.58 -46.47 -35.88
CA VAL C 166 -32.40 -47.16 -36.86
C VAL C 166 -32.45 -46.48 -38.24
N GLU C 167 -32.94 -45.24 -38.35
CA GLU C 167 -33.15 -44.69 -39.69
C GLU C 167 -32.81 -43.22 -39.87
N LYS C 168 -32.53 -42.86 -41.12
CA LYS C 168 -32.25 -41.47 -41.53
C LYS C 168 -33.20 -41.00 -42.62
N PHE C 169 -34.28 -40.34 -42.24
CA PHE C 169 -35.11 -39.65 -43.23
C PHE C 169 -34.31 -38.49 -43.81
N GLN C 170 -34.47 -38.23 -45.10
CA GLN C 170 -33.83 -37.07 -45.71
C GLN C 170 -34.81 -36.34 -46.60
N LEU C 171 -35.67 -35.58 -45.96
CA LEU C 171 -36.77 -34.92 -46.63
C LEU C 171 -36.27 -33.79 -47.52
N SER C 172 -36.98 -33.57 -48.60
CA SER C 172 -36.68 -32.50 -49.53
C SER C 172 -36.86 -31.12 -48.88
N SER C 173 -35.98 -30.19 -49.23
CA SER C 173 -36.13 -28.77 -48.91
C SER C 173 -35.97 -28.45 -47.43
N PRO C 174 -35.52 -27.22 -47.14
CA PRO C 174 -35.49 -26.67 -45.78
C PRO C 174 -36.91 -26.54 -45.23
N ILE C 175 -37.05 -26.73 -43.92
CA ILE C 175 -38.37 -26.81 -43.29
C ILE C 175 -38.74 -25.67 -42.34
N ILE C 176 -39.99 -25.20 -42.46
CA ILE C 176 -40.56 -24.24 -41.52
C ILE C 176 -40.86 -24.84 -40.16
N LYS C 177 -41.56 -25.96 -40.19
CA LYS C 177 -42.14 -26.52 -38.98
C LYS C 177 -42.52 -28.00 -39.17
N SER C 178 -42.49 -28.76 -38.06
CA SER C 178 -42.99 -30.13 -38.05
C SER C 178 -43.22 -30.54 -36.60
N ILE C 179 -44.12 -31.48 -36.35
CA ILE C 179 -44.41 -31.89 -34.98
C ILE C 179 -44.86 -33.35 -34.84
N SER C 180 -44.55 -33.93 -33.69
CA SER C 180 -45.02 -35.27 -33.34
C SER C 180 -46.51 -35.29 -33.02
N ILE C 181 -47.16 -36.39 -33.38
CA ILE C 181 -48.60 -36.58 -33.17
C ILE C 181 -48.93 -38.06 -32.91
N VAL C 182 -48.95 -38.47 -31.65
CA VAL C 182 -49.21 -39.87 -31.33
C VAL C 182 -50.68 -40.15 -30.96
N SER C 183 -51.41 -40.78 -31.88
CA SER C 183 -52.72 -41.31 -31.56
C SER C 183 -52.53 -42.52 -30.67
N PRO C 184 -53.48 -42.74 -29.75
CA PRO C 184 -53.33 -43.92 -28.90
C PRO C 184 -53.27 -45.19 -29.73
N THR C 185 -53.99 -45.23 -30.84
CA THR C 185 -53.88 -46.34 -31.78
C THR C 185 -52.53 -46.38 -32.48
N ALA C 186 -51.94 -45.23 -32.73
CA ALA C 186 -50.75 -45.21 -33.57
C ALA C 186 -49.94 -43.92 -33.53
N ASN C 187 -48.63 -44.06 -33.70
CA ASN C 187 -47.73 -42.95 -33.96
C ASN C 187 -47.93 -42.31 -35.32
N ARG C 188 -47.87 -40.98 -35.35
CA ARG C 188 -47.95 -40.21 -36.59
C ARG C 188 -47.10 -38.96 -36.37
N ILE C 189 -46.47 -38.42 -37.42
CA ILE C 189 -45.70 -37.19 -37.30
C ILE C 189 -45.82 -36.30 -38.52
N ALA C 190 -46.32 -35.10 -38.24
CA ALA C 190 -46.50 -34.02 -39.20
C ALA C 190 -45.21 -33.31 -39.57
N CYS C 191 -45.18 -32.79 -40.79
CA CYS C 191 -44.00 -32.15 -41.37
C CYS C 191 -44.36 -31.13 -42.44
N LEU C 192 -44.54 -29.87 -42.02
CA LEU C 192 -44.63 -28.75 -42.95
C LEU C 192 -43.30 -28.51 -43.66
N THR C 193 -43.34 -28.11 -44.92
CA THR C 193 -42.15 -27.63 -45.60
C THR C 193 -42.18 -26.11 -45.75
N GLU C 194 -41.00 -25.51 -45.98
CA GLU C 194 -40.93 -24.15 -46.47
C GLU C 194 -41.54 -24.10 -47.86
N SER C 195 -41.52 -25.26 -48.51
CA SER C 195 -42.23 -25.46 -49.77
C SER C 195 -43.75 -25.44 -49.51
N GLY C 196 -44.12 -25.63 -48.25
CA GLY C 196 -45.52 -25.69 -47.85
C GLY C 196 -46.11 -27.08 -47.93
N GLU C 197 -45.30 -28.05 -48.35
CA GLU C 197 -45.70 -29.46 -48.33
C GLU C 197 -45.89 -29.94 -46.90
N VAL C 198 -46.85 -30.84 -46.71
CA VAL C 198 -47.17 -31.30 -45.37
C VAL C 198 -47.17 -32.83 -45.26
N THR C 199 -45.96 -33.40 -45.29
CA THR C 199 -45.80 -34.84 -45.23
C THR C 199 -46.05 -35.38 -43.84
N VAL C 200 -46.52 -36.61 -43.73
CA VAL C 200 -46.59 -37.26 -42.43
C VAL C 200 -46.08 -38.68 -42.42
N TYR C 201 -44.99 -38.91 -41.70
CA TYR C 201 -44.57 -40.29 -41.47
C TYR C 201 -45.49 -40.89 -40.44
N SER C 202 -45.70 -42.19 -40.50
CA SER C 202 -46.60 -42.82 -39.56
C SER C 202 -46.13 -44.24 -39.26
N LYS C 203 -46.24 -44.63 -38.00
CA LYS C 203 -45.73 -45.94 -37.61
C LYS C 203 -46.78 -47.04 -37.68
N LYS C 204 -46.81 -47.75 -38.80
CA LYS C 204 -47.59 -48.97 -38.86
C LYS C 204 -46.73 -50.09 -38.32
N GLY C 205 -46.48 -50.06 -37.01
CA GLY C 205 -45.60 -51.03 -36.41
C GLY C 205 -44.26 -50.91 -37.09
N PRO C 206 -43.77 -52.03 -37.64
CA PRO C 206 -42.49 -52.07 -38.35
C PRO C 206 -42.46 -51.12 -39.53
N VAL C 207 -43.62 -50.94 -40.16
CA VAL C 207 -43.75 -49.99 -41.24
C VAL C 207 -43.57 -48.57 -40.71
N TRP C 208 -42.88 -47.74 -41.49
CA TRP C 208 -42.66 -46.33 -41.13
C TRP C 208 -42.96 -45.43 -42.33
N SER C 209 -44.24 -45.31 -42.68
CA SER C 209 -44.61 -44.77 -43.98
C SER C 209 -44.88 -43.26 -44.02
N PRO C 210 -44.05 -42.53 -44.79
CA PRO C 210 -44.35 -41.16 -45.19
C PRO C 210 -45.60 -41.13 -46.05
N LYS C 211 -46.41 -40.07 -45.94
CA LYS C 211 -47.54 -39.91 -46.85
C LYS C 211 -47.76 -38.44 -47.16
N ILE C 212 -48.19 -38.17 -48.40
CA ILE C 212 -48.38 -36.82 -48.89
C ILE C 212 -49.78 -36.29 -48.60
N LEU C 213 -49.92 -35.54 -47.52
CA LEU C 213 -51.18 -34.91 -47.19
C LEU C 213 -51.58 -33.87 -48.22
N SER C 214 -52.86 -33.84 -48.52
CA SER C 214 -53.37 -33.02 -49.60
C SER C 214 -53.78 -31.63 -49.15
N GLN C 215 -52.84 -30.69 -49.08
CA GLN C 215 -53.28 -29.32 -49.13
C GLN C 215 -53.91 -29.22 -50.51
N ASN C 216 -55.10 -28.64 -50.59
CA ASN C 216 -55.85 -28.73 -51.83
C ASN C 216 -55.56 -27.52 -52.69
N LYS C 217 -56.07 -27.59 -53.90
CA LYS C 217 -55.72 -26.72 -55.01
C LYS C 217 -55.98 -25.23 -54.81
N ASN C 218 -56.98 -24.88 -54.01
CA ASN C 218 -57.46 -23.49 -53.92
C ASN C 218 -56.46 -22.44 -53.39
N TYR C 219 -55.52 -22.83 -52.55
CA TYR C 219 -54.56 -21.85 -52.02
C TYR C 219 -53.19 -22.49 -51.83
N LEU C 220 -52.80 -23.33 -52.78
CA LEU C 220 -51.53 -24.05 -52.71
C LEU C 220 -50.33 -23.12 -52.65
N THR C 221 -50.46 -21.98 -53.31
CA THR C 221 -49.33 -21.09 -53.52
C THR C 221 -48.91 -20.31 -52.28
N GLU C 222 -49.78 -20.25 -51.29
CA GLU C 222 -49.59 -19.33 -50.18
C GLU C 222 -48.34 -19.66 -49.41
N THR C 223 -47.59 -18.63 -49.00
CA THR C 223 -46.65 -18.88 -47.92
C THR C 223 -47.50 -19.16 -46.72
N LYS C 224 -47.13 -20.20 -45.99
CA LYS C 224 -47.87 -20.59 -44.81
C LYS C 224 -47.50 -19.69 -43.64
N LYS C 225 -48.40 -19.57 -42.68
CA LYS C 225 -48.03 -18.92 -41.43
C LYS C 225 -47.47 -20.01 -40.51
N ASP C 226 -48.33 -20.83 -39.91
CA ASP C 226 -47.88 -22.16 -39.46
C ASP C 226 -49.03 -23.13 -39.18
N ILE C 227 -48.79 -24.39 -39.52
CA ILE C 227 -49.66 -25.46 -39.12
C ILE C 227 -49.56 -25.64 -37.63
N TYR C 228 -50.65 -26.06 -37.01
CA TYR C 228 -50.57 -26.52 -35.64
C TYR C 228 -51.72 -27.46 -35.45
N GLY C 229 -51.60 -28.41 -34.55
CA GLY C 229 -52.67 -29.36 -34.39
C GLY C 229 -52.76 -29.82 -32.97
N ILE C 230 -53.62 -30.80 -32.74
CA ILE C 230 -53.70 -31.35 -31.41
C ILE C 230 -53.41 -32.84 -31.51
N ALA C 231 -52.21 -33.19 -31.06
CA ALA C 231 -51.70 -34.55 -31.21
C ALA C 231 -52.52 -35.57 -30.45
N MET C 232 -53.03 -35.17 -29.29
CA MET C 232 -53.94 -36.03 -28.55
C MET C 232 -55.24 -36.19 -29.31
N ALA C 233 -55.62 -35.16 -30.06
CA ALA C 233 -56.76 -35.26 -30.98
C ALA C 233 -56.34 -35.79 -32.34
N ASP C 234 -55.03 -35.81 -32.58
CA ASP C 234 -54.46 -36.21 -33.87
C ASP C 234 -55.20 -35.43 -34.96
N ILE C 235 -55.42 -34.15 -34.72
CA ILE C 235 -56.14 -33.36 -35.71
C ILE C 235 -55.32 -32.19 -36.19
N LEU C 236 -55.29 -32.03 -37.51
CA LEU C 236 -54.39 -31.08 -38.14
C LEU C 236 -55.01 -29.71 -38.45
N PHE C 237 -54.83 -28.74 -37.58
CA PHE C 237 -55.11 -27.36 -37.98
C PHE C 237 -53.94 -26.83 -38.82
N LEU C 238 -54.26 -25.91 -39.72
CA LEU C 238 -53.28 -25.49 -40.71
C LEU C 238 -53.47 -24.05 -41.12
N ALA C 239 -52.56 -23.17 -40.70
CA ALA C 239 -52.74 -21.76 -40.98
C ALA C 239 -52.76 -21.44 -42.46
N ARG C 240 -53.72 -20.58 -42.82
CA ARG C 240 -53.71 -19.85 -44.07
C ARG C 240 -54.51 -18.59 -43.83
N ASP C 241 -54.17 -17.53 -44.58
CA ASP C 241 -54.98 -16.32 -44.55
C ASP C 241 -56.32 -16.60 -45.22
N SER C 242 -56.37 -17.64 -46.05
CA SER C 242 -57.59 -18.04 -46.75
C SER C 242 -58.54 -18.88 -45.88
N GLY C 243 -58.05 -19.28 -44.70
CA GLY C 243 -58.86 -20.09 -43.81
C GLY C 243 -58.13 -21.36 -43.43
N VAL C 244 -57.95 -21.56 -42.13
CA VAL C 244 -57.18 -22.70 -41.65
C VAL C 244 -57.81 -24.04 -41.99
N ASP C 245 -56.98 -25.00 -42.36
CA ASP C 245 -57.45 -26.37 -42.51
C ASP C 245 -57.65 -27.03 -41.16
N MET C 246 -58.52 -28.02 -41.14
CA MET C 246 -58.69 -28.87 -39.98
C MET C 246 -58.73 -30.32 -40.48
N ILE C 247 -57.67 -30.70 -41.19
CA ILE C 247 -57.57 -32.01 -41.83
C ILE C 247 -57.47 -33.21 -40.89
N ASP C 248 -58.18 -34.27 -41.28
CA ASP C 248 -58.18 -35.59 -40.66
C ASP C 248 -56.90 -36.37 -40.91
N LEU C 249 -56.60 -37.30 -40.02
CA LEU C 249 -55.38 -38.08 -40.13
C LEU C 249 -55.68 -39.55 -40.39
N LYS C 250 -54.62 -40.34 -40.52
CA LYS C 250 -54.71 -41.72 -41.00
C LYS C 250 -55.55 -41.82 -42.28
N ASN C 251 -56.84 -42.11 -42.11
CA ASN C 251 -57.75 -42.27 -43.24
C ASN C 251 -57.89 -40.94 -43.97
N ASP C 252 -57.66 -39.86 -43.22
CA ASP C 252 -57.26 -38.56 -43.76
C ASP C 252 -58.22 -37.89 -44.72
N GLU C 253 -58.67 -36.70 -44.34
CA GLU C 253 -59.44 -35.86 -45.24
C GLU C 253 -59.46 -34.42 -44.72
N LEU C 254 -59.55 -33.45 -45.63
CA LEU C 254 -59.89 -32.09 -45.23
C LEU C 254 -61.35 -32.04 -44.81
N LEU C 255 -61.66 -31.25 -43.79
CA LEU C 255 -63.04 -31.13 -43.31
C LEU C 255 -63.61 -29.75 -43.60
N HIS C 256 -63.07 -28.75 -42.93
CA HIS C 256 -63.71 -27.45 -42.82
C HIS C 256 -62.66 -26.37 -42.57
N SER C 257 -62.99 -25.13 -42.92
CA SER C 257 -62.10 -24.02 -42.67
C SER C 257 -62.82 -22.87 -41.96
N PHE C 258 -62.43 -22.68 -40.71
CA PHE C 258 -63.01 -21.65 -39.84
C PHE C 258 -62.68 -20.26 -40.39
N THR C 259 -63.65 -19.34 -40.38
CA THR C 259 -63.40 -18.04 -41.00
C THR C 259 -62.52 -17.16 -40.12
N LEU C 260 -61.43 -16.65 -40.69
CA LEU C 260 -60.45 -15.89 -39.93
C LEU C 260 -59.90 -14.66 -40.65
N PRO C 261 -59.48 -13.64 -39.87
CA PRO C 261 -58.61 -12.54 -40.28
C PRO C 261 -57.22 -13.05 -40.64
N PRO C 262 -56.51 -12.38 -41.56
CA PRO C 262 -55.14 -12.80 -41.87
C PRO C 262 -54.26 -12.70 -40.64
N ILE C 263 -53.31 -13.62 -40.48
CA ILE C 263 -52.63 -13.77 -39.20
C ILE C 263 -51.12 -13.87 -39.37
N LYS C 264 -50.40 -13.32 -38.39
CA LYS C 264 -48.95 -13.32 -38.40
C LYS C 264 -48.37 -14.73 -38.32
N VAL C 265 -47.26 -14.92 -39.02
CA VAL C 265 -46.51 -16.17 -39.00
C VAL C 265 -45.95 -16.40 -37.60
N ASN C 266 -45.75 -17.67 -37.25
CA ASN C 266 -45.17 -18.05 -35.97
C ASN C 266 -46.04 -17.66 -34.80
N THR C 267 -47.35 -17.86 -34.94
CA THR C 267 -48.29 -17.42 -33.93
C THR C 267 -49.37 -18.44 -33.60
N PHE C 268 -49.81 -19.18 -34.61
CA PHE C 268 -50.99 -20.04 -34.50
C PHE C 268 -50.86 -21.21 -33.51
N SER C 269 -51.90 -21.40 -32.70
CA SER C 269 -52.00 -22.55 -31.81
C SER C 269 -53.42 -22.70 -31.24
N VAL C 270 -53.72 -23.89 -30.75
CA VAL C 270 -55.08 -24.28 -30.37
C VAL C 270 -55.10 -24.99 -29.02
N GLY C 271 -56.17 -24.82 -28.25
CA GLY C 271 -56.33 -25.54 -26.99
C GLY C 271 -57.78 -25.94 -26.75
N VAL C 272 -57.99 -26.96 -25.92
CA VAL C 272 -59.35 -27.45 -25.67
C VAL C 272 -59.59 -27.90 -24.24
N SER C 273 -60.79 -27.60 -23.74
CA SER C 273 -61.22 -28.08 -22.43
C SER C 273 -61.69 -29.55 -22.45
N ASN C 274 -61.55 -30.21 -21.30
CA ASN C 274 -62.17 -31.52 -21.09
C ASN C 274 -61.86 -32.60 -22.11
N SER C 275 -60.66 -33.16 -22.05
CA SER C 275 -60.35 -34.34 -22.86
C SER C 275 -61.18 -35.54 -22.42
N ARG C 276 -61.65 -36.31 -23.39
CA ARG C 276 -62.41 -37.54 -23.13
C ARG C 276 -62.46 -38.34 -24.41
N PHE C 277 -62.79 -39.62 -24.32
CA PHE C 277 -62.81 -40.41 -25.54
C PHE C 277 -64.03 -41.34 -25.57
N VAL C 278 -65.21 -40.74 -25.43
CA VAL C 278 -66.46 -41.49 -25.41
C VAL C 278 -66.75 -42.21 -26.72
N ASN C 279 -67.16 -43.46 -26.63
CA ASN C 279 -67.67 -44.24 -27.77
C ASN C 279 -66.70 -44.18 -28.95
N GLY C 280 -65.42 -43.99 -28.65
CA GLY C 280 -64.41 -43.90 -29.68
C GLY C 280 -64.26 -42.49 -30.18
N GLN C 281 -65.24 -41.64 -29.90
CA GLN C 281 -65.16 -40.23 -30.28
C GLN C 281 -64.24 -39.48 -29.32
N PHE C 282 -63.68 -38.35 -29.77
CA PHE C 282 -62.82 -37.56 -28.89
C PHE C 282 -63.35 -36.12 -28.79
N ARG C 283 -64.55 -35.97 -28.25
CA ARG C 283 -65.19 -34.66 -28.07
C ARG C 283 -64.56 -33.85 -26.94
N VAL C 284 -64.65 -32.52 -27.05
CA VAL C 284 -64.18 -31.63 -25.99
C VAL C 284 -65.19 -30.52 -25.72
N SER C 285 -65.23 -30.04 -24.49
CA SER C 285 -66.20 -29.02 -24.07
C SER C 285 -66.06 -27.64 -24.73
N SER C 286 -64.83 -27.24 -25.07
CA SER C 286 -64.60 -25.94 -25.69
C SER C 286 -63.27 -25.87 -26.40
N ILE C 287 -63.17 -24.96 -27.37
CA ILE C 287 -61.96 -24.85 -28.16
C ILE C 287 -61.54 -23.39 -28.27
N SER C 288 -60.24 -23.13 -28.37
CA SER C 288 -59.74 -21.76 -28.37
C SER C 288 -58.44 -21.64 -29.17
N PHE C 289 -58.11 -20.40 -29.57
CA PHE C 289 -57.22 -20.17 -30.69
C PHE C 289 -56.28 -18.98 -30.52
N CYS C 290 -55.09 -19.27 -29.98
CA CYS C 290 -54.00 -18.30 -29.89
C CYS C 290 -53.38 -17.93 -31.22
N PHE C 291 -53.11 -16.64 -31.40
CA PHE C 291 -52.27 -16.12 -32.49
C PHE C 291 -52.06 -14.62 -32.33
N THR C 292 -50.86 -14.14 -32.65
CA THR C 292 -50.66 -12.72 -32.89
C THR C 292 -51.28 -12.32 -34.24
N HIS C 293 -51.86 -11.13 -34.32
CA HIS C 293 -52.41 -10.59 -35.56
C HIS C 293 -51.31 -10.19 -36.56
N ALA C 294 -51.55 -10.41 -37.86
CA ALA C 294 -50.57 -10.10 -38.91
C ALA C 294 -50.28 -8.61 -39.12
N VAL C 295 -51.26 -7.77 -38.85
CA VAL C 295 -51.18 -6.36 -39.21
C VAL C 295 -51.23 -5.45 -38.00
N THR C 296 -52.36 -5.47 -37.32
CA THR C 296 -52.56 -4.71 -36.11
C THR C 296 -51.58 -5.19 -35.06
N GLU C 297 -51.20 -6.45 -35.19
CA GLU C 297 -50.19 -7.10 -34.34
C GLU C 297 -50.62 -7.15 -32.89
N LYS C 298 -51.90 -6.91 -32.65
CA LYS C 298 -52.48 -7.16 -31.34
C LYS C 298 -52.64 -8.66 -31.09
N VAL C 299 -52.45 -9.06 -29.83
CA VAL C 299 -52.62 -10.46 -29.46
C VAL C 299 -54.08 -10.86 -29.64
N LEU C 300 -54.32 -12.07 -30.13
CA LEU C 300 -55.69 -12.48 -30.38
C LEU C 300 -55.92 -13.95 -30.03
N TYR C 301 -57.05 -14.22 -29.38
CA TYR C 301 -57.41 -15.57 -28.95
C TYR C 301 -58.87 -15.84 -29.28
N TYR C 302 -59.16 -16.26 -30.51
CA TYR C 302 -60.57 -16.55 -30.82
C TYR C 302 -61.13 -17.76 -30.09
N TYR C 303 -62.36 -17.64 -29.62
CA TYR C 303 -63.03 -18.73 -28.91
C TYR C 303 -64.12 -19.42 -29.74
N TYR C 304 -64.33 -20.71 -29.49
CA TYR C 304 -65.44 -21.45 -30.07
C TYR C 304 -65.95 -22.55 -29.13
N GLY C 305 -67.19 -22.98 -29.38
CA GLY C 305 -67.96 -23.75 -28.42
C GLY C 305 -68.92 -22.85 -27.67
N ASN C 306 -69.87 -23.46 -26.95
CA ASN C 306 -70.91 -22.68 -26.30
C ASN C 306 -70.88 -22.90 -24.77
N GLU C 307 -71.47 -24.00 -24.30
CA GLU C 307 -71.20 -24.52 -22.94
C GLU C 307 -71.81 -23.50 -21.93
N SER C 308 -71.85 -23.73 -20.60
CA SER C 308 -71.42 -24.90 -19.85
C SER C 308 -72.19 -26.17 -20.18
N ASN C 309 -73.44 -26.00 -20.57
CA ASN C 309 -74.28 -27.11 -20.95
C ASN C 309 -74.88 -26.86 -22.31
N GLU C 310 -74.60 -25.68 -22.85
CA GLU C 310 -75.16 -25.25 -24.12
C GLU C 310 -74.73 -26.10 -25.31
N SER C 311 -73.55 -26.70 -25.25
CA SER C 311 -73.03 -27.42 -26.41
C SER C 311 -71.98 -28.48 -26.09
N TYR C 312 -71.79 -29.38 -27.05
CA TYR C 312 -70.71 -30.37 -27.02
C TYR C 312 -70.09 -30.40 -28.40
N ILE C 313 -68.79 -30.59 -28.47
CA ILE C 313 -68.10 -30.46 -29.75
C ILE C 313 -67.87 -31.81 -30.44
N ILE C 314 -68.67 -32.10 -31.45
CA ILE C 314 -68.37 -33.24 -32.30
C ILE C 314 -67.27 -32.79 -33.23
N LEU C 315 -66.10 -32.56 -32.65
CA LEU C 315 -64.94 -32.29 -33.47
C LEU C 315 -64.73 -33.56 -34.26
N ASN C 316 -64.47 -33.40 -35.56
CA ASN C 316 -64.36 -34.52 -36.46
C ASN C 316 -65.56 -35.46 -36.26
N LYS C 317 -65.34 -36.73 -36.56
CA LYS C 317 -66.12 -37.84 -36.03
C LYS C 317 -65.12 -38.98 -36.02
N TRP C 318 -65.19 -39.84 -35.01
CA TRP C 318 -64.23 -40.95 -34.91
C TRP C 318 -64.35 -41.86 -36.11
N ASP C 319 -65.56 -41.95 -36.60
CA ASP C 319 -65.90 -42.66 -37.81
C ASP C 319 -66.90 -41.75 -38.51
N GLN C 320 -66.57 -41.24 -39.69
CA GLN C 320 -67.45 -40.28 -40.34
C GLN C 320 -68.67 -40.98 -40.93
N GLN C 321 -69.29 -41.80 -40.10
CA GLN C 321 -70.36 -42.69 -40.54
C GLN C 321 -71.49 -42.62 -39.53
N PRO C 322 -72.72 -42.93 -39.97
CA PRO C 322 -73.80 -43.03 -38.98
C PRO C 322 -73.52 -44.16 -37.99
N ASN C 323 -73.91 -43.97 -36.74
CA ASN C 323 -73.57 -44.90 -35.68
C ASN C 323 -74.69 -44.96 -34.66
N LEU C 324 -74.87 -46.14 -34.04
CA LEU C 324 -75.96 -46.34 -33.10
C LEU C 324 -75.55 -47.18 -31.89
N VAL C 325 -74.29 -47.12 -31.51
CA VAL C 325 -73.83 -47.83 -30.32
C VAL C 325 -74.56 -47.29 -29.09
N ASP C 326 -74.99 -48.19 -28.22
CA ASP C 326 -75.81 -47.79 -27.07
C ASP C 326 -75.03 -47.79 -25.76
N VAL C 327 -74.49 -46.62 -25.42
CA VAL C 327 -73.91 -46.35 -24.11
C VAL C 327 -74.33 -44.93 -23.78
N HIS C 328 -74.30 -44.57 -22.50
CA HIS C 328 -74.79 -43.25 -22.11
C HIS C 328 -73.96 -42.13 -22.73
N ASP C 329 -74.65 -41.12 -23.25
CA ASP C 329 -74.02 -39.98 -23.92
C ASP C 329 -74.57 -38.67 -23.40
N PRO C 330 -74.06 -38.19 -22.27
CA PRO C 330 -74.61 -37.00 -21.64
C PRO C 330 -74.57 -35.83 -22.61
N ASP C 331 -73.58 -35.83 -23.50
CA ASP C 331 -73.51 -34.80 -24.51
C ASP C 331 -74.72 -34.77 -25.43
N ASN C 332 -75.42 -35.89 -25.63
CA ASN C 332 -76.58 -35.84 -26.51
C ASN C 332 -77.65 -34.91 -25.96
N SER C 333 -77.70 -34.80 -24.62
CA SER C 333 -78.57 -33.85 -23.98
C SER C 333 -78.16 -32.41 -24.32
N LEU C 334 -76.87 -32.20 -24.52
CA LEU C 334 -76.35 -30.92 -25.00
C LEU C 334 -76.64 -30.75 -26.49
N ALA C 335 -76.79 -29.51 -26.95
CA ALA C 335 -77.08 -29.23 -28.37
C ALA C 335 -75.92 -29.60 -29.29
N SER C 336 -76.26 -30.18 -30.44
CA SER C 336 -75.26 -30.54 -31.45
C SER C 336 -74.62 -29.30 -32.05
N LEU C 337 -73.33 -29.38 -32.35
CA LEU C 337 -72.62 -28.26 -32.97
C LEU C 337 -72.17 -28.49 -34.41
N THR C 338 -72.97 -27.98 -35.34
CA THR C 338 -72.50 -27.70 -36.68
C THR C 338 -71.60 -26.47 -36.61
N PHE C 339 -70.72 -26.32 -37.59
CA PHE C 339 -69.71 -25.26 -37.54
C PHE C 339 -70.36 -23.88 -37.47
N ASP C 340 -71.59 -23.78 -37.97
CA ASP C 340 -72.25 -22.50 -38.20
C ASP C 340 -72.49 -21.66 -36.95
N GLU C 341 -72.74 -22.31 -35.81
CA GLU C 341 -73.10 -21.60 -34.59
C GLU C 341 -71.92 -21.34 -33.64
N LEU C 342 -70.73 -21.75 -34.06
CA LEU C 342 -69.57 -21.69 -33.18
C LEU C 342 -69.20 -20.28 -32.73
N GLN C 343 -69.42 -19.30 -33.60
CA GLN C 343 -69.44 -17.89 -33.22
C GLN C 343 -68.25 -17.41 -32.40
N GLU C 344 -67.20 -16.95 -33.06
CA GLU C 344 -66.00 -16.52 -32.37
C GLU C 344 -66.26 -15.32 -31.47
N ASN C 345 -65.57 -15.27 -30.34
CA ASN C 345 -65.72 -14.19 -29.39
C ASN C 345 -64.50 -13.27 -29.35
N ILE C 346 -64.64 -12.08 -29.94
CA ILE C 346 -63.54 -11.12 -30.04
C ILE C 346 -63.06 -10.60 -28.69
N HIS C 347 -61.74 -10.44 -28.56
CA HIS C 347 -61.16 -9.74 -27.42
C HIS C 347 -59.76 -9.26 -27.77
N GLU C 348 -59.69 -8.30 -28.68
CA GLU C 348 -58.42 -7.73 -29.09
C GLU C 348 -57.75 -7.00 -27.92
N VAL C 349 -56.44 -7.13 -27.82
CA VAL C 349 -55.69 -6.63 -26.67
C VAL C 349 -54.32 -6.10 -27.10
N GLU C 350 -53.75 -5.22 -26.29
CA GLU C 350 -52.45 -4.63 -26.63
C GLU C 350 -51.37 -5.70 -26.68
N ASP C 351 -50.45 -5.55 -27.62
CA ASP C 351 -49.32 -6.46 -27.70
C ASP C 351 -48.46 -6.31 -26.45
N ALA C 352 -48.48 -5.11 -25.88
CA ALA C 352 -47.61 -4.75 -24.77
C ALA C 352 -47.88 -5.62 -23.56
N SER C 353 -49.11 -6.08 -23.42
CA SER C 353 -49.46 -7.03 -22.38
C SER C 353 -49.08 -8.41 -22.86
N GLU C 354 -47.89 -8.87 -22.50
CA GLU C 354 -47.46 -10.18 -22.93
C GLU C 354 -48.42 -11.18 -22.30
N SER C 355 -48.88 -12.16 -23.08
CA SER C 355 -49.94 -13.03 -22.59
C SER C 355 -50.07 -14.33 -23.36
N VAL C 356 -50.70 -15.31 -22.72
CA VAL C 356 -50.93 -16.60 -23.33
C VAL C 356 -52.36 -17.05 -23.04
N MET C 357 -52.90 -17.77 -24.02
CA MET C 357 -54.13 -18.54 -23.88
C MET C 357 -53.85 -19.76 -23.00
N SER C 358 -54.85 -20.17 -22.22
CA SER C 358 -54.71 -21.38 -21.42
C SER C 358 -54.69 -22.61 -22.32
N SER C 359 -54.04 -23.68 -21.88
CA SER C 359 -53.95 -24.88 -22.69
C SER C 359 -55.30 -25.53 -22.97
N ASP C 360 -56.21 -25.41 -22.02
CA ASP C 360 -57.60 -25.82 -22.25
C ASP C 360 -58.33 -24.74 -23.04
N GLY C 361 -57.71 -23.57 -23.10
CA GLY C 361 -58.22 -22.45 -23.88
C GLY C 361 -59.25 -21.63 -23.11
N LEU C 362 -59.56 -22.09 -21.91
CA LEU C 362 -60.61 -21.49 -21.11
C LEU C 362 -60.34 -20.07 -20.62
N TYR C 363 -59.07 -19.74 -20.38
CA TYR C 363 -58.74 -18.50 -19.69
C TYR C 363 -57.53 -17.80 -20.27
N ILE C 364 -57.54 -16.47 -20.25
CA ILE C 364 -56.40 -15.67 -20.67
C ILE C 364 -55.51 -15.36 -19.47
N PHE C 365 -54.18 -15.32 -19.65
CA PHE C 365 -53.34 -14.80 -18.57
C PHE C 365 -52.10 -14.08 -19.10
N GLY C 366 -51.62 -13.09 -18.37
CA GLY C 366 -50.42 -12.37 -18.78
C GLY C 366 -50.15 -11.10 -17.99
N MET C 367 -49.03 -10.46 -18.33
CA MET C 367 -48.55 -9.27 -17.61
C MET C 367 -47.69 -8.36 -18.49
N ARG C 368 -47.41 -7.17 -17.96
CA ARG C 368 -46.47 -6.21 -18.54
C ARG C 368 -46.06 -5.20 -17.49
N ARG C 369 -44.94 -4.51 -17.70
CA ARG C 369 -44.56 -3.43 -16.80
C ARG C 369 -45.00 -2.07 -17.34
N LYS C 370 -45.99 -1.47 -16.68
CA LYS C 370 -46.39 -0.11 -17.01
C LYS C 370 -45.26 0.86 -16.69
N SER C 371 -44.51 0.52 -15.66
CA SER C 371 -43.42 1.37 -15.19
C SER C 371 -42.56 0.62 -14.20
N SER C 372 -41.38 1.16 -13.93
CA SER C 372 -40.48 0.60 -12.93
C SER C 372 -39.57 1.70 -12.45
N SER C 373 -38.91 1.50 -11.30
CA SER C 373 -38.06 2.55 -10.75
C SER C 373 -36.94 1.99 -9.88
N GLY C 374 -35.99 2.86 -9.52
CA GLY C 374 -34.85 2.46 -8.70
C GLY C 374 -35.12 2.45 -7.22
N ILE C 375 -34.12 2.06 -6.45
CA ILE C 375 -34.19 2.07 -4.99
C ILE C 375 -34.40 3.47 -4.45
N SER C 376 -33.88 4.47 -5.17
CA SER C 376 -33.99 5.86 -4.74
C SER C 376 -35.44 6.33 -4.75
N GLU D 10 -34.33 -3.19 -9.01
CA GLU D 10 -35.22 -2.09 -9.34
C GLU D 10 -36.64 -2.29 -8.81
N THR D 11 -37.28 -1.19 -8.44
CA THR D 11 -38.70 -1.20 -8.13
C THR D 11 -39.46 -1.38 -9.44
N GLN D 12 -40.55 -2.13 -9.42
CA GLN D 12 -41.26 -2.44 -10.67
C GLN D 12 -42.78 -2.44 -10.51
N VAL D 13 -43.44 -1.56 -11.26
CA VAL D 13 -44.91 -1.50 -11.28
C VAL D 13 -45.46 -2.44 -12.36
N TRP D 14 -45.52 -3.73 -12.04
CA TRP D 14 -46.04 -4.71 -12.98
C TRP D 14 -47.56 -4.72 -13.05
N GLU D 15 -48.08 -5.18 -14.19
CA GLU D 15 -49.52 -5.17 -14.45
C GLU D 15 -50.09 -6.57 -14.70
N VAL D 16 -50.57 -7.23 -13.64
CA VAL D 16 -51.34 -8.46 -13.81
C VAL D 16 -52.73 -8.13 -14.36
N TRP D 17 -53.28 -9.00 -15.21
CA TRP D 17 -54.69 -8.90 -15.59
C TRP D 17 -55.20 -10.20 -16.22
N MET D 18 -56.52 -10.29 -16.35
CA MET D 18 -57.15 -11.48 -16.91
C MET D 18 -58.45 -11.18 -17.62
N TYR D 19 -58.83 -12.06 -18.54
CA TYR D 19 -60.11 -11.95 -19.23
C TYR D 19 -60.68 -13.33 -19.52
N SER D 20 -61.55 -13.82 -18.65
CA SER D 20 -62.18 -15.11 -18.83
C SER D 20 -63.07 -15.12 -20.06
N GLN D 21 -63.02 -16.22 -20.81
CA GLN D 21 -63.90 -16.45 -21.94
C GLN D 21 -65.22 -17.04 -21.45
N SER D 22 -65.13 -17.90 -20.44
CA SER D 22 -66.29 -18.56 -19.89
C SER D 22 -67.25 -17.55 -19.28
N GLU D 23 -66.70 -16.47 -18.73
CA GLU D 23 -67.51 -15.41 -18.14
C GLU D 23 -67.57 -14.19 -19.05
N LYS D 24 -66.73 -14.18 -20.08
CA LYS D 24 -66.56 -13.01 -20.95
C LYS D 24 -66.30 -11.77 -20.09
N LYS D 25 -65.30 -11.87 -19.21
CA LYS D 25 -65.13 -10.88 -18.15
C LYS D 25 -63.67 -10.48 -17.90
N HIS D 26 -63.42 -9.19 -17.75
CA HIS D 26 -62.08 -8.68 -17.49
C HIS D 26 -61.86 -8.19 -16.06
N ARG D 27 -60.67 -8.44 -15.53
CA ARG D 27 -60.23 -7.93 -14.24
C ARG D 27 -58.73 -7.71 -14.28
N SER D 28 -58.17 -7.11 -13.23
CA SER D 28 -56.74 -6.87 -13.18
C SER D 28 -56.20 -6.69 -11.76
N LYS D 29 -54.89 -6.83 -11.61
CA LYS D 29 -54.22 -6.57 -10.35
C LYS D 29 -52.89 -5.85 -10.58
N SER D 30 -52.51 -5.00 -9.64
CA SER D 30 -51.16 -4.45 -9.62
C SER D 30 -50.18 -5.48 -9.07
N LEU D 31 -48.93 -5.40 -9.49
CA LEU D 31 -47.90 -6.27 -8.93
C LEU D 31 -46.60 -5.50 -8.75
N LYS D 32 -46.38 -4.98 -7.54
CA LYS D 32 -45.14 -4.30 -7.22
C LYS D 32 -43.96 -5.26 -7.21
N MET D 33 -42.81 -4.80 -7.67
CA MET D 33 -41.56 -5.51 -7.48
C MET D 33 -40.41 -4.60 -7.11
N TYR D 34 -40.26 -4.31 -5.83
CA TYR D 34 -39.16 -3.50 -5.35
C TYR D 34 -37.81 -4.20 -5.46
N ASN D 35 -36.79 -3.45 -5.88
CA ASN D 35 -35.40 -3.89 -5.90
C ASN D 35 -35.15 -5.17 -6.74
N SER D 36 -35.95 -5.37 -7.78
CA SER D 36 -35.72 -6.52 -8.66
C SER D 36 -34.40 -6.36 -9.42
N LEU D 37 -33.63 -7.45 -9.48
CA LEU D 37 -32.39 -7.46 -10.26
C LEU D 37 -32.69 -7.84 -11.71
N ILE D 38 -33.92 -8.32 -11.94
CA ILE D 38 -34.35 -8.70 -13.27
C ILE D 38 -34.55 -7.44 -14.11
N ILE D 39 -34.30 -7.55 -15.40
CA ILE D 39 -34.41 -6.40 -16.28
C ILE D 39 -35.28 -6.76 -17.49
N ALA D 40 -35.32 -8.05 -17.80
CA ALA D 40 -35.90 -8.57 -19.03
C ALA D 40 -37.42 -8.48 -19.12
N ASP D 41 -37.92 -8.43 -20.36
CA ASP D 41 -39.35 -8.56 -20.64
C ASP D 41 -39.81 -10.00 -20.44
N PRO D 42 -41.10 -10.19 -20.08
CA PRO D 42 -41.67 -11.52 -19.87
C PRO D 42 -41.67 -12.38 -21.13
N GLY D 43 -41.51 -13.69 -20.94
CA GLY D 43 -41.42 -14.61 -22.06
C GLY D 43 -40.01 -15.16 -22.24
N PRO D 44 -39.88 -16.31 -22.93
CA PRO D 44 -40.95 -17.14 -23.50
C PRO D 44 -41.88 -17.72 -22.44
N SER D 45 -43.16 -17.84 -22.77
CA SER D 45 -44.16 -18.27 -21.82
C SER D 45 -44.62 -19.69 -22.09
N LEU D 46 -45.13 -20.36 -21.06
CA LEU D 46 -45.66 -21.70 -21.25
C LEU D 46 -46.56 -22.11 -20.08
N ALA D 47 -47.79 -22.48 -20.39
CA ALA D 47 -48.73 -22.88 -19.35
C ALA D 47 -48.22 -24.12 -18.64
N VAL D 48 -48.27 -24.08 -17.31
CA VAL D 48 -47.81 -25.22 -16.51
C VAL D 48 -48.99 -26.15 -16.25
N SER D 49 -50.18 -25.71 -16.66
CA SER D 49 -51.40 -26.52 -16.60
C SER D 49 -52.53 -25.76 -17.30
N ASP D 50 -53.71 -26.36 -17.33
CA ASP D 50 -54.88 -25.67 -17.87
C ASP D 50 -55.27 -24.45 -17.03
N ARG D 51 -55.01 -24.53 -15.74
CA ARG D 51 -55.39 -23.45 -14.82
C ARG D 51 -54.22 -22.57 -14.43
N CYS D 52 -53.02 -22.94 -14.83
CA CYS D 52 -51.83 -22.25 -14.34
C CYS D 52 -50.72 -22.19 -15.38
N VAL D 53 -49.94 -21.11 -15.33
CA VAL D 53 -48.91 -20.85 -16.34
C VAL D 53 -47.60 -20.44 -15.69
N ALA D 54 -46.50 -20.88 -16.30
CA ALA D 54 -45.17 -20.41 -15.94
C ALA D 54 -44.61 -19.53 -17.04
N ILE D 55 -43.85 -18.50 -16.67
CA ILE D 55 -43.31 -17.54 -17.63
C ILE D 55 -41.90 -17.09 -17.26
N VAL D 56 -41.02 -17.00 -18.25
CA VAL D 56 -39.68 -16.47 -18.03
C VAL D 56 -39.68 -15.01 -17.60
N LEU D 57 -38.91 -14.71 -16.56
CA LEU D 57 -38.68 -13.35 -16.08
C LEU D 57 -37.25 -13.30 -15.58
N GLY D 58 -36.34 -12.97 -16.49
CA GLY D 58 -34.92 -13.04 -16.18
C GLY D 58 -34.63 -14.50 -15.90
N ASN D 59 -33.72 -14.77 -14.97
CA ASN D 59 -33.50 -16.13 -14.50
C ASN D 59 -34.69 -16.67 -13.72
N TYR D 60 -35.45 -15.77 -13.09
CA TYR D 60 -36.59 -16.20 -12.29
C TYR D 60 -37.80 -16.53 -13.15
N VAL D 61 -38.69 -17.37 -12.65
CA VAL D 61 -39.89 -17.72 -13.41
C VAL D 61 -41.17 -17.44 -12.63
N ALA D 62 -42.02 -16.61 -13.21
CA ALA D 62 -43.34 -16.36 -12.64
C ALA D 62 -44.18 -17.63 -12.74
N LEU D 63 -44.91 -17.93 -11.68
CA LEU D 63 -45.90 -19.00 -11.69
C LEU D 63 -47.23 -18.43 -11.22
N VAL D 64 -48.27 -18.64 -12.01
CA VAL D 64 -49.57 -18.07 -11.68
C VAL D 64 -50.63 -19.15 -11.87
N GLY D 65 -51.70 -19.12 -11.08
CA GLY D 65 -52.78 -20.09 -11.27
C GLY D 65 -54.09 -19.76 -10.57
N TYR D 66 -55.14 -20.43 -11.01
CA TYR D 66 -56.48 -20.25 -10.43
C TYR D 66 -57.21 -21.58 -10.24
N GLY D 67 -57.64 -21.86 -9.02
CA GLY D 67 -58.37 -23.07 -8.73
C GLY D 67 -57.39 -24.21 -8.65
N SER D 68 -56.11 -23.86 -8.70
CA SER D 68 -55.03 -24.82 -8.76
C SER D 68 -54.83 -25.59 -7.46
N GLU D 69 -54.49 -26.86 -7.60
CA GLU D 69 -54.16 -27.70 -6.44
C GLU D 69 -52.71 -27.47 -6.01
N ILE D 70 -51.98 -26.78 -6.86
CA ILE D 70 -50.55 -26.55 -6.68
C ILE D 70 -50.29 -25.66 -5.47
N PHE D 71 -51.28 -24.81 -5.14
CA PHE D 71 -51.15 -23.86 -4.04
C PHE D 71 -51.66 -24.44 -2.74
N GLY E 2 31.45 29.38 7.12
CA GLY E 2 30.07 29.75 6.88
C GLY E 2 29.65 29.56 5.43
N TRP E 3 29.22 28.35 5.09
CA TRP E 3 28.85 28.05 3.71
C TRP E 3 27.63 28.81 3.21
N SER E 4 27.71 29.17 1.95
CA SER E 4 26.60 29.67 1.18
C SER E 4 26.89 29.25 -0.23
N ASP E 5 25.86 29.20 -1.06
CA ASP E 5 26.02 28.66 -2.39
C ASP E 5 27.05 29.49 -3.19
N HIS E 6 27.15 30.78 -2.86
CA HIS E 6 28.32 31.58 -3.22
C HIS E 6 28.42 32.88 -2.42
N ASP E 7 29.41 32.92 -1.53
CA ASP E 7 29.76 34.13 -0.79
C ASP E 7 30.27 35.22 -1.72
N GLU E 8 29.97 36.47 -1.41
CA GLU E 8 30.59 37.56 -2.15
C GLU E 8 30.79 38.81 -1.29
N LEU E 9 31.77 39.61 -1.70
CA LEU E 9 32.13 40.84 -1.03
C LEU E 9 32.45 41.87 -2.12
N SER E 10 32.34 43.16 -1.84
CA SER E 10 32.61 44.18 -2.85
C SER E 10 34.07 44.12 -3.29
N THR E 11 34.30 44.31 -4.58
CA THR E 11 35.66 44.24 -5.12
C THR E 11 36.50 45.34 -4.49
N ASP E 12 37.70 44.98 -4.07
CA ASP E 12 38.57 45.91 -3.37
C ASP E 12 39.18 46.96 -4.28
N THR E 13 39.31 48.18 -3.75
CA THR E 13 40.01 49.25 -4.46
C THR E 13 41.28 49.66 -3.73
N THR E 14 41.58 48.97 -2.63
CA THR E 14 42.73 49.32 -1.81
C THR E 14 43.58 48.11 -1.44
N LEU E 15 44.89 48.32 -1.36
CA LEU E 15 45.78 47.28 -0.86
C LEU E 15 45.49 47.06 0.61
N HIS E 16 44.86 48.06 1.23
CA HIS E 16 44.41 47.96 2.60
C HIS E 16 43.41 46.83 2.72
N GLU E 17 42.66 46.61 1.64
CA GLU E 17 41.69 45.53 1.61
C GLU E 17 42.18 44.35 0.79
N GLU E 18 43.24 44.54 0.03
CA GLU E 18 43.74 43.51 -0.89
C GLU E 18 44.23 42.27 -0.16
N LYS E 19 45.14 42.49 0.78
CA LYS E 19 45.66 41.41 1.59
C LYS E 19 44.59 40.94 2.55
N PHE E 20 43.63 41.81 2.83
CA PHE E 20 42.50 41.43 3.66
C PHE E 20 41.74 40.34 2.91
N ARG E 21 41.34 39.30 3.63
CA ARG E 21 40.86 38.06 3.03
C ARG E 21 39.94 37.33 3.99
N ILE E 22 39.17 36.39 3.46
CA ILE E 22 38.27 35.60 4.29
C ILE E 22 37.96 34.24 3.67
N GLU E 23 38.31 33.16 4.35
CA GLU E 23 38.05 31.86 3.77
C GLU E 23 37.40 30.87 4.73
N PRO E 24 36.52 30.02 4.19
CA PRO E 24 35.94 28.78 4.73
C PRO E 24 36.95 27.65 4.98
N VAL E 25 36.71 26.84 6.00
CA VAL E 25 37.17 25.46 6.00
C VAL E 25 35.96 24.56 5.69
N PRO E 26 36.00 23.88 4.55
CA PRO E 26 34.89 23.01 4.12
C PRO E 26 34.55 21.92 5.12
N VAL E 27 35.57 21.41 5.82
CA VAL E 27 35.35 20.35 6.81
C VAL E 27 34.49 20.91 7.92
N HIS E 28 33.59 20.09 8.45
CA HIS E 28 32.58 20.58 9.37
C HIS E 28 32.03 19.54 10.33
N HIS E 29 31.54 20.03 11.47
CA HIS E 29 30.71 19.22 12.34
C HIS E 29 29.37 18.95 11.69
N GLN E 30 28.75 17.83 12.06
CA GLN E 30 27.41 17.50 11.58
C GLN E 30 26.41 18.54 12.07
N LEU E 31 26.75 19.19 13.19
CA LEU E 31 25.83 20.07 13.90
C LEU E 31 26.58 21.22 14.56
N ASP E 32 25.85 22.20 15.06
CA ASP E 32 26.45 23.47 15.49
C ASP E 32 27.47 23.35 16.63
N ILE E 33 28.45 24.26 16.60
CA ILE E 33 29.58 24.25 17.52
C ILE E 33 29.20 24.48 18.99
N LEU E 34 29.89 23.79 19.89
CA LEU E 34 29.79 24.05 21.33
C LEU E 34 30.93 24.92 21.85
N LYS E 35 32.14 24.38 21.82
CA LYS E 35 33.28 25.06 22.41
C LYS E 35 34.59 24.57 21.78
N ILE E 36 35.65 25.36 21.87
CA ILE E 36 36.92 25.07 21.20
C ILE E 36 38.12 25.51 22.02
N ALA E 37 39.30 25.10 21.56
CA ALA E 37 40.56 25.47 22.21
C ALA E 37 41.68 25.52 21.18
N VAL E 38 42.79 26.19 21.50
CA VAL E 38 43.81 26.47 20.50
C VAL E 38 45.24 26.45 21.02
N SER E 39 46.15 25.96 20.18
CA SER E 39 47.59 25.98 20.44
C SER E 39 48.20 27.39 20.33
N GLU E 40 49.25 27.63 21.11
N GLU E 40 49.25 27.62 21.10
CA GLU E 40 50.01 28.87 21.02
CA GLU E 40 49.97 28.89 21.01
C GLU E 40 50.73 28.99 19.70
C GLU E 40 50.73 28.99 19.70
N ASN E 41 51.07 27.84 19.11
CA ASN E 41 51.81 27.81 17.87
C ASN E 41 51.02 28.41 16.71
N TYR E 42 49.70 28.41 16.87
CA TYR E 42 48.73 28.87 15.88
C TYR E 42 48.58 27.85 14.74
N LYS E 43 49.59 27.00 14.56
CA LYS E 43 49.55 25.98 13.53
C LYS E 43 48.44 24.94 13.77
N THR E 44 48.17 24.66 15.03
CA THR E 44 47.21 23.63 15.41
C THR E 44 45.84 24.23 15.76
N PHE E 45 44.77 23.52 15.44
CA PHE E 45 43.47 23.92 15.95
C PHE E 45 42.57 22.73 16.25
N ALA E 46 41.65 22.93 17.20
CA ALA E 46 40.74 21.89 17.67
C ALA E 46 39.32 22.43 17.90
N SER E 47 38.32 21.58 17.78
CA SER E 47 36.93 22.01 17.84
C SER E 47 35.94 20.89 18.15
N VAL E 48 34.79 21.27 18.72
CA VAL E 48 33.71 20.36 19.09
C VAL E 48 32.33 20.99 18.87
N GLY E 49 31.40 20.23 18.31
CA GLY E 49 30.04 20.69 18.08
C GLY E 49 29.00 20.38 19.16
N LEU E 50 27.73 20.69 18.90
CA LEU E 50 26.62 20.28 19.77
C LEU E 50 26.45 18.77 19.78
N ASP E 51 26.84 18.15 18.67
CA ASP E 51 26.83 16.70 18.54
C ASP E 51 28.08 16.13 19.20
N ARG E 52 28.94 17.05 19.64
CA ARG E 52 30.16 16.77 20.37
C ARG E 52 31.14 15.90 19.57
N CYS E 53 31.05 15.97 18.25
CA CYS E 53 32.07 15.36 17.40
C CYS E 53 33.35 16.17 17.55
N LEU E 54 34.49 15.49 17.54
CA LEU E 54 35.76 16.20 17.61
C LEU E 54 36.36 16.42 16.24
N VAL E 55 37.00 17.57 16.04
CA VAL E 55 37.70 17.83 14.80
C VAL E 55 38.99 18.60 15.07
N VAL E 56 40.07 18.26 14.39
CA VAL E 56 41.28 19.06 14.49
C VAL E 56 41.93 19.26 13.12
N TRP E 57 42.53 20.43 12.96
CA TRP E 57 42.86 20.99 11.65
C TRP E 57 44.11 21.86 11.69
N ASP E 58 44.85 21.85 10.58
CA ASP E 58 46.07 22.65 10.45
C ASP E 58 45.78 23.95 9.71
N LEU E 59 46.40 25.02 10.16
CA LEU E 59 46.04 26.33 9.66
C LEU E 59 46.76 26.74 8.38
N ARG E 60 48.06 26.49 8.33
CA ARG E 60 48.87 26.92 7.19
C ARG E 60 48.89 25.91 6.04
N GLN E 61 48.99 24.63 6.37
CA GLN E 61 49.06 23.60 5.35
C GLN E 61 47.69 23.18 4.85
N TRP E 62 46.64 23.67 5.53
CA TRP E 62 45.27 23.50 5.07
C TRP E 62 44.88 22.05 4.74
N CYS E 63 45.41 21.10 5.49
CA CYS E 63 45.12 19.69 5.23
C CYS E 63 44.51 19.04 6.47
N THR E 64 43.64 18.05 6.25
CA THR E 64 42.92 17.42 7.35
C THR E 64 43.86 16.70 8.30
N LYS E 65 43.54 16.79 9.59
CA LYS E 65 44.32 16.14 10.62
C LYS E 65 43.51 15.05 11.31
N LEU E 66 42.38 15.39 11.92
CA LEU E 66 41.61 14.31 12.53
C LEU E 66 40.13 14.63 12.72
N VAL E 67 39.33 13.56 12.73
CA VAL E 67 37.88 13.62 12.85
C VAL E 67 37.40 12.51 13.78
N LEU E 68 36.38 12.78 14.60
CA LEU E 68 35.79 11.78 15.48
C LEU E 68 34.28 11.96 15.65
N SER E 69 33.53 10.93 15.27
CA SER E 69 32.07 10.89 15.41
C SER E 69 31.64 10.71 16.87
N LYS E 70 30.41 11.11 17.19
CA LYS E 70 29.91 11.15 18.57
C LYS E 70 29.88 9.79 19.28
N GLU E 71 29.62 8.73 18.52
CA GLU E 71 29.37 7.42 19.11
C GLU E 71 30.68 6.73 19.45
N GLN E 72 31.77 7.36 19.05
CA GLN E 72 33.11 6.95 19.46
C GLN E 72 33.40 7.52 20.84
N MET E 73 32.48 8.33 21.36
CA MET E 73 32.77 9.12 22.55
C MET E 73 31.73 8.94 23.66
N PRO E 74 32.15 9.15 24.92
CA PRO E 74 31.33 9.13 26.13
C PRO E 74 30.25 10.22 26.18
N ARG E 75 29.11 9.90 26.79
CA ARG E 75 27.96 10.81 26.86
C ARG E 75 28.23 12.13 27.57
N THR E 76 29.10 12.11 28.58
CA THR E 76 29.46 13.35 29.27
C THR E 76 30.83 13.85 28.83
N LEU E 77 30.92 15.14 28.55
CA LEU E 77 32.16 15.77 28.11
C LEU E 77 32.23 17.19 28.65
N LYS E 78 32.42 17.30 29.96
CA LYS E 78 32.39 18.60 30.62
C LYS E 78 33.49 19.55 30.20
N ALA E 79 34.63 19.01 29.76
CA ALA E 79 35.78 19.89 29.54
C ALA E 79 36.76 19.44 28.47
N ILE E 80 37.67 20.36 28.15
CA ILE E 80 38.62 20.21 27.07
C ILE E 80 39.89 20.98 27.38
N ALA E 81 41.04 20.49 26.92
CA ALA E 81 42.28 21.21 27.14
C ALA E 81 43.39 20.80 26.17
N LEU E 82 44.32 21.72 25.95
CA LEU E 82 45.40 21.53 24.98
C LEU E 82 46.75 21.97 25.52
N ASP E 83 47.79 21.23 25.15
CA ASP E 83 49.15 21.62 25.47
C ASP E 83 49.58 22.83 24.64
N PRO E 84 50.48 23.66 25.19
CA PRO E 84 50.95 24.86 24.49
C PRO E 84 51.60 24.56 23.14
N GLN E 85 52.27 23.41 23.03
CA GLN E 85 52.84 23.00 21.76
C GLN E 85 51.78 22.70 20.70
N GLY E 86 50.62 22.23 21.16
CA GLY E 86 49.54 21.90 20.25
C GLY E 86 49.73 20.52 19.65
N ASN E 87 50.76 19.83 20.11
CA ASN E 87 51.10 18.52 19.55
C ASN E 87 50.24 17.40 20.13
N TYR E 88 49.47 17.72 21.16
CA TYR E 88 48.71 16.72 21.87
C TYR E 88 47.40 17.27 22.42
N VAL E 89 46.49 16.37 22.78
CA VAL E 89 45.14 16.75 23.11
C VAL E 89 44.64 16.08 24.37
N SER E 90 43.86 16.82 25.15
CA SER E 90 43.26 16.30 26.37
C SER E 90 41.77 16.61 26.46
N LEU E 91 41.01 15.65 26.96
CA LEU E 91 39.58 15.80 27.11
C LEU E 91 39.07 15.30 28.45
N PHE E 92 38.14 16.05 29.02
CA PHE E 92 37.56 15.69 30.31
C PHE E 92 36.10 15.29 30.25
N SER E 93 35.88 13.99 30.13
CA SER E 93 34.64 13.38 30.55
C SER E 93 34.65 13.42 32.07
N LYS E 94 33.46 13.44 32.67
CA LYS E 94 33.35 13.72 34.10
C LYS E 94 34.09 12.71 34.96
N ASP E 95 34.17 11.46 34.49
CA ASP E 95 34.79 10.39 35.26
C ASP E 95 36.24 10.05 34.88
N THR E 96 36.59 10.28 33.62
CA THR E 96 37.92 9.86 33.13
C THR E 96 38.38 10.73 31.96
N LEU E 97 39.66 11.09 31.97
CA LEU E 97 40.24 11.93 30.93
C LEU E 97 40.94 11.16 29.82
N PHE E 98 40.78 11.64 28.58
CA PHE E 98 41.54 11.11 27.44
C PHE E 98 42.74 11.96 27.08
N ILE E 99 43.83 11.32 26.71
CA ILE E 99 45.02 12.00 26.19
C ILE E 99 45.45 11.36 24.87
N LEU E 100 45.23 12.09 23.78
CA LEU E 100 45.50 11.59 22.43
C LEU E 100 46.40 12.52 21.62
N ASN E 101 47.38 11.93 20.93
CA ASN E 101 48.17 12.65 19.94
C ASN E 101 47.37 12.87 18.67
N VAL E 102 47.66 13.96 17.95
CA VAL E 102 47.05 14.19 16.64
C VAL E 102 48.05 14.00 15.51
N GLU E 103 49.25 14.53 15.69
CA GLU E 103 50.29 14.41 14.69
C GLU E 103 50.66 12.94 14.50
N SER E 104 50.52 12.17 15.57
CA SER E 104 50.74 10.73 15.53
C SER E 104 49.58 10.02 16.23
N PRO E 105 48.43 9.91 15.55
CA PRO E 105 47.19 9.44 16.19
C PRO E 105 47.35 8.08 16.85
N SER E 106 47.40 8.11 18.18
CA SER E 106 47.55 6.91 18.99
C SER E 106 46.97 7.17 20.38
N LEU E 107 46.58 6.11 21.08
CA LEU E 107 45.97 6.28 22.40
C LEU E 107 47.08 6.44 23.43
N MET E 108 47.59 7.66 23.56
CA MET E 108 48.71 7.88 24.47
C MET E 108 48.38 7.58 25.92
N LEU E 109 47.16 7.91 26.34
CA LEU E 109 46.74 7.54 27.69
C LEU E 109 45.27 7.77 27.97
N GLN E 110 44.77 7.07 28.98
CA GLN E 110 43.45 7.29 29.54
C GLN E 110 43.55 7.19 31.05
N HIS E 111 42.86 8.07 31.78
CA HIS E 111 43.03 8.06 33.23
C HIS E 111 41.88 8.66 34.03
N SER E 112 41.35 7.88 34.98
CA SER E 112 40.28 8.34 35.85
C SER E 112 40.76 9.44 36.80
N TYR E 113 39.89 10.39 37.12
CA TYR E 113 40.28 11.52 37.97
C TYR E 113 39.15 12.02 38.85
N HIS E 114 39.51 12.67 39.94
CA HIS E 114 38.54 13.20 40.90
C HIS E 114 37.65 14.31 40.33
N CYS E 115 36.42 14.35 40.80
CA CYS E 115 35.47 15.38 40.39
C CYS E 115 34.36 15.58 41.44
N LYS E 116 33.77 16.76 41.45
CA LYS E 116 32.63 17.07 42.32
C LYS E 116 31.50 17.71 41.51
N PRO E 117 30.76 16.90 40.73
CA PRO E 117 29.68 17.39 39.88
C PRO E 117 28.56 18.04 40.68
N ASN E 118 27.91 19.06 40.12
CA ASN E 118 28.19 19.52 38.77
C ASN E 118 28.81 20.92 38.77
N SER E 119 29.76 21.13 39.68
CA SER E 119 30.47 22.40 39.76
C SER E 119 31.26 22.65 38.48
N LYS E 120 31.27 23.90 38.00
CA LYS E 120 31.93 24.20 36.73
C LYS E 120 33.45 24.01 36.75
N LEU E 121 33.93 23.38 35.70
CA LEU E 121 35.35 23.16 35.47
C LEU E 121 36.10 24.37 34.93
N ASN E 122 37.40 24.38 35.20
CA ASN E 122 38.35 25.23 34.51
C ASN E 122 39.67 24.49 34.54
N VAL E 123 40.55 24.72 33.57
CA VAL E 123 41.69 23.83 33.36
C VAL E 123 42.94 24.57 32.87
N PHE E 124 44.12 24.12 33.29
CA PHE E 124 45.36 24.73 32.80
C PHE E 124 46.56 23.79 32.64
N TRP E 125 47.08 23.74 31.42
CA TRP E 125 48.35 23.08 31.11
C TRP E 125 49.58 23.89 31.54
N MET E 126 50.64 23.17 31.90
CA MET E 126 51.92 23.79 32.31
C MET E 126 53.11 22.95 31.85
N PRO E 127 53.90 23.45 30.88
CA PRO E 127 55.07 22.73 30.36
C PRO E 127 56.16 22.48 31.40
N GLY E 128 56.83 21.34 31.30
CA GLY E 128 57.81 20.93 32.29
C GLY E 128 59.23 21.40 31.98
N THR E 129 60.22 20.70 32.52
CA THR E 129 61.63 21.04 32.34
C THR E 129 62.00 20.92 30.86
N HIS E 130 61.16 20.24 30.10
CA HIS E 130 61.21 20.29 28.65
C HIS E 130 62.29 19.42 28.02
N LYS E 131 62.08 19.08 26.74
CA LYS E 131 63.00 18.28 25.95
C LYS E 131 62.30 17.73 24.73
N ASP E 132 61.28 18.43 24.27
CA ASP E 132 60.49 17.95 23.13
C ASP E 132 61.37 17.92 21.89
N ASP E 133 61.19 16.91 21.03
CA ASP E 133 60.22 15.85 21.25
C ASP E 133 60.75 14.70 22.12
N GLU E 134 62.04 14.72 22.41
CA GLU E 134 62.72 13.52 22.91
C GLU E 134 62.16 13.02 24.23
N TRP E 135 61.71 13.95 25.07
CA TRP E 135 60.99 13.60 26.28
C TRP E 135 60.24 14.82 26.84
N LYS E 136 59.18 14.56 27.61
CA LYS E 136 58.21 15.60 27.94
C LYS E 136 57.63 15.41 29.33
N ASN E 137 56.96 16.45 29.82
CA ASN E 137 56.17 16.37 31.05
C ASN E 137 55.17 17.51 31.09
N PHE E 138 54.10 17.32 31.85
CA PHE E 138 53.09 18.36 32.01
C PHE E 138 52.56 18.45 33.41
N GLU E 139 51.99 19.61 33.74
CA GLU E 139 51.46 19.90 35.06
C GLU E 139 49.99 20.30 34.96
N LEU E 140 49.09 19.35 35.15
CA LEU E 140 47.68 19.60 34.91
C LEU E 140 46.97 20.24 36.08
N VAL E 141 46.85 21.56 36.03
CA VAL E 141 45.93 22.29 36.88
C VAL E 141 44.47 22.02 36.53
N VAL E 142 43.63 21.82 37.55
CA VAL E 142 42.20 21.65 37.36
C VAL E 142 41.44 22.50 38.38
N VAL E 143 41.21 23.75 37.98
CA VAL E 143 40.42 24.72 38.73
C VAL E 143 38.95 24.31 38.81
N GLU E 144 38.32 24.60 39.94
CA GLU E 144 36.93 24.20 40.14
C GLU E 144 36.14 25.32 40.84
N SER E 145 34.84 25.42 40.52
CA SER E 145 33.98 26.43 41.13
C SER E 145 33.84 26.17 42.63
N SER E 146 34.12 24.93 43.01
CA SER E 146 34.22 24.56 44.41
C SER E 146 35.36 25.30 45.08
N GLY E 147 36.31 25.75 44.27
CA GLY E 147 37.50 26.42 44.74
C GLY E 147 38.63 25.43 44.99
N GLU E 148 38.33 24.16 44.81
CA GLU E 148 39.39 23.18 44.72
C GLU E 148 40.20 23.43 43.46
N ILE E 149 41.50 23.26 43.55
CA ILE E 149 42.37 23.38 42.39
C ILE E 149 43.36 22.24 42.36
N GLN E 150 43.07 21.26 41.51
CA GLN E 150 43.89 20.08 41.39
C GLN E 150 45.19 20.42 40.68
N VAL E 151 46.26 19.70 40.98
CA VAL E 151 47.44 19.74 40.11
C VAL E 151 48.04 18.34 39.98
N PHE E 152 48.40 17.99 38.76
CA PHE E 152 48.86 16.63 38.46
C PHE E 152 50.19 16.60 37.73
N SER E 153 51.02 15.62 38.09
CA SER E 153 52.17 15.25 37.28
C SER E 153 51.70 14.51 36.04
N LEU E 154 52.41 14.69 34.94
CA LEU E 154 52.11 13.92 33.74
C LEU E 154 53.31 13.93 32.82
N THR E 155 54.38 13.25 33.25
CA THR E 155 55.53 13.07 32.37
C THR E 155 55.08 12.21 31.20
N ILE E 156 55.53 12.56 30.00
CA ILE E 156 55.12 11.84 28.81
C ILE E 156 56.27 11.68 27.83
N GLU E 157 56.32 10.52 27.20
CA GLU E 157 57.36 10.18 26.25
C GLU E 157 56.72 9.41 25.11
N ILE E 158 57.42 9.33 23.99
CA ILE E 158 56.88 8.74 22.77
C ILE E 158 56.59 7.27 23.01
N GLU E 159 57.29 6.72 24.01
CA GLU E 159 57.12 5.33 24.40
C GLU E 159 55.71 5.04 24.88
N GLY E 160 55.02 6.07 25.36
CA GLY E 160 53.67 5.91 25.82
C GLY E 160 53.50 6.81 27.02
N ALA E 161 52.40 7.53 27.07
CA ALA E 161 52.22 8.51 28.12
C ALA E 161 52.18 7.82 29.47
N ASP E 162 52.84 8.44 30.45
CA ASP E 162 52.92 7.90 31.79
C ASP E 162 52.20 8.88 32.69
N ILE E 163 51.68 8.44 33.84
CA ILE E 163 50.90 9.37 34.64
C ILE E 163 50.98 9.11 36.15
N ALA E 164 50.96 10.19 36.92
CA ALA E 164 50.87 10.11 38.37
C ALA E 164 50.30 11.41 38.96
N LEU E 165 49.50 11.28 40.00
CA LEU E 165 48.95 12.43 40.71
C LEU E 165 50.01 13.07 41.60
N VAL E 166 49.90 14.38 41.83
CA VAL E 166 50.76 15.01 42.83
C VAL E 166 50.00 15.76 43.94
N GLU E 167 49.20 16.78 43.62
CA GLU E 167 48.64 17.58 44.71
C GLU E 167 47.20 18.04 44.53
N LYS E 168 46.56 18.33 45.66
CA LYS E 168 45.19 18.86 45.70
C LYS E 168 45.12 20.18 46.46
N PHE E 169 45.19 21.29 45.75
CA PHE E 169 44.90 22.58 46.37
C PHE E 169 43.42 22.62 46.73
N GLN E 170 43.08 23.25 47.85
CA GLN E 170 41.68 23.42 48.21
C GLN E 170 41.45 24.83 48.70
N LEU E 171 41.36 25.74 47.74
CA LEU E 171 41.28 27.15 48.04
C LEU E 171 39.93 27.51 48.64
N SER E 172 39.95 28.52 49.49
CA SER E 172 38.75 29.02 50.13
C SER E 172 37.80 29.64 49.11
N SER E 173 36.50 29.45 49.33
CA SER E 173 35.44 30.16 48.60
C SER E 173 35.32 29.78 47.13
N PRO E 174 34.11 29.90 46.59
CA PRO E 174 33.85 29.76 45.15
C PRO E 174 34.57 30.85 44.37
N ILE E 175 35.01 30.53 43.16
CA ILE E 175 35.87 31.41 42.38
C ILE E 175 35.25 32.01 41.11
N ILE E 176 35.49 33.30 40.89
CA ILE E 176 35.13 33.97 39.64
C ILE E 176 36.02 33.57 38.47
N LYS E 177 37.32 33.63 38.70
CA LYS E 177 38.28 33.52 37.62
C LYS E 177 39.69 33.18 38.14
N SER E 178 40.48 32.50 37.31
CA SER E 178 41.89 32.26 37.59
C SER E 178 42.57 31.86 36.30
N ILE E 179 43.88 32.10 36.18
CA ILE E 179 44.59 31.76 34.95
C ILE E 179 46.07 31.42 35.15
N SER E 180 46.57 30.56 34.27
CA SER E 180 47.99 30.23 34.23
C SER E 180 48.84 31.38 33.70
N ILE E 181 50.05 31.50 34.25
CA ILE E 181 51.00 32.55 33.88
C ILE E 181 52.45 32.06 33.99
N VAL E 182 53.00 31.54 32.90
CA VAL E 182 54.36 31.00 32.95
C VAL E 182 55.42 31.99 32.45
N SER E 183 56.18 32.56 33.37
CA SER E 183 57.36 33.32 33.02
C SER E 183 58.42 32.34 32.53
N PRO E 184 59.25 32.77 31.57
CA PRO E 184 60.29 31.86 31.12
C PRO E 184 61.20 31.42 32.27
N THR E 185 61.42 32.32 33.22
CA THR E 185 62.14 31.97 34.43
C THR E 185 61.38 31.00 35.31
N ALA E 186 60.05 31.13 35.33
CA ALA E 186 59.28 30.37 36.31
C ALA E 186 57.78 30.30 36.03
N ASN E 187 57.19 29.17 36.43
CA ASN E 187 55.74 29.03 36.51
C ASN E 187 55.09 29.87 37.60
N ARG E 188 53.95 30.46 37.27
CA ARG E 188 53.15 31.23 38.22
C ARG E 188 51.69 31.05 37.81
N ILE E 189 50.75 31.08 38.75
CA ILE E 189 49.34 30.97 38.41
C ILE E 189 48.46 31.84 39.30
N ALA E 190 47.75 32.75 38.63
CA ALA E 190 46.80 33.67 39.22
C ALA E 190 45.47 33.04 39.58
N CYS E 191 44.83 33.60 40.59
CA CYS E 191 43.60 33.06 41.15
C CYS E 191 42.75 34.15 41.83
N LEU E 192 41.87 34.77 41.05
CA LEU E 192 40.82 35.64 41.61
C LEU E 192 39.82 34.84 42.42
N THR E 193 39.31 35.41 43.50
CA THR E 193 38.16 34.82 44.20
C THR E 193 36.88 35.61 43.93
N GLU E 194 35.75 34.97 44.16
CA GLU E 194 34.48 35.69 44.25
C GLU E 194 34.55 36.61 45.46
N SER E 195 35.39 36.23 46.41
CA SER E 195 35.76 37.07 47.54
C SER E 195 36.56 38.27 47.05
N GLY E 196 37.12 38.14 45.85
CA GLY E 196 37.96 39.17 45.27
C GLY E 196 39.43 39.04 45.63
N GLU E 197 39.74 38.01 46.43
CA GLU E 197 41.14 37.67 46.74
C GLU E 197 41.87 37.22 45.50
N VAL E 198 43.15 37.54 45.40
CA VAL E 198 43.91 37.22 44.21
C VAL E 198 45.20 36.46 44.54
N THR E 199 45.04 35.19 44.90
CA THR E 199 46.18 34.36 45.28
C THR E 199 46.97 33.93 44.06
N VAL E 200 48.27 33.70 44.23
CA VAL E 200 49.05 33.10 43.16
C VAL E 200 49.97 32.00 43.63
N TYR E 201 49.70 30.78 43.18
CA TYR E 201 50.68 29.71 43.40
C TYR E 201 51.82 29.92 42.45
N SER E 202 53.01 29.48 42.84
CA SER E 202 54.16 29.68 41.98
C SER E 202 55.14 28.55 42.16
N LYS E 203 55.73 28.09 41.06
CA LYS E 203 56.63 26.95 41.11
C LYS E 203 58.08 27.31 41.33
N LYS E 204 58.52 27.32 42.59
CA LYS E 204 59.93 27.40 42.86
C LYS E 204 60.51 26.00 42.78
N GLY E 205 60.54 25.46 41.57
CA GLY E 205 60.99 24.10 41.40
C GLY E 205 60.09 23.21 42.23
N PRO E 206 60.68 22.43 43.13
CA PRO E 206 59.93 21.54 44.02
C PRO E 206 58.93 22.29 44.88
N VAL E 207 59.28 23.51 45.23
CA VAL E 207 58.39 24.37 45.99
C VAL E 207 57.20 24.74 45.14
N TRP E 208 56.02 24.78 45.74
CA TRP E 208 54.78 25.16 45.06
C TRP E 208 54.00 26.17 45.89
N SER E 209 54.52 27.39 45.98
CA SER E 209 54.05 28.31 47.02
C SER E 209 52.92 29.26 46.60
N PRO E 210 51.76 29.13 47.25
CA PRO E 210 50.70 30.15 47.21
C PRO E 210 51.20 31.44 47.82
N LYS E 211 50.77 32.57 47.29
CA LYS E 211 51.07 33.86 47.93
C LYS E 211 49.91 34.83 47.79
N ILE E 212 49.73 35.65 48.82
CA ILE E 212 48.61 36.59 48.88
C ILE E 212 48.94 37.93 48.26
N LEU E 213 48.56 38.10 46.99
CA LEU E 213 48.75 39.37 46.31
C LEU E 213 47.94 40.47 46.93
N SER E 214 48.54 41.65 47.02
CA SER E 214 47.95 42.75 47.73
C SER E 214 47.06 43.64 46.86
N GLN E 215 45.80 43.27 46.68
CA GLN E 215 44.87 44.30 46.28
C GLN E 215 44.91 45.25 47.47
N ASN E 216 45.03 46.54 47.19
CA ASN E 216 45.31 47.47 48.28
C ASN E 216 44.02 48.04 48.81
N LYS E 217 44.14 48.77 49.90
CA LYS E 217 43.07 49.20 50.76
C LYS E 217 41.98 50.07 50.12
N ASN E 218 42.34 50.85 49.10
CA ASN E 218 41.44 51.88 48.56
C ASN E 218 40.12 51.41 47.93
N TYR E 219 40.08 50.20 47.37
CA TYR E 219 38.86 49.71 46.75
C TYR E 219 38.69 48.22 46.96
N LEU E 220 39.03 47.75 48.17
CA LEU E 220 38.98 46.32 48.49
C LEU E 220 37.59 45.74 48.37
N THR E 221 36.60 46.58 48.65
CA THR E 221 35.24 46.10 48.79
C THR E 221 34.56 45.78 47.46
N GLU E 222 35.12 46.27 46.38
CA GLU E 222 34.42 46.24 45.09
C GLU E 222 34.15 44.83 44.65
N THR E 223 32.97 44.57 44.09
CA THR E 223 32.85 43.37 43.29
C THR E 223 33.73 43.62 42.09
N LYS E 224 34.50 42.62 41.74
CA LYS E 224 35.42 42.72 40.62
C LYS E 224 34.65 42.53 39.32
N LYS E 225 35.17 43.07 38.23
CA LYS E 225 34.63 42.72 36.93
C LYS E 225 35.39 41.49 36.44
N ASP E 226 36.63 41.65 35.96
CA ASP E 226 37.58 40.52 35.96
C ASP E 226 39.03 40.94 35.80
N ILE E 227 39.90 40.24 36.51
CA ILE E 227 41.32 40.35 36.28
C ILE E 227 41.65 39.77 34.93
N TYR E 228 42.67 40.31 34.30
CA TYR E 228 43.23 39.64 33.14
C TYR E 228 44.64 40.11 33.04
N GLY E 229 45.52 39.31 32.46
CA GLY E 229 46.90 39.72 32.41
C GLY E 229 47.56 39.18 31.18
N ILE E 230 48.86 39.37 31.09
CA ILE E 230 49.58 38.81 29.97
C ILE E 230 50.65 37.90 30.53
N ALA E 231 50.40 36.60 30.38
CA ALA E 231 51.24 35.57 30.97
C ALA E 231 52.64 35.57 30.40
N MET E 232 52.75 35.86 29.12
CA MET E 232 54.07 36.01 28.52
C MET E 232 54.77 37.23 29.08
N ALA E 233 53.99 38.25 29.45
CA ALA E 233 54.52 39.40 30.16
C ALA E 233 54.53 39.18 31.66
N ASP E 234 53.83 38.13 32.11
CA ASP E 234 53.65 37.83 33.53
C ASP E 234 53.22 39.11 34.23
N ILE E 235 52.30 39.84 33.62
CA ILE E 235 51.87 41.08 34.22
C ILE E 235 50.37 41.08 34.48
N LEU E 236 50.02 41.51 35.69
CA LEU E 236 48.65 41.38 36.17
C LEU E 236 47.79 42.62 35.99
N PHE E 237 47.02 42.70 34.92
CA PHE E 237 45.95 43.70 34.89
C PHE E 237 44.77 43.20 35.71
N LEU E 238 44.02 44.14 36.27
CA LEU E 238 43.00 43.79 37.23
C LEU E 238 41.83 44.75 37.20
N ALA E 239 40.68 44.29 36.70
CA ALA E 239 39.56 45.20 36.54
C ALA E 239 39.06 45.77 37.86
N ARG E 240 38.79 47.07 37.82
CA ARG E 240 37.97 47.77 38.80
C ARG E 240 37.37 48.96 38.10
N ASP E 241 36.20 49.38 38.56
CA ASP E 241 35.63 50.62 38.09
C ASP E 241 36.46 51.81 38.59
N SER E 242 37.22 51.57 39.65
CA SER E 242 38.09 52.60 40.24
C SER E 242 39.42 52.75 39.50
N GLY E 243 39.68 51.84 38.57
CA GLY E 243 40.93 51.88 37.81
C GLY E 243 41.67 50.56 37.92
N VAL E 244 41.95 49.96 36.77
CA VAL E 244 42.57 48.64 36.75
C VAL E 244 43.96 48.63 37.33
N ASP E 245 44.27 47.58 38.10
CA ASP E 245 45.64 47.36 38.54
C ASP E 245 46.50 46.86 37.41
N MET E 246 47.80 47.10 37.53
CA MET E 246 48.78 46.52 36.64
C MET E 246 49.94 46.01 37.51
N ILE E 247 49.58 45.13 38.45
CA ILE E 247 50.53 44.61 39.44
C ILE E 247 51.63 43.70 38.89
N ASP E 248 52.82 43.90 39.44
CA ASP E 248 54.02 43.10 39.21
C ASP E 248 53.97 41.73 39.87
N LEU E 249 54.73 40.79 39.32
CA LEU E 249 54.72 39.44 39.84
C LEU E 249 56.07 39.05 40.44
N LYS E 250 56.15 37.83 40.95
CA LYS E 250 57.28 37.38 41.78
C LYS E 250 57.59 38.40 42.88
N ASN E 251 58.54 39.29 42.60
CA ASN E 251 58.98 40.29 43.57
C ASN E 251 57.82 41.24 43.87
N ASP E 252 56.91 41.35 42.90
CA ASP E 252 55.54 41.78 43.12
C ASP E 252 55.33 43.17 43.70
N GLU E 253 54.64 44.01 42.93
CA GLU E 253 54.19 45.29 43.44
C GLU E 253 53.08 45.84 42.55
N LEU E 254 52.17 46.63 43.12
CA LEU E 254 51.28 47.45 42.32
C LEU E 254 52.07 48.58 41.67
N LEU E 255 51.73 48.93 40.44
CA LEU E 255 52.43 50.01 39.74
C LEU E 255 51.53 51.22 39.54
N HIS E 256 50.52 51.05 38.72
CA HIS E 256 49.77 52.17 38.16
C HIS E 256 48.36 51.74 37.79
N SER E 257 47.45 52.70 37.73
CA SER E 257 46.09 52.41 37.32
C SER E 257 45.62 53.36 36.23
N PHE E 258 45.44 52.79 35.03
CA PHE E 258 45.04 53.51 33.84
C PHE E 258 43.61 54.04 34.02
N THR E 259 43.35 55.29 33.62
CA THR E 259 42.03 55.87 33.87
C THR E 259 40.98 55.31 32.93
N LEU E 260 39.89 54.80 33.52
CA LEU E 260 38.85 54.13 32.73
C LEU E 260 37.42 54.45 33.16
N PRO E 261 36.48 54.37 32.21
CA PRO E 261 35.02 54.27 32.42
C PRO E 261 34.67 52.97 33.13
N PRO E 262 33.59 52.95 33.93
CA PRO E 262 33.18 51.69 34.55
C PRO E 262 32.82 50.66 33.49
N ILE E 263 33.12 49.38 33.74
CA ILE E 263 33.09 48.39 32.68
C ILE E 263 32.36 47.13 33.09
N LYS E 264 31.68 46.51 32.12
CA LYS E 264 30.91 45.31 32.36
C LYS E 264 31.79 44.13 32.76
N VAL E 265 31.25 43.30 33.66
CA VAL E 265 31.91 42.09 34.10
C VAL E 265 32.03 41.12 32.92
N ASN E 266 33.04 40.26 32.97
CA ASN E 266 33.25 39.23 31.96
C ASN E 266 33.58 39.83 30.59
N THR E 267 34.41 40.85 30.58
CA THR E 267 34.69 41.59 29.36
C THR E 267 36.16 41.92 29.16
N PHE E 268 36.85 42.21 30.25
CA PHE E 268 38.21 42.75 30.20
C PHE E 268 39.27 41.81 29.61
N SER E 269 40.11 42.37 28.74
CA SER E 269 41.26 41.66 28.18
C SER E 269 42.21 42.63 27.46
N VAL E 270 43.46 42.18 27.28
CA VAL E 270 44.55 43.04 26.81
C VAL E 270 45.37 42.34 25.73
N GLY E 271 45.91 43.11 24.78
CA GLY E 271 46.80 42.56 23.77
C GLY E 271 47.93 43.51 23.43
N VAL E 272 49.02 42.97 22.89
CA VAL E 272 50.18 43.81 22.57
C VAL E 272 50.91 43.40 21.29
N SER E 273 51.37 44.41 20.56
CA SER E 273 52.21 44.18 19.38
C SER E 273 53.67 43.88 19.73
N ASN E 274 54.34 43.14 18.85
CA ASN E 274 55.79 42.96 18.90
C ASN E 274 56.37 42.48 20.23
N SER E 275 56.23 41.20 20.52
CA SER E 275 56.92 40.60 21.65
C SER E 275 58.42 40.61 21.44
N ARG E 276 59.16 40.91 22.50
CA ARG E 276 60.62 40.88 22.46
C ARG E 276 61.13 40.91 23.89
N PHE E 277 62.39 40.55 24.12
CA PHE E 277 62.86 40.52 25.49
C PHE E 277 64.27 41.11 25.58
N VAL E 278 64.42 42.35 25.10
CA VAL E 278 65.70 43.03 25.08
C VAL E 278 66.25 43.30 26.48
N ASN E 279 67.54 43.02 26.68
CA ASN E 279 68.27 43.39 27.90
C ASN E 279 67.52 42.94 29.16
N GLY E 280 66.74 41.88 29.02
CA GLY E 280 65.97 41.34 30.13
C GLY E 280 64.63 42.03 30.24
N GLN E 281 64.48 43.18 29.59
CA GLN E 281 63.21 43.88 29.55
C GLN E 281 62.24 43.20 28.60
N PHE E 282 60.93 43.38 28.79
CA PHE E 282 59.96 42.81 27.88
C PHE E 282 59.04 43.91 27.29
N ARG E 283 59.64 44.84 26.55
CA ARG E 283 58.91 45.94 25.92
C ARG E 283 58.06 45.49 24.73
N VAL E 284 57.00 46.22 24.45
CA VAL E 284 56.17 45.96 23.27
C VAL E 284 55.83 47.26 22.56
N SER E 285 55.62 47.18 21.24
CA SER E 285 55.35 48.35 20.42
C SER E 285 54.01 49.07 20.69
N SER E 286 52.99 48.33 21.09
CA SER E 286 51.68 48.93 21.35
C SER E 286 50.81 48.03 22.23
N ILE E 287 49.83 48.65 22.89
CA ILE E 287 48.99 47.90 23.81
C ILE E 287 47.52 48.28 23.57
N SER E 288 46.62 47.34 23.80
CA SER E 288 45.21 47.57 23.50
C SER E 288 44.29 46.76 24.43
N PHE E 289 43.04 47.18 24.51
CA PHE E 289 42.19 46.85 25.65
C PHE E 289 40.73 46.59 25.31
N CYS E 290 40.43 45.31 25.06
CA CYS E 290 39.06 44.83 24.88
C CYS E 290 38.22 44.84 26.14
N PHE E 291 36.96 45.29 25.99
CA PHE E 291 35.92 45.14 27.01
C PHE E 291 34.58 45.62 26.48
N THR E 292 33.50 44.93 26.84
CA THR E 292 32.16 45.51 26.70
C THR E 292 31.95 46.58 27.78
N HIS E 293 31.25 47.65 27.43
CA HIS E 293 30.89 48.72 28.38
C HIS E 293 29.82 48.26 29.39
N ALA E 294 29.92 48.71 30.64
CA ALA E 294 28.98 48.33 31.70
C ALA E 294 27.56 48.84 31.53
N VAL E 295 27.40 50.00 30.89
CA VAL E 295 26.13 50.69 30.86
C VAL E 295 25.59 50.83 29.46
N THR E 296 26.31 51.59 28.64
CA THR E 296 25.95 51.78 27.25
C THR E 296 26.01 50.44 26.54
N GLU E 297 26.85 49.55 27.08
CA GLU E 297 26.99 48.18 26.60
C GLU E 297 27.48 48.11 25.17
N LYS E 298 27.99 49.22 24.67
CA LYS E 298 28.72 49.23 23.41
C LYS E 298 30.09 48.59 23.56
N VAL E 299 30.54 47.90 22.52
CA VAL E 299 31.85 47.27 22.53
C VAL E 299 32.91 48.35 22.57
N LEU E 300 33.98 48.12 23.34
CA LEU E 300 35.01 49.14 23.48
C LEU E 300 36.41 48.53 23.52
N TYR E 301 37.33 49.18 22.79
CA TYR E 301 38.71 48.72 22.69
C TYR E 301 39.65 49.90 22.87
N TYR E 302 39.97 50.28 24.10
CA TYR E 302 40.89 51.41 24.26
C TYR E 302 42.32 51.10 23.81
N TYR E 303 42.94 52.06 23.13
CA TYR E 303 44.31 51.90 22.67
C TYR E 303 45.34 52.73 23.46
N TYR E 304 46.56 52.22 23.55
CA TYR E 304 47.69 52.95 24.14
C TYR E 304 49.01 52.60 23.47
N GLY E 305 49.98 53.51 23.62
CA GLY E 305 51.18 53.51 22.81
C GLY E 305 51.06 54.54 21.70
N ASN E 306 52.17 54.86 21.04
CA ASN E 306 52.16 55.91 20.04
C ASN E 306 52.58 55.37 18.66
N GLU E 307 53.88 55.20 18.43
CA GLU E 307 54.38 54.36 17.32
C GLU E 307 54.01 55.07 15.97
N SER E 308 54.44 54.64 14.79
CA SER E 308 55.31 53.51 14.46
C SER E 308 56.72 53.64 15.00
N ASN E 309 57.17 54.87 15.13
CA ASN E 309 58.48 55.15 15.67
C ASN E 309 58.38 56.15 16.81
N GLU E 310 57.16 56.62 17.04
CA GLU E 310 56.90 57.65 18.02
C GLU E 310 57.20 57.22 19.46
N SER E 311 57.09 55.92 19.76
CA SER E 311 57.23 55.47 21.13
C SER E 311 57.61 54.00 21.29
N TYR E 312 58.12 53.67 22.47
CA TYR E 312 58.39 52.29 22.88
C TYR E 312 57.87 52.15 24.30
N ILE E 313 57.33 50.98 24.63
CA ILE E 313 56.66 50.82 25.91
C ILE E 313 57.55 50.18 26.96
N ILE E 314 58.06 51.00 27.89
CA ILE E 314 58.74 50.43 29.06
C ILE E 314 57.62 49.98 29.97
N LEU E 315 56.90 48.95 29.55
CA LEU E 315 55.96 48.33 30.43
C LEU E 315 56.77 47.77 31.57
N ASN E 316 56.29 48.00 32.79
CA ASN E 316 57.04 47.62 33.98
C ASN E 316 58.48 48.12 33.86
N LYS E 317 59.38 47.42 34.52
CA LYS E 317 60.80 47.41 34.21
C LYS E 317 61.23 46.02 34.67
N TRP E 318 62.15 45.39 33.94
CA TRP E 318 62.59 44.04 34.30
C TRP E 318 63.22 44.04 35.67
N ASP E 319 63.86 45.15 35.97
CA ASP E 319 64.44 45.41 37.26
C ASP E 319 64.10 46.88 37.51
N GLN E 320 63.31 47.17 38.55
CA GLN E 320 62.85 48.54 38.76
C GLN E 320 63.99 49.39 39.33
N GLN E 321 65.15 49.30 38.68
CA GLN E 321 66.37 49.89 39.16
C GLN E 321 67.07 50.59 38.01
N PRO E 322 67.91 51.59 38.32
CA PRO E 322 68.71 52.18 37.25
C PRO E 322 69.67 51.13 36.67
N ASN E 323 69.91 51.21 35.36
CA ASN E 323 70.68 50.19 34.67
C ASN E 323 71.48 50.82 33.53
N LEU E 324 72.65 50.24 33.25
CA LEU E 324 73.54 50.80 32.24
C LEU E 324 74.23 49.73 31.40
N VAL E 325 73.57 48.58 31.21
CA VAL E 325 74.11 47.53 30.36
C VAL E 325 74.23 48.07 28.92
N ASP E 326 75.35 47.76 28.27
CA ASP E 326 75.62 48.32 26.96
C ASP E 326 75.41 47.32 25.82
N VAL E 327 74.22 47.33 25.26
CA VAL E 327 73.89 46.61 24.04
C VAL E 327 72.97 47.52 23.26
N HIS E 328 72.86 47.33 21.95
CA HIS E 328 72.07 48.26 21.14
C HIS E 328 70.60 48.26 21.55
N ASP E 329 70.04 49.46 21.67
CA ASP E 329 68.65 49.66 22.07
C ASP E 329 67.93 50.60 21.14
N PRO E 330 67.43 50.08 20.02
CA PRO E 330 66.82 50.93 18.99
C PRO E 330 65.67 51.72 19.61
N ASP E 331 65.02 51.14 20.61
CA ASP E 331 63.95 51.85 21.30
C ASP E 331 64.42 53.13 21.97
N ASN E 332 65.69 53.24 22.35
CA ASN E 332 66.12 54.48 22.99
C ASN E 332 66.00 55.66 22.04
N SER E 333 66.14 55.38 20.76
CA SER E 333 65.90 56.38 19.73
C SER E 333 64.43 56.82 19.73
N LEU E 334 63.55 55.89 20.06
CA LEU E 334 62.12 56.20 20.24
C LEU E 334 61.90 56.93 21.57
N ALA E 335 60.87 57.78 21.63
CA ALA E 335 60.57 58.52 22.85
C ALA E 335 60.12 57.65 24.01
N SER E 336 60.60 57.97 25.21
CA SER E 336 60.23 57.24 26.42
C SER E 336 58.75 57.46 26.75
N LEU E 337 58.09 56.43 27.26
CA LEU E 337 56.69 56.54 27.64
C LEU E 337 56.42 56.45 29.14
N THR E 338 56.26 57.61 29.76
CA THR E 338 55.58 57.72 31.03
C THR E 338 54.09 57.53 30.76
N PHE E 339 53.33 57.13 31.79
CA PHE E 339 51.93 56.79 31.61
C PHE E 339 51.13 57.96 31.06
N ASP E 340 51.62 59.17 31.31
CA ASP E 340 50.87 60.39 31.08
C ASP E 340 50.48 60.65 29.61
N GLU E 341 51.33 60.23 28.68
CA GLU E 341 51.10 60.54 27.26
C GLU E 341 50.43 59.41 26.48
N LEU E 342 50.08 58.34 27.18
CA LEU E 342 49.55 57.15 26.51
C LEU E 342 48.25 57.38 25.75
N GLN E 343 47.41 58.28 26.26
CA GLN E 343 46.31 58.86 25.51
C GLN E 343 45.40 57.87 24.78
N GLU E 344 44.37 57.39 25.46
CA GLU E 344 43.47 56.38 24.87
C GLU E 344 42.76 56.93 23.65
N ASN E 345 42.54 56.06 22.67
CA ASN E 345 41.86 56.45 21.44
C ASN E 345 40.46 55.85 21.35
N ILE E 346 39.45 56.69 21.54
CA ILE E 346 38.04 56.25 21.55
C ILE E 346 37.57 55.72 20.20
N HIS E 347 36.77 54.67 20.25
CA HIS E 347 36.06 54.19 19.06
C HIS E 347 34.85 53.34 19.48
N GLU E 348 33.87 53.99 20.08
CA GLU E 348 32.66 53.31 20.51
C GLU E 348 31.89 52.77 19.31
N VAL E 349 31.32 51.58 19.46
CA VAL E 349 30.69 50.87 18.34
C VAL E 349 29.47 50.11 18.81
N GLU E 350 28.54 49.83 17.90
CA GLU E 350 27.32 49.10 18.25
C GLU E 350 27.65 47.72 18.77
N ASP E 351 26.88 47.26 19.76
CA ASP E 351 27.04 45.91 20.26
C ASP E 351 26.66 44.92 19.17
N ALA E 352 25.76 45.36 18.29
CA ALA E 352 25.18 44.48 17.28
C ALA E 352 26.24 43.97 16.32
N SER E 353 27.29 44.75 16.14
CA SER E 353 28.42 44.30 15.36
C SER E 353 29.31 43.47 16.25
N GLU E 354 29.12 42.15 16.21
CA GLU E 354 29.94 41.28 17.05
C GLU E 354 31.38 41.44 16.59
N SER E 355 32.31 41.57 17.52
CA SER E 355 33.67 41.91 17.13
C SER E 355 34.71 41.63 18.21
N VAL E 356 35.95 41.51 17.77
CA VAL E 356 37.06 41.25 18.66
C VAL E 356 38.24 42.16 18.30
N MET E 357 38.96 42.54 19.34
CA MET E 357 40.27 43.17 19.22
C MET E 357 41.28 42.12 18.76
N SER E 358 42.27 42.54 17.98
CA SER E 358 43.35 41.63 17.59
C SER E 358 44.21 41.29 18.79
N SER E 359 44.84 40.11 18.76
CA SER E 359 45.67 39.68 19.87
C SER E 359 46.88 40.58 20.10
N ASP E 360 47.41 41.14 19.03
CA ASP E 360 48.44 42.17 19.15
C ASP E 360 47.80 43.51 19.49
N GLY E 361 46.49 43.57 19.32
CA GLY E 361 45.69 44.74 19.66
C GLY E 361 45.67 45.77 18.56
N LEU E 362 46.40 45.48 17.48
CA LEU E 362 46.59 46.43 16.40
C LEU E 362 45.33 46.74 15.58
N TYR E 363 44.42 45.77 15.47
CA TYR E 363 43.32 45.90 14.52
C TYR E 363 42.01 45.36 15.07
N ILE E 364 40.91 45.99 14.68
CA ILE E 364 39.57 45.53 15.04
C ILE E 364 39.04 44.61 13.96
N PHE E 365 38.28 43.58 14.32
CA PHE E 365 37.56 42.82 13.29
C PHE E 365 36.23 42.26 13.79
N GLY E 366 35.27 42.12 12.88
CA GLY E 366 33.97 41.58 13.26
C GLY E 366 32.89 41.74 12.21
N MET E 367 31.71 41.20 12.52
CA MET E 367 30.57 41.17 11.59
C MET E 367 29.23 41.11 12.31
N ARG E 368 28.17 41.31 11.51
CA ARG E 368 26.78 41.13 11.96
C ARG E 368 25.88 40.97 10.74
N ARG E 369 24.69 40.43 10.93
CA ARG E 369 23.73 40.37 9.83
C ARG E 369 22.73 41.53 9.90
N LYS E 370 22.86 42.46 8.95
CA LYS E 370 21.88 43.54 8.83
C LYS E 370 20.52 42.96 8.44
N SER E 371 20.57 41.89 7.66
CA SER E 371 19.37 41.25 7.16
C SER E 371 19.70 39.90 6.55
N SER E 372 18.67 39.09 6.34
CA SER E 372 18.82 37.80 5.69
C SER E 372 17.49 37.42 5.07
N SER E 373 17.49 36.47 4.14
CA SER E 373 16.26 36.10 3.45
C SER E 373 16.26 34.65 2.95
N GLY E 374 15.11 34.17 2.53
CA GLY E 374 14.97 32.82 2.05
C GLY E 374 15.36 32.63 0.59
N ILE E 375 15.27 31.38 0.12
CA ILE E 375 15.54 31.05 -1.27
C ILE E 375 14.55 31.73 -2.21
N SER E 376 13.34 31.98 -1.72
CA SER E 376 12.30 32.61 -2.52
C SER E 376 12.65 34.05 -2.87
N GLU F 10 19.38 29.78 3.98
CA GLU F 10 18.87 31.14 3.85
C GLU F 10 19.86 32.08 3.17
N THR F 11 19.33 33.03 2.42
CA THR F 11 20.15 34.13 1.90
C THR F 11 20.48 35.04 3.09
N GLN F 12 21.68 35.60 3.11
CA GLN F 12 22.13 36.39 4.26
C GLN F 12 22.95 37.61 3.87
N VAL F 13 22.45 38.79 4.23
CA VAL F 13 23.16 40.05 4.01
C VAL F 13 24.07 40.37 5.20
N TRP F 14 25.23 39.72 5.25
CA TRP F 14 26.18 39.95 6.33
C TRP F 14 26.97 41.23 6.18
N GLU F 15 27.44 41.77 7.30
CA GLU F 15 28.15 43.04 7.30
C GLU F 15 29.58 42.94 7.84
N VAL F 16 30.55 42.73 6.96
CA VAL F 16 31.96 42.83 7.33
C VAL F 16 32.33 44.30 7.53
N TRP F 17 33.21 44.58 8.50
CA TRP F 17 33.81 45.91 8.61
C TRP F 17 35.06 45.90 9.48
N MET F 18 35.81 46.99 9.43
CA MET F 18 37.05 47.11 10.20
C MET F 18 37.37 48.55 10.58
N TYR F 19 38.17 48.70 11.64
CA TYR F 19 38.63 50.01 12.06
C TYR F 19 40.04 49.91 12.63
N SER F 20 41.04 50.17 11.80
CA SER F 20 42.43 50.13 12.24
C SER F 20 42.71 51.22 13.27
N GLN F 21 43.49 50.85 14.28
CA GLN F 21 43.97 51.79 15.28
C GLN F 21 45.23 52.48 14.79
N SER F 22 46.05 51.72 14.08
CA SER F 22 47.30 52.23 13.55
C SER F 22 47.06 53.35 12.54
N GLU F 23 45.96 53.24 11.82
CA GLU F 23 45.59 54.25 10.84
C GLU F 23 44.46 55.14 11.35
N LYS F 24 43.84 54.72 12.45
CA LYS F 24 42.65 55.37 12.98
C LYS F 24 41.61 55.51 11.86
N LYS F 25 41.30 54.38 11.21
CA LYS F 25 40.54 54.43 9.96
C LYS F 25 39.49 53.33 9.85
N HIS F 26 38.30 53.68 9.37
CA HIS F 26 37.21 52.72 9.21
C HIS F 26 36.91 52.38 7.74
N ARG F 27 36.57 51.12 7.51
CA ARG F 27 36.12 50.64 6.20
C ARG F 27 35.14 49.49 6.41
N SER F 28 34.51 49.04 5.33
CA SER F 28 33.56 47.93 5.45
C SER F 28 33.36 47.18 4.13
N LYS F 29 32.80 45.97 4.24
CA LYS F 29 32.44 45.19 3.07
C LYS F 29 31.11 44.48 3.30
N SER F 30 30.33 44.30 2.24
CA SER F 30 29.17 43.43 2.28
C SER F 30 29.61 41.98 2.20
N LEU F 31 28.81 41.08 2.75
CA LEU F 31 29.09 39.65 2.63
C LEU F 31 27.78 38.87 2.44
N LYS F 32 27.44 38.61 1.20
CA LYS F 32 26.26 37.80 0.90
C LYS F 32 26.44 36.36 1.33
N MET F 33 25.38 35.75 1.82
CA MET F 33 25.36 34.31 2.04
C MET F 33 24.04 33.68 1.62
N TYR F 34 23.92 33.34 0.33
CA TYR F 34 22.74 32.67 -0.17
C TYR F 34 22.61 31.23 0.34
N ASN F 35 21.38 30.85 0.69
CA ASN F 35 21.02 29.48 1.06
C ASN F 35 21.80 28.90 2.24
N SER F 36 22.25 29.76 3.16
CA SER F 36 22.94 29.27 4.34
C SER F 36 22.00 28.45 5.23
N LEU F 37 22.49 27.31 5.70
CA LEU F 37 21.72 26.49 6.64
C LEU F 37 21.98 26.95 8.07
N ILE F 38 22.98 27.81 8.23
CA ILE F 38 23.33 28.36 9.53
C ILE F 38 22.24 29.35 9.94
N ILE F 39 21.99 29.45 11.24
CA ILE F 39 20.96 30.33 11.73
C ILE F 39 21.52 31.23 12.85
N ALA F 40 22.57 30.73 13.49
CA ALA F 40 23.12 31.32 14.72
C ALA F 40 23.83 32.65 14.54
N ASP F 41 23.86 33.43 15.62
CA ASP F 41 24.67 34.64 15.70
C ASP F 41 26.15 34.30 15.83
N PRO F 42 27.04 35.18 15.35
CA PRO F 42 28.49 34.97 15.42
C PRO F 42 29.01 34.90 16.85
N GLY F 43 30.04 34.09 17.07
CA GLY F 43 30.59 33.89 18.40
C GLY F 43 30.29 32.51 18.93
N PRO F 44 31.07 32.05 19.93
CA PRO F 44 32.24 32.69 20.54
C PRO F 44 33.38 32.91 19.54
N SER F 45 34.10 34.01 19.70
CA SER F 45 35.15 34.38 18.75
C SER F 45 36.52 34.18 19.34
N LEU F 46 37.51 34.00 18.47
CA LEU F 46 38.88 33.87 18.92
C LEU F 46 39.87 34.10 17.78
N ALA F 47 40.79 35.04 17.99
CA ALA F 47 41.77 35.34 16.98
C ALA F 47 42.66 34.14 16.72
N VAL F 48 42.87 33.83 15.45
CA VAL F 48 43.69 32.69 15.06
C VAL F 48 45.13 33.16 14.89
N SER F 49 45.33 34.48 14.98
CA SER F 49 46.65 35.10 14.94
C SER F 49 46.51 36.58 15.23
N ASP F 50 47.62 37.31 15.24
CA ASP F 50 47.58 38.75 15.37
C ASP F 50 46.89 39.43 14.20
N ARG F 51 47.02 38.82 13.01
CA ARG F 51 46.47 39.40 11.79
C ARG F 51 45.17 38.74 11.36
N CYS F 52 44.79 37.67 12.03
CA CYS F 52 43.67 36.86 11.56
C CYS F 52 42.87 36.25 12.71
N VAL F 53 41.57 36.08 12.48
CA VAL F 53 40.66 35.63 13.52
C VAL F 53 39.72 34.55 13.01
N ALA F 54 39.42 33.59 13.87
CA ALA F 54 38.38 32.59 13.60
C ALA F 54 37.17 32.84 14.49
N ILE F 55 35.98 32.60 13.97
CA ILE F 55 34.74 32.87 14.72
C ILE F 55 33.69 31.80 14.45
N VAL F 56 32.99 31.38 15.50
CA VAL F 56 31.88 30.44 15.36
C VAL F 56 30.71 31.02 14.56
N LEU F 57 30.23 30.24 13.60
CA LEU F 57 29.05 30.55 12.81
C LEU F 57 28.33 29.24 12.54
N GLY F 58 27.42 28.88 13.45
CA GLY F 58 26.80 27.59 13.40
C GLY F 58 27.91 26.57 13.57
N ASN F 59 27.79 25.43 12.93
CA ASN F 59 28.89 24.46 12.88
C ASN F 59 30.10 25.00 12.10
N TYR F 60 29.84 25.89 11.14
CA TYR F 60 30.93 26.42 10.31
C TYR F 60 31.70 27.51 11.03
N VAL F 61 32.96 27.71 10.66
CA VAL F 61 33.75 28.76 11.29
C VAL F 61 34.32 29.75 10.27
N ALA F 62 33.98 31.01 10.46
CA ALA F 62 34.55 32.07 9.65
C ALA F 62 36.04 32.21 9.97
N LEU F 63 36.84 32.38 8.92
CA LEU F 63 38.26 32.70 9.08
C LEU F 63 38.55 33.95 8.27
N VAL F 64 39.14 34.95 8.91
CA VAL F 64 39.41 36.22 8.24
C VAL F 64 40.84 36.64 8.55
N GLY F 65 41.50 37.33 7.62
CA GLY F 65 42.84 37.82 7.90
C GLY F 65 43.37 38.89 6.95
N TYR F 66 44.42 39.59 7.38
CA TYR F 66 45.05 40.61 6.57
C TYR F 66 46.57 40.55 6.65
N GLY F 67 47.23 40.43 5.50
CA GLY F 67 48.67 40.40 5.45
C GLY F 67 49.13 39.01 5.84
N SER F 68 48.15 38.12 5.98
CA SER F 68 48.37 36.78 6.48
C SER F 68 49.11 35.89 5.49
N GLU F 69 49.98 35.04 6.03
CA GLU F 69 50.69 34.05 5.22
C GLU F 69 49.81 32.84 4.96
N ILE F 70 48.70 32.78 5.70
CA ILE F 70 47.80 31.64 5.69
C ILE F 70 47.10 31.52 4.33
N PHE F 71 46.96 32.65 3.64
CA PHE F 71 46.27 32.69 2.35
C PHE F 71 47.24 32.48 1.18
N GLY G 2 -31.69 -25.14 16.02
CA GLY G 2 -30.31 -25.56 15.95
C GLY G 2 -29.85 -25.88 14.54
N TRP G 3 -29.41 -24.87 13.82
CA TRP G 3 -28.99 -25.07 12.44
C TRP G 3 -27.76 -25.94 12.26
N SER G 4 -27.82 -26.72 11.20
CA SER G 4 -26.68 -27.45 10.69
C SER G 4 -26.93 -27.55 9.20
N ASP G 5 -25.88 -27.78 8.44
CA ASP G 5 -26.01 -27.74 6.99
C ASP G 5 -27.00 -28.79 6.52
N HIS G 6 -27.12 -29.88 7.27
CA HIS G 6 -28.29 -30.77 7.17
C HIS G 6 -28.42 -31.72 8.37
N ASP G 7 -29.44 -31.45 9.20
CA ASP G 7 -29.81 -32.33 10.30
C ASP G 7 -30.30 -33.67 9.78
N GLU G 8 -30.01 -34.74 10.52
CA GLU G 8 -30.62 -36.03 10.19
C GLU G 8 -30.84 -36.90 11.42
N LEU G 9 -31.81 -37.80 11.29
CA LEU G 9 -32.20 -38.72 12.34
C LEU G 9 -32.48 -40.06 11.65
N SER G 10 -32.40 -41.17 12.38
CA SER G 10 -32.65 -42.49 11.78
C SER G 10 -34.09 -42.58 11.30
N THR G 11 -34.29 -43.21 10.14
CA THR G 11 -35.63 -43.34 9.58
C THR G 11 -36.49 -44.17 10.52
N ASP G 12 -37.70 -43.68 10.77
CA ASP G 12 -38.59 -44.32 11.73
C ASP G 12 -39.19 -45.63 11.22
N THR G 13 -39.34 -46.58 12.12
CA THR G 13 -40.02 -47.84 11.81
C THR G 13 -41.31 -47.97 12.61
N THR G 14 -41.64 -46.95 13.40
CA THR G 14 -42.82 -47.00 14.26
C THR G 14 -43.66 -45.74 14.16
N LEU G 15 -44.98 -45.91 14.27
CA LEU G 15 -45.88 -44.78 14.35
C LEU G 15 -45.63 -44.05 15.65
N HIS G 16 -45.03 -44.78 16.60
CA HIS G 16 -44.61 -44.20 17.86
C HIS G 16 -43.60 -43.10 17.61
N GLU G 17 -42.83 -43.26 16.55
CA GLU G 17 -41.86 -42.25 16.17
C GLU G 17 -42.31 -41.43 14.98
N GLU G 18 -43.36 -41.88 14.30
CA GLU G 18 -43.81 -41.23 13.07
C GLU G 18 -44.33 -39.82 13.32
N LYS G 19 -45.27 -39.71 14.24
CA LYS G 19 -45.80 -38.41 14.61
C LYS G 19 -44.75 -37.63 15.39
N PHE G 20 -43.79 -38.36 15.97
CA PHE G 20 -42.69 -37.70 16.65
C PHE G 20 -41.91 -36.94 15.59
N ARG G 21 -41.54 -35.71 15.91
CA ARG G 21 -41.02 -34.75 14.93
C ARG G 21 -40.13 -33.72 15.61
N ILE G 22 -39.33 -33.03 14.80
CA ILE G 22 -38.46 -31.99 15.33
C ILE G 22 -38.13 -30.93 14.28
N GLU G 23 -38.49 -29.68 14.55
CA GLU G 23 -38.22 -28.66 13.56
C GLU G 23 -37.57 -27.40 14.13
N PRO G 24 -36.68 -26.78 13.34
CA PRO G 24 -36.12 -25.42 13.44
C PRO G 24 -37.12 -24.29 13.26
N VAL G 25 -36.91 -23.17 13.94
CA VAL G 25 -37.36 -21.88 13.45
C VAL G 25 -36.14 -21.14 12.88
N PRO G 26 -36.14 -20.89 11.57
CA PRO G 26 -35.02 -20.23 10.90
C PRO G 26 -34.70 -18.85 11.47
N VAL G 27 -35.73 -18.13 11.93
CA VAL G 27 -35.54 -16.80 12.48
C VAL G 27 -34.71 -16.93 13.75
N HIS G 28 -33.82 -15.97 13.99
CA HIS G 28 -32.84 -16.12 15.04
C HIS G 28 -32.31 -14.80 15.60
N HIS G 29 -31.86 -14.86 16.84
CA HIS G 29 -31.05 -13.79 17.41
C HIS G 29 -29.69 -13.75 16.74
N GLN G 30 -29.07 -12.58 16.72
CA GLN G 30 -27.73 -12.44 16.18
C GLN G 30 -26.74 -13.23 17.03
N LEU G 31 -27.12 -13.45 18.29
CA LEU G 31 -26.22 -14.03 19.30
C LEU G 31 -27.00 -14.88 20.30
N ASP G 32 -26.29 -15.62 21.12
CA ASP G 32 -26.89 -16.66 21.95
C ASP G 32 -27.95 -16.17 22.95
N ILE G 33 -28.93 -17.03 23.21
CA ILE G 33 -30.09 -16.71 24.04
C ILE G 33 -29.75 -16.42 25.50
N LEU G 34 -30.46 -15.45 26.09
CA LEU G 34 -30.40 -15.20 27.53
C LEU G 34 -31.56 -15.85 28.29
N LYS G 35 -32.77 -15.36 28.04
CA LYS G 35 -33.93 -15.79 28.80
C LYS G 35 -35.21 -15.56 28.00
N ILE G 36 -36.29 -16.28 28.33
CA ILE G 36 -37.53 -16.24 27.57
C ILE G 36 -38.76 -16.37 28.46
N ALA G 37 -39.92 -16.16 27.85
CA ALA G 37 -41.20 -16.28 28.55
C ALA G 37 -42.30 -16.69 27.57
N VAL G 38 -43.42 -17.22 28.08
CA VAL G 38 -44.40 -17.84 27.20
C VAL G 38 -45.85 -17.64 27.66
N SER G 39 -46.73 -17.47 26.67
CA SER G 39 -48.17 -17.42 26.87
C SER G 39 -48.79 -18.77 27.24
N GLU G 40 -49.86 -18.73 28.03
N GLU G 40 -49.86 -18.73 28.03
CA GLU G 40 -50.62 -19.94 28.35
CA GLU G 40 -50.59 -19.96 28.35
C GLU G 40 -51.32 -20.50 27.13
C GLU G 40 -51.33 -20.51 27.14
N ASN G 41 -51.63 -19.64 26.18
CA ASN G 41 -52.34 -20.04 24.97
C ASN G 41 -51.53 -21.00 24.12
N TYR G 42 -50.20 -20.94 24.31
CA TYR G 42 -49.21 -21.70 23.57
C TYR G 42 -49.03 -21.15 22.15
N LYS G 43 -50.02 -20.42 21.66
CA LYS G 43 -49.94 -19.82 20.35
C LYS G 43 -48.84 -18.76 20.24
N THR G 44 -48.61 -18.06 21.34
CA THR G 44 -47.65 -16.96 21.35
C THR G 44 -46.31 -17.39 21.93
N PHE G 45 -45.21 -16.82 21.42
CA PHE G 45 -43.92 -17.02 22.07
C PHE G 45 -43.03 -15.79 21.97
N ALA G 46 -42.13 -15.64 22.94
CA ALA G 46 -41.23 -14.50 23.04
C ALA G 46 -39.82 -14.93 23.50
N SER G 47 -38.82 -14.15 23.11
CA SER G 47 -37.43 -14.53 23.36
C SER G 47 -36.44 -13.37 23.28
N VAL G 48 -35.32 -13.53 23.99
CA VAL G 48 -34.24 -12.53 24.05
C VAL G 48 -32.87 -13.21 24.09
N GLY G 49 -31.91 -12.68 23.33
CA GLY G 49 -30.54 -13.19 23.32
C GLY G 49 -29.54 -12.51 24.26
N LEU G 50 -28.26 -12.89 24.15
CA LEU G 50 -27.18 -12.19 24.84
C LEU G 50 -27.00 -10.77 24.34
N ASP G 51 -27.35 -10.57 23.08
CA ASP G 51 -27.34 -9.26 22.45
C ASP G 51 -28.60 -8.51 22.84
N ARG G 52 -29.46 -9.22 23.55
CA ARG G 52 -30.71 -8.70 24.09
C ARG G 52 -31.67 -8.19 23.02
N CYS G 53 -31.54 -8.70 21.81
CA CYS G 53 -32.53 -8.43 20.78
C CYS G 53 -33.82 -9.14 21.15
N LEU G 54 -34.96 -8.52 20.88
CA LEU G 54 -36.24 -9.16 21.16
C LEU G 54 -36.79 -9.85 19.93
N VAL G 55 -37.44 -10.99 20.13
CA VAL G 55 -38.10 -11.69 19.03
C VAL G 55 -39.39 -12.32 19.53
N VAL G 56 -40.46 -12.23 18.73
CA VAL G 56 -41.69 -12.96 19.07
C VAL G 56 -42.29 -13.61 17.84
N TRP G 57 -42.88 -14.78 18.08
CA TRP G 57 -43.18 -15.76 17.03
C TRP G 57 -44.44 -16.56 17.33
N ASP G 58 -45.15 -16.94 16.27
CA ASP G 58 -46.37 -17.75 16.40
C ASP G 58 -46.06 -19.22 16.16
N LEU G 59 -46.70 -20.08 16.93
CA LEU G 59 -46.33 -21.49 16.94
C LEU G 59 -47.01 -22.31 15.86
N ARG G 60 -48.31 -22.10 15.69
CA ARG G 60 -49.10 -22.90 14.75
C ARG G 60 -49.08 -22.36 13.33
N GLN G 61 -49.17 -21.04 13.18
CA GLN G 61 -49.23 -20.42 11.87
C GLN G 61 -47.83 -20.19 11.29
N TRP G 62 -46.81 -20.41 12.12
CA TRP G 62 -45.42 -20.41 11.67
C TRP G 62 -45.01 -19.16 10.87
N CYS G 63 -45.56 -18.01 11.22
CA CYS G 63 -45.26 -16.78 10.51
C CYS G 63 -44.68 -15.74 11.46
N THR G 64 -43.81 -14.89 10.93
CA THR G 64 -43.11 -13.91 11.75
C THR G 64 -44.07 -12.90 12.38
N LYS G 65 -43.79 -12.54 13.63
CA LYS G 65 -44.59 -11.58 14.35
C LYS G 65 -43.81 -10.31 14.63
N LEU G 66 -42.70 -10.41 15.35
CA LEU G 66 -41.92 -9.19 15.58
C LEU G 66 -40.46 -9.41 15.91
N VAL G 67 -39.66 -8.40 15.56
CA VAL G 67 -38.21 -8.40 15.74
C VAL G 67 -37.74 -7.03 16.25
N LEU G 68 -36.75 -7.00 17.13
CA LEU G 68 -36.17 -5.76 17.63
C LEU G 68 -34.67 -5.87 17.89
N SER G 69 -33.91 -5.02 17.20
CA SER G 69 -32.46 -4.92 17.36
C SER G 69 -32.07 -4.24 18.67
N LYS G 70 -30.85 -4.51 19.15
CA LYS G 70 -30.39 -4.06 20.46
C LYS G 70 -30.36 -2.54 20.66
N GLU G 71 -30.08 -1.81 19.60
CA GLU G 71 -29.84 -0.37 19.69
C GLU G 71 -31.15 0.39 19.74
N GLN G 72 -32.24 -0.34 19.55
CA GLN G 72 -33.58 0.17 19.75
C GLN G 72 -33.93 0.10 21.24
N MET G 73 -33.02 -0.47 22.04
CA MET G 73 -33.35 -0.80 23.41
C MET G 73 -32.34 -0.23 24.42
N PRO G 74 -32.80 0.01 25.66
CA PRO G 74 -32.00 0.46 26.81
C PRO G 74 -30.93 -0.54 27.26
N ARG G 75 -29.81 -0.03 27.76
CA ARG G 75 -28.67 -0.84 28.17
C ARG G 75 -28.96 -1.85 29.29
N THR G 76 -29.86 -1.49 30.21
CA THR G 76 -30.24 -2.41 31.27
C THR G 76 -31.60 -3.04 30.98
N LEU G 77 -31.68 -4.35 31.17
CA LEU G 77 -32.92 -5.09 30.95
C LEU G 77 -33.01 -6.24 31.95
N LYS G 78 -33.24 -5.90 33.21
CA LYS G 78 -33.23 -6.88 34.28
C LYS G 78 -34.34 -7.92 34.18
N ALA G 79 -35.46 -7.58 33.56
CA ALA G 79 -36.59 -8.49 33.63
C ALA G 79 -37.55 -8.44 32.43
N ILE G 80 -38.45 -9.42 32.42
CA ILE G 80 -39.37 -9.65 31.32
C ILE G 80 -40.65 -10.28 31.87
N ALA G 81 -41.78 -9.99 31.23
CA ALA G 81 -43.04 -10.59 31.65
C ALA G 81 -44.12 -10.54 30.57
N LEU G 82 -45.04 -11.49 30.66
CA LEU G 82 -46.09 -11.66 29.65
C LEU G 82 -47.46 -11.88 30.26
N ASP G 83 -48.49 -11.32 29.63
CA ASP G 83 -49.87 -11.59 30.03
C ASP G 83 -50.28 -13.02 29.67
N PRO G 84 -51.19 -13.60 30.44
CA PRO G 84 -51.65 -14.98 30.19
C PRO G 84 -52.26 -15.17 28.81
N GLN G 85 -52.91 -14.13 28.29
CA GLN G 85 -53.45 -14.18 26.92
C GLN G 85 -52.36 -14.26 25.87
N GLY G 86 -51.22 -13.67 26.16
CA GLY G 86 -50.10 -13.66 25.23
C GLY G 86 -50.27 -12.58 24.18
N ASN G 87 -51.31 -11.77 24.34
CA ASN G 87 -51.63 -10.75 23.36
C ASN G 87 -50.79 -9.50 23.53
N TYR G 88 -50.05 -9.43 24.63
CA TYR G 88 -49.29 -8.24 24.97
C TYR G 88 -48.01 -8.56 25.72
N VAL G 89 -47.11 -7.58 25.76
CA VAL G 89 -45.76 -7.82 26.24
C VAL G 89 -45.29 -6.74 27.20
N SER G 90 -44.53 -7.17 28.21
CA SER G 90 -43.97 -6.27 29.20
C SER G 90 -42.49 -6.51 29.43
N LEU G 91 -41.74 -5.42 29.59
CA LEU G 91 -40.30 -5.52 29.82
C LEU G 91 -39.84 -4.59 30.92
N PHE G 92 -38.92 -5.07 31.74
CA PHE G 92 -38.39 -4.30 32.84
C PHE G 92 -36.92 -3.93 32.69
N SER G 93 -36.70 -2.75 32.13
CA SER G 93 -35.46 -2.02 32.34
C SER G 93 -35.50 -1.54 33.78
N LYS G 94 -34.34 -1.33 34.39
CA LYS G 94 -34.27 -1.11 35.82
C LYS G 94 -35.04 0.14 36.25
N ASP G 95 -35.09 1.14 35.38
CA ASP G 95 -35.73 2.41 35.72
C ASP G 95 -37.16 2.60 35.20
N THR G 96 -37.49 1.95 34.09
CA THR G 96 -38.78 2.16 33.45
C THR G 96 -39.23 0.93 32.64
N LEU G 97 -40.51 0.59 32.73
CA LEU G 97 -41.06 -0.57 32.05
C LEU G 97 -41.73 -0.23 30.71
N PHE G 98 -41.54 -1.10 29.72
CA PHE G 98 -42.25 -1.00 28.45
C PHE G 98 -43.45 -1.94 28.38
N ILE G 99 -44.53 -1.47 27.77
CA ILE G 99 -45.71 -2.29 27.48
C ILE G 99 -46.10 -2.16 26.02
N LEU G 100 -45.84 -3.22 25.25
CA LEU G 100 -46.09 -3.22 23.81
C LEU G 100 -46.97 -4.37 23.34
N ASN G 101 -47.92 -4.06 22.46
CA ASN G 101 -48.69 -5.09 21.78
C ASN G 101 -47.84 -5.74 20.67
N VAL G 102 -48.13 -7.01 20.37
CA VAL G 102 -47.48 -7.68 19.25
C VAL G 102 -48.44 -7.89 18.09
N GLU G 103 -49.65 -8.34 18.40
CA GLU G 103 -50.67 -8.56 17.39
C GLU G 103 -51.02 -7.26 16.70
N SER G 104 -50.91 -6.17 17.43
CA SER G 104 -51.12 -4.83 16.90
C SER G 104 -49.99 -3.91 17.34
N PRO G 105 -48.81 -4.04 16.70
CA PRO G 105 -47.59 -3.38 17.17
C PRO G 105 -47.75 -1.88 17.30
N SER G 106 -47.84 -1.43 18.56
CA SER G 106 -48.00 -0.02 18.89
C SER G 106 -47.47 0.20 20.30
N LEU G 107 -47.10 1.45 20.61
CA LEU G 107 -46.53 1.75 21.92
C LEU G 107 -47.66 1.95 22.91
N MET G 108 -48.18 0.85 23.45
CA MET G 108 -49.33 0.95 24.34
C MET G 108 -49.04 1.73 25.60
N LEU G 109 -47.83 1.58 26.15
CA LEU G 109 -47.45 2.40 27.30
C LEU G 109 -45.99 2.29 27.68
N GLN G 110 -45.52 3.30 28.40
CA GLN G 110 -44.21 3.29 29.02
C GLN G 110 -44.35 3.90 30.42
N HIS G 111 -43.69 3.35 31.42
CA HIS G 111 -43.90 3.86 32.78
C HIS G 111 -42.77 3.58 33.77
N SER G 112 -42.26 4.63 34.39
CA SER G 112 -41.22 4.52 35.41
C SER G 112 -41.73 3.81 36.67
N TYR G 113 -40.88 3.03 37.31
CA TYR G 113 -41.30 2.26 38.49
C TYR G 113 -40.18 2.11 39.51
N HIS G 114 -40.57 1.88 40.76
CA HIS G 114 -39.65 1.72 41.87
C HIS G 114 -38.75 0.48 41.75
N CYS G 115 -37.52 0.62 42.25
CA CYS G 115 -36.57 -0.49 42.24
C CYS G 115 -35.50 -0.31 43.32
N LYS G 116 -34.91 -1.41 43.76
CA LYS G 116 -33.79 -1.38 44.71
C LYS G 116 -32.65 -2.26 44.20
N PRO G 117 -31.88 -1.77 43.22
CA PRO G 117 -30.77 -2.52 42.61
C PRO G 117 -29.69 -2.84 43.61
N ASN G 118 -29.02 -3.99 43.47
CA ASN G 118 -29.27 -4.90 42.35
C ASN G 118 -29.89 -6.21 42.82
N SER G 119 -30.87 -6.10 43.72
CA SER G 119 -31.59 -7.26 44.22
C SER G 119 -32.35 -7.95 43.08
N LYS G 120 -32.34 -9.28 43.06
CA LYS G 120 -32.97 -10.01 41.97
C LYS G 120 -34.48 -9.83 41.87
N LEU G 121 -34.94 -9.60 40.65
CA LEU G 121 -36.35 -9.49 40.33
C LEU G 121 -37.08 -10.82 40.21
N ASN G 122 -38.39 -10.74 40.44
CA ASN G 122 -39.32 -11.78 40.06
C ASN G 122 -40.65 -11.07 39.80
N VAL G 123 -41.50 -11.64 38.95
CA VAL G 123 -42.63 -10.88 38.41
C VAL G 123 -43.86 -11.75 38.17
N PHE G 124 -45.06 -11.19 38.38
CA PHE G 124 -46.29 -11.93 38.10
C PHE G 124 -47.48 -11.12 37.59
N TRP G 125 -47.96 -11.49 36.41
CA TRP G 125 -49.23 -11.01 35.84
C TRP G 125 -50.46 -11.61 36.50
N MET G 126 -51.54 -10.82 36.56
CA MET G 126 -52.83 -11.26 37.12
C MET G 126 -54.01 -10.64 36.36
N PRO G 127 -54.77 -11.45 35.61
CA PRO G 127 -55.92 -10.96 34.83
C PRO G 127 -57.03 -10.37 35.70
N GLY G 128 -57.70 -9.35 35.19
CA GLY G 128 -58.71 -8.62 35.95
C GLY G 128 -60.11 -9.17 35.77
N THR G 129 -61.11 -8.33 36.03
CA THR G 129 -62.52 -8.73 35.92
C THR G 129 -62.86 -9.13 34.50
N HIS G 130 -61.99 -8.75 33.57
CA HIS G 130 -62.00 -9.30 32.21
C HIS G 130 -63.06 -8.72 31.29
N LYS G 131 -62.81 -8.84 30.00
CA LYS G 131 -63.71 -8.36 28.95
C LYS G 131 -62.97 -8.27 27.63
N ASP G 132 -61.93 -9.09 27.46
CA ASP G 132 -61.12 -9.02 26.25
C ASP G 132 -61.96 -9.43 25.05
N ASP G 133 -61.75 -8.78 23.92
CA ASP G 133 -60.78 -7.69 23.76
C ASP G 133 -61.33 -6.33 24.17
N GLU G 134 -62.63 -6.25 24.41
CA GLU G 134 -63.32 -4.95 24.44
C GLU G 134 -62.80 -4.02 25.52
N TRP G 135 -62.37 -4.59 26.65
CA TRP G 135 -61.67 -3.85 27.69
C TRP G 135 -60.95 -4.79 28.65
N LYS G 136 -59.92 -4.27 29.31
CA LYS G 136 -58.96 -5.13 30.02
C LYS G 136 -58.41 -4.47 31.27
N ASN G 137 -57.77 -5.28 32.10
CA ASN G 137 -57.01 -4.77 33.24
C ASN G 137 -56.02 -5.81 33.71
N PHE G 138 -54.97 -5.37 34.38
CA PHE G 138 -53.97 -6.29 34.92
C PHE G 138 -53.46 -5.87 36.29
N GLU G 139 -52.92 -6.85 37.01
CA GLU G 139 -52.43 -6.66 38.36
C GLU G 139 -50.96 -7.06 38.45
N LEU G 140 -50.06 -6.10 38.33
CA LEU G 140 -48.64 -6.41 38.22
C LEU G 140 -47.97 -6.60 39.56
N VAL G 141 -47.85 -7.86 39.97
CA VAL G 141 -46.96 -8.24 41.05
C VAL G 141 -45.49 -8.10 40.66
N VAL G 142 -44.69 -7.56 41.58
CA VAL G 142 -43.24 -7.45 41.39
C VAL G 142 -42.52 -7.90 42.66
N VAL G 143 -42.28 -9.20 42.72
CA VAL G 143 -41.52 -9.85 43.79
C VAL G 143 -40.04 -9.43 43.75
N GLU G 144 -39.44 -9.30 44.94
CA GLU G 144 -38.06 -8.86 45.02
C GLU G 144 -37.29 -9.66 46.08
N SER G 145 -36.00 -9.86 45.87
CA SER G 145 -35.15 -10.59 46.82
C SER G 145 -35.06 -9.83 48.12
N SER G 146 -35.34 -8.53 48.05
CA SER G 146 -35.47 -7.69 49.23
C SER G 146 -36.64 -8.17 50.08
N GLY G 147 -37.57 -8.88 49.44
CA GLY G 147 -38.77 -9.34 50.09
C GLY G 147 -39.90 -8.35 49.94
N GLU G 148 -39.60 -7.20 49.35
CA GLU G 148 -40.65 -6.31 48.89
C GLU G 148 -41.41 -7.00 47.78
N ILE G 149 -42.73 -6.81 47.76
CA ILE G 149 -43.57 -7.33 46.70
C ILE G 149 -44.55 -6.27 46.24
N GLN G 150 -44.22 -5.66 45.12
CA GLN G 150 -45.03 -4.59 44.57
C GLN G 150 -46.31 -5.16 43.98
N VAL G 151 -47.40 -4.39 43.99
CA VAL G 151 -48.55 -4.73 43.15
C VAL G 151 -49.14 -3.48 42.54
N PHE G 152 -49.47 -3.57 41.25
CA PHE G 152 -49.90 -2.41 40.49
C PHE G 152 -51.21 -2.62 39.75
N SER G 153 -52.05 -1.59 39.73
CA SER G 153 -53.17 -1.53 38.80
C SER G 153 -52.67 -1.26 37.41
N LEU G 154 -53.36 -1.81 36.41
CA LEU G 154 -53.01 -1.51 35.04
C LEU G 154 -54.20 -1.84 34.14
N THR G 155 -55.26 -1.07 34.27
CA THR G 155 -56.39 -1.21 33.36
C THR G 155 -55.90 -0.81 31.98
N ILE G 156 -56.32 -1.56 30.96
CA ILE G 156 -55.86 -1.29 29.61
C ILE G 156 -56.99 -1.49 28.60
N GLU G 157 -57.02 -0.61 27.61
CA GLU G 157 -58.04 -0.63 26.57
C GLU G 157 -57.36 -0.30 25.25
N ILE G 158 -58.03 -0.62 24.15
CA ILE G 158 -57.45 -0.49 22.82
C ILE G 158 -57.16 0.98 22.55
N GLU G 159 -57.88 1.83 23.27
CA GLU G 159 -57.72 3.28 23.16
C GLU G 159 -56.32 3.72 23.55
N GLY G 160 -55.65 2.93 24.37
CA GLY G 160 -54.31 3.24 24.79
C GLY G 160 -54.19 2.82 26.22
N ALA G 161 -53.08 2.15 26.56
CA ALA G 161 -52.94 1.60 27.89
C ALA G 161 -52.94 2.73 28.92
N ASP G 162 -53.62 2.48 30.02
CA ASP G 162 -53.74 3.46 31.09
C ASP G 162 -53.05 2.84 32.30
N ILE G 163 -52.56 3.66 33.23
CA ILE G 163 -51.81 3.07 34.34
C ILE G 163 -51.93 3.84 35.65
N ALA G 164 -51.93 3.09 36.75
CA ALA G 164 -51.88 3.67 38.09
C ALA G 164 -51.34 2.67 39.10
N LEU G 165 -50.56 3.15 40.06
CA LEU G 165 -50.04 2.32 41.14
C LEU G 165 -51.12 2.01 42.16
N VAL G 166 -51.03 0.87 42.83
CA VAL G 166 -51.92 0.62 43.97
C VAL G 166 -51.19 0.31 45.29
N GLU G 167 -50.39 -0.75 45.37
CA GLU G 167 -49.87 -1.12 46.69
C GLU G 167 -48.43 -1.62 46.71
N LYS G 168 -47.81 -1.49 47.89
CA LYS G 168 -46.45 -1.96 48.15
C LYS G 168 -46.40 -2.93 49.32
N PHE G 169 -46.47 -4.23 49.04
CA PHE G 169 -46.20 -5.22 50.08
C PHE G 169 -44.73 -5.12 50.47
N GLN G 170 -44.42 -5.32 51.75
CA GLN G 170 -43.03 -5.34 52.18
C GLN G 170 -42.82 -6.50 53.14
N LEU G 171 -42.70 -7.69 52.56
CA LEU G 171 -42.64 -8.90 53.32
C LEU G 171 -41.32 -9.03 54.05
N SER G 172 -41.37 -9.68 55.21
CA SER G 172 -40.18 -9.92 56.01
C SER G 172 -39.21 -10.85 55.29
N SER G 173 -37.91 -10.58 55.46
CA SER G 173 -36.85 -11.50 55.06
C SER G 173 -36.68 -11.65 53.55
N PRO G 174 -35.45 -11.94 53.12
CA PRO G 174 -35.15 -12.31 51.74
C PRO G 174 -35.85 -13.61 51.36
N ILE G 175 -36.25 -13.73 50.10
CA ILE G 175 -37.10 -14.84 49.65
C ILE G 175 -36.45 -15.83 48.68
N ILE G 176 -36.69 -17.12 48.92
CA ILE G 176 -36.31 -18.19 48.00
C ILE G 176 -37.14 -18.22 46.73
N LYS G 177 -38.46 -18.19 46.92
CA LYS G 177 -39.40 -18.47 45.85
C LYS G 177 -40.81 -17.99 46.19
N SER G 178 -41.57 -17.64 45.15
CA SER G 178 -42.98 -17.32 45.30
C SER G 178 -43.63 -17.41 43.92
N ILE G 179 -44.93 -17.68 43.86
CA ILE G 179 -45.61 -17.78 42.57
C ILE G 179 -47.09 -17.40 42.60
N SER G 180 -47.57 -16.90 41.47
CA SER G 180 -48.98 -16.61 41.26
C SER G 180 -49.83 -17.88 41.14
N ILE G 181 -51.05 -17.81 41.66
CA ILE G 181 -51.99 -18.93 41.67
C ILE G 181 -53.44 -18.43 41.56
N VAL G 182 -53.96 -18.33 40.33
CA VAL G 182 -55.33 -17.82 40.15
C VAL G 182 -56.37 -18.92 40.00
N SER G 183 -57.16 -19.14 41.04
CA SER G 183 -58.34 -19.99 40.94
C SER G 183 -59.37 -19.25 40.11
N PRO G 184 -60.18 -19.98 39.35
CA PRO G 184 -61.21 -19.29 38.57
C PRO G 184 -62.14 -18.49 39.48
N THR G 185 -62.40 -19.00 40.68
CA THR G 185 -63.15 -18.25 41.66
C THR G 185 -62.41 -17.03 42.18
N ALA G 186 -61.08 -17.14 42.28
CA ALA G 186 -60.33 -16.09 42.96
C ALA G 186 -58.82 -16.11 42.71
N ASN G 187 -58.24 -14.92 42.72
CA ASN G 187 -56.78 -14.74 42.78
C ASN G 187 -56.18 -15.14 44.11
N ARG G 188 -55.03 -15.81 44.04
CA ARG G 188 -54.26 -16.20 45.21
C ARG G 188 -52.79 -16.17 44.81
N ILE G 189 -51.88 -15.85 45.73
CA ILE G 189 -50.45 -15.87 45.41
C ILE G 189 -49.60 -16.37 46.58
N ALA G 190 -48.89 -17.45 46.27
CA ALA G 190 -47.95 -18.11 47.17
C ALA G 190 -46.62 -17.38 47.32
N CYS G 191 -46.02 -17.56 48.49
CA CYS G 191 -44.80 -16.85 48.87
C CYS G 191 -43.97 -17.62 49.89
N LEU G 192 -43.07 -18.48 49.41
CA LEU G 192 -42.05 -19.09 50.26
C LEU G 192 -41.07 -18.04 50.77
N THR G 193 -40.58 -18.21 52.00
CA THR G 193 -39.47 -17.41 52.48
C THR G 193 -38.18 -18.23 52.52
N GLU G 194 -37.04 -17.55 52.56
CA GLU G 194 -35.79 -18.19 52.94
C GLU G 194 -35.89 -18.63 54.38
N SER G 195 -36.75 -17.95 55.11
CA SER G 195 -37.16 -18.34 56.46
C SER G 195 -37.95 -19.65 56.40
N GLY G 196 -38.48 -19.95 55.21
CA GLY G 196 -39.31 -21.12 55.01
C GLY G 196 -40.79 -20.88 55.26
N GLU G 197 -41.12 -19.64 55.64
CA GLU G 197 -42.51 -19.22 55.77
C GLU G 197 -43.21 -19.23 54.42
N VAL G 198 -44.49 -19.57 54.41
CA VAL G 198 -45.21 -19.69 53.16
C VAL G 198 -46.51 -18.87 53.17
N THR G 199 -46.35 -17.56 53.08
CA THR G 199 -47.50 -16.65 53.11
C THR G 199 -48.26 -16.67 51.79
N VAL G 200 -49.55 -16.40 51.85
CA VAL G 200 -50.31 -16.22 50.60
C VAL G 200 -51.24 -15.03 50.64
N TYR G 201 -50.95 -14.04 49.80
CA TYR G 201 -51.93 -12.96 49.61
C TYR G 201 -53.05 -13.49 48.76
N SER G 202 -54.24 -12.96 48.95
CA SER G 202 -55.37 -13.45 48.16
C SER G 202 -56.35 -12.33 47.92
N LYS G 203 -56.90 -12.29 46.70
CA LYS G 203 -57.79 -11.19 46.34
C LYS G 203 -59.26 -11.47 46.64
N LYS G 204 -59.72 -11.04 47.79
CA LYS G 204 -61.15 -11.04 48.04
C LYS G 204 -61.72 -9.75 47.47
N GLY G 205 -61.72 -9.66 46.14
CA GLY G 205 -62.16 -8.44 45.50
C GLY G 205 -61.26 -7.32 45.99
N PRO G 206 -61.88 -6.28 46.55
CA PRO G 206 -61.15 -5.12 47.09
C PRO G 206 -60.18 -5.53 48.19
N VAL G 207 -60.55 -6.55 48.94
CA VAL G 207 -59.69 -7.09 49.98
C VAL G 207 -58.46 -7.73 49.33
N TRP G 208 -57.30 -7.55 49.94
CA TRP G 208 -56.06 -8.14 49.47
C TRP G 208 -55.30 -8.79 50.62
N SER G 209 -55.83 -9.91 51.12
CA SER G 209 -55.39 -10.41 52.43
C SER G 209 -54.26 -11.45 52.38
N PRO G 210 -53.11 -11.09 52.99
CA PRO G 210 -52.06 -12.05 53.33
C PRO G 210 -52.58 -13.05 54.33
N LYS G 211 -52.13 -14.31 54.25
CA LYS G 211 -52.46 -15.28 55.28
C LYS G 211 -51.31 -16.23 55.52
N ILE G 212 -51.15 -16.65 56.78
CA ILE G 212 -50.04 -17.49 57.19
C ILE G 212 -50.36 -18.97 57.06
N LEU G 213 -49.95 -19.58 55.95
CA LEU G 213 -50.14 -21.00 55.74
C LEU G 213 -49.33 -21.81 56.73
N SER G 214 -49.94 -22.89 57.20
CA SER G 214 -49.37 -23.68 58.27
C SER G 214 -48.47 -24.80 57.79
N GLN G 215 -47.21 -24.52 57.52
CA GLN G 215 -46.27 -25.61 57.54
C GLN G 215 -46.34 -26.10 58.98
N ASN G 216 -46.46 -27.41 59.17
CA ASN G 216 -46.78 -27.90 60.49
C ASN G 216 -45.51 -28.24 61.22
N LYS G 217 -45.67 -28.56 62.50
CA LYS G 217 -44.61 -28.64 63.48
C LYS G 217 -43.52 -29.68 63.22
N ASN G 218 -43.85 -30.76 62.51
CA ASN G 218 -42.94 -31.91 62.39
C ASN G 218 -41.61 -31.68 61.67
N TYR G 219 -41.54 -30.74 60.73
CA TYR G 219 -40.30 -30.49 60.02
C TYR G 219 -40.13 -29.01 59.70
N LEU G 220 -40.50 -28.16 60.66
CA LEU G 220 -40.46 -26.72 60.46
C LEU G 220 -39.05 -26.20 60.19
N THR G 221 -38.08 -26.88 60.77
CA THR G 221 -36.71 -26.39 60.78
C THR G 221 -36.00 -26.54 59.44
N GLU G 222 -36.54 -27.38 58.57
CA GLU G 222 -35.80 -27.80 57.38
C GLU G 222 -35.51 -26.62 56.48
N THR G 223 -34.31 -26.56 55.90
CA THR G 223 -34.17 -25.72 54.74
C THR G 223 -35.01 -26.37 53.67
N LYS G 224 -35.78 -25.56 52.98
CA LYS G 224 -36.65 -26.05 51.95
C LYS G 224 -35.84 -26.31 50.68
N LYS G 225 -36.34 -27.20 49.83
CA LYS G 225 -35.77 -27.33 48.50
C LYS G 225 -36.51 -26.34 47.59
N ASP G 226 -37.73 -26.67 47.17
CA ASP G 226 -38.67 -25.62 46.76
C ASP G 226 -40.12 -26.07 46.71
N ILE G 227 -41.01 -25.17 47.09
CA ILE G 227 -42.43 -25.37 46.89
C ILE G 227 -42.71 -25.28 45.41
N TYR G 228 -43.72 -26.02 44.97
CA TYR G 228 -44.24 -25.80 43.64
C TYR G 228 -45.65 -26.28 43.67
N GLY G 229 -46.51 -25.73 42.83
CA GLY G 229 -47.89 -26.14 42.88
C GLY G 229 -48.51 -26.07 41.51
N ILE G 230 -49.81 -26.29 41.47
CA ILE G 230 -50.51 -26.15 40.21
C ILE G 230 -51.57 -25.11 40.37
N ALA G 231 -51.32 -23.94 39.79
CA ALA G 231 -52.16 -22.78 39.98
C ALA G 231 -53.55 -22.98 39.40
N MET G 232 -53.64 -23.70 38.30
CA MET G 232 -54.93 -24.05 37.75
C MET G 232 -55.65 -25.01 38.68
N ALA G 233 -54.89 -25.82 39.40
CA ALA G 233 -55.44 -26.66 40.45
C ALA G 233 -55.49 -25.93 41.78
N ASP G 234 -54.79 -24.80 41.86
CA ASP G 234 -54.67 -24.03 43.09
C ASP G 234 -54.27 -24.98 44.20
N ILE G 235 -53.32 -25.86 43.90
CA ILE G 235 -52.91 -26.82 44.92
C ILE G 235 -51.43 -26.72 45.21
N LEU G 236 -51.10 -26.70 46.50
CA LEU G 236 -49.76 -26.40 46.93
C LEU G 236 -48.89 -27.63 47.23
N PHE G 237 -48.09 -28.06 46.26
CA PHE G 237 -47.03 -29.00 46.60
C PHE G 237 -45.86 -28.26 47.25
N LEU G 238 -45.14 -28.94 48.11
CA LEU G 238 -44.15 -28.27 48.93
C LEU G 238 -42.98 -29.18 49.26
N ALA G 239 -41.81 -28.91 48.66
CA ALA G 239 -40.69 -29.81 48.86
C ALA G 239 -40.23 -29.89 50.31
N ARG G 240 -39.97 -31.12 50.73
CA ARG G 240 -39.19 -31.42 51.92
C ARG G 240 -38.56 -32.78 51.69
N ASP G 241 -37.41 -33.01 52.30
CA ASP G 241 -36.82 -34.34 52.29
C ASP G 241 -37.68 -35.27 53.16
N SER G 242 -38.47 -34.70 54.06
CA SER G 242 -39.36 -35.46 54.93
C SER G 242 -40.66 -35.86 54.25
N GLY G 243 -40.90 -35.34 53.06
CA GLY G 243 -42.12 -35.64 52.34
C GLY G 243 -42.86 -34.37 51.95
N VAL G 244 -43.11 -34.21 50.65
CA VAL G 244 -43.72 -32.98 50.17
C VAL G 244 -45.13 -32.77 50.67
N ASP G 245 -45.45 -31.53 51.01
CA ASP G 245 -46.83 -31.18 51.32
C ASP G 245 -47.67 -31.09 50.06
N MET G 246 -48.96 -31.30 50.22
CA MET G 246 -49.92 -31.06 49.16
C MET G 246 -51.09 -30.29 49.75
N ILE G 247 -50.77 -29.14 50.35
CA ILE G 247 -51.73 -28.31 51.07
C ILE G 247 -52.81 -27.65 50.20
N ASP G 248 -54.02 -27.65 50.76
CA ASP G 248 -55.22 -26.99 50.24
C ASP G 248 -55.17 -25.48 50.38
N LEU G 249 -55.91 -24.79 49.51
CA LEU G 249 -55.91 -23.34 49.53
C LEU G 249 -57.27 -22.78 49.92
N LYS G 250 -57.37 -21.46 49.98
CA LYS G 250 -58.51 -20.76 50.57
C LYS G 250 -58.87 -21.32 51.94
N ASN G 251 -59.80 -22.26 51.97
CA ASN G 251 -60.27 -22.86 53.21
C ASN G 251 -59.14 -23.65 53.85
N ASP G 252 -58.21 -24.08 53.01
CA ASP G 252 -56.83 -24.40 53.40
C ASP G 252 -56.64 -25.51 54.43
N GLU G 253 -55.93 -26.55 54.02
CA GLU G 253 -55.51 -27.58 54.95
C GLU G 253 -54.37 -28.40 54.34
N LEU G 254 -53.49 -28.93 55.18
CA LEU G 254 -52.57 -29.98 54.73
C LEU G 254 -53.36 -31.27 54.50
N LEU G 255 -52.98 -32.03 53.47
CA LEU G 255 -53.67 -33.28 53.17
C LEU G 255 -52.78 -34.48 53.44
N HIS G 256 -51.73 -34.60 52.63
CA HIS G 256 -50.98 -35.84 52.51
C HIS G 256 -49.56 -35.56 52.05
N SER G 257 -48.65 -36.47 52.36
CA SER G 257 -47.27 -36.34 51.91
C SER G 257 -46.78 -37.61 51.22
N PHE G 258 -46.57 -37.49 49.92
CA PHE G 258 -46.13 -38.58 49.06
C PHE G 258 -44.72 -39.00 49.46
N THR G 259 -44.45 -40.31 49.51
CA THR G 259 -43.14 -40.76 50.00
C THR G 259 -42.05 -40.55 48.95
N LEU G 260 -40.98 -39.87 49.34
CA LEU G 260 -39.92 -39.51 48.41
C LEU G 260 -38.50 -39.65 48.96
N PRO G 261 -37.53 -39.89 48.07
CA PRO G 261 -36.09 -39.72 48.28
C PRO G 261 -35.75 -38.26 48.49
N PRO G 262 -34.69 -37.95 49.26
CA PRO G 262 -34.29 -36.55 49.42
C PRO G 262 -33.90 -35.96 48.07
N ILE G 263 -34.19 -34.68 47.86
CA ILE G 263 -34.14 -34.11 46.52
C ILE G 263 -33.41 -32.78 46.49
N LYS G 264 -32.70 -32.54 45.39
CA LYS G 264 -31.93 -31.32 45.22
C LYS G 264 -32.81 -30.08 45.16
N VAL G 265 -32.30 -28.99 45.73
CA VAL G 265 -32.97 -27.70 45.70
C VAL G 265 -33.05 -27.20 44.26
N ASN G 266 -34.05 -26.38 43.97
CA ASN G 266 -34.23 -25.77 42.66
C ASN G 266 -34.52 -26.80 41.60
N THR G 267 -35.36 -27.78 41.92
CA THR G 267 -35.61 -28.89 41.01
C THR G 267 -37.07 -29.28 40.90
N PHE G 268 -37.79 -29.18 42.00
CA PHE G 268 -39.15 -29.71 42.10
C PHE G 268 -40.19 -29.04 41.19
N SER G 269 -41.02 -29.87 40.55
CA SER G 269 -42.14 -29.40 39.75
C SER G 269 -43.08 -30.56 39.39
N VAL G 270 -44.32 -30.22 39.02
CA VAL G 270 -45.40 -31.19 38.85
C VAL G 270 -46.19 -30.91 37.57
N GLY G 271 -46.71 -31.96 36.94
CA GLY G 271 -47.56 -31.80 35.77
C GLY G 271 -48.69 -32.81 35.74
N VAL G 272 -49.76 -32.51 35.02
CA VAL G 272 -50.91 -33.41 34.98
C VAL G 272 -51.60 -33.48 33.63
N SER G 273 -52.05 -34.67 33.27
CA SER G 273 -52.85 -34.87 32.07
C SER G 273 -54.32 -34.49 32.25
N ASN G 274 -54.96 -34.10 31.16
CA ASN G 274 -56.41 -33.92 31.10
C ASN G 274 -57.03 -33.01 32.16
N SER G 275 -56.89 -31.71 31.98
CA SER G 275 -57.60 -30.75 32.83
C SER G 275 -59.11 -30.84 32.59
N ARG G 276 -59.87 -30.77 33.66
CA ARG G 276 -61.34 -30.76 33.59
C ARG G 276 -61.88 -30.28 34.91
N PHE G 277 -63.14 -29.87 34.97
CA PHE G 277 -63.65 -29.38 36.22
C PHE G 277 -65.08 -29.92 36.48
N VAL G 278 -65.21 -31.23 36.46
CA VAL G 278 -66.50 -31.90 36.64
C VAL G 278 -67.08 -31.65 38.03
N ASN G 279 -68.37 -31.34 38.09
CA ASN G 279 -69.14 -31.26 39.33
C ASN G 279 -68.42 -30.40 40.38
N GLY G 280 -67.64 -29.44 39.90
CA GLY G 280 -66.90 -28.56 40.78
C GLY G 280 -65.56 -29.16 41.16
N GLN G 281 -65.41 -30.46 40.95
CA GLN G 281 -64.12 -31.13 41.20
C GLN G 281 -63.13 -30.82 40.08
N PHE G 282 -61.84 -30.91 40.37
CA PHE G 282 -60.83 -30.69 39.34
C PHE G 282 -59.91 -31.91 39.21
N ARG G 283 -60.49 -33.04 38.81
CA ARG G 283 -59.75 -34.29 38.62
C ARG G 283 -58.86 -34.27 37.38
N VAL G 284 -57.79 -35.05 37.39
CA VAL G 284 -56.93 -35.21 36.23
C VAL G 284 -56.56 -36.68 36.01
N SER G 285 -56.32 -37.05 34.76
CA SER G 285 -56.05 -38.44 34.41
C SER G 285 -54.72 -39.02 34.93
N SER G 286 -53.69 -38.18 35.09
CA SER G 286 -52.40 -38.64 35.58
C SER G 286 -51.56 -37.49 36.11
N ILE G 287 -50.60 -37.83 36.98
CA ILE G 287 -49.77 -36.81 37.60
C ILE G 287 -48.31 -37.24 37.55
N SER G 288 -47.40 -36.28 37.46
CA SER G 288 -45.99 -36.59 37.30
C SER G 288 -45.09 -35.50 37.91
N PHE G 289 -43.84 -35.86 38.18
CA PHE G 289 -43.02 -35.15 39.15
C PHE G 289 -41.55 -35.00 38.78
N CYS G 290 -41.24 -33.91 38.11
CA CYS G 290 -39.87 -33.50 37.81
C CYS G 290 -39.06 -33.08 39.03
N PHE G 291 -37.81 -33.54 39.08
CA PHE G 291 -36.79 -33.04 40.01
C PHE G 291 -35.44 -33.67 39.71
N THR G 292 -34.36 -32.89 39.83
CA THR G 292 -33.02 -33.47 39.95
C THR G 292 -32.85 -34.11 41.33
N HIS G 293 -32.14 -35.23 41.40
CA HIS G 293 -31.82 -35.90 42.67
C HIS G 293 -30.77 -35.11 43.49
N ALA G 294 -30.92 -35.10 44.81
CA ALA G 294 -30.00 -34.37 45.71
C ALA G 294 -28.57 -34.90 45.77
N VAL G 295 -28.40 -36.20 45.58
CA VAL G 295 -27.13 -36.85 45.82
C VAL G 295 -26.56 -37.48 44.56
N THR G 296 -27.26 -38.46 44.04
CA THR G 296 -26.87 -39.14 42.81
C THR G 296 -26.90 -38.12 41.67
N GLU G 297 -27.74 -37.11 41.85
CA GLU G 297 -27.86 -35.99 40.93
C GLU G 297 -28.32 -36.42 39.55
N LYS G 298 -28.82 -37.65 39.46
CA LYS G 298 -29.51 -38.09 38.26
C LYS G 298 -30.89 -37.45 38.13
N VAL G 299 -31.29 -37.15 36.90
CA VAL G 299 -32.61 -36.57 36.65
C VAL G 299 -33.68 -37.57 37.05
N LEU G 300 -34.76 -37.10 37.66
CA LEU G 300 -35.80 -38.01 38.11
C LEU G 300 -37.20 -37.44 37.90
N TYR G 301 -38.10 -38.30 37.41
CA TYR G 301 -39.48 -37.91 37.13
C TYR G 301 -40.43 -38.97 37.67
N TYR G 302 -40.78 -38.90 38.95
CA TYR G 302 -41.72 -39.91 39.46
C TYR G 302 -43.12 -39.78 38.89
N TYR G 303 -43.73 -40.92 38.58
CA TYR G 303 -45.09 -40.94 38.06
C TYR G 303 -46.13 -41.43 39.05
N TYR G 304 -47.37 -40.93 38.92
CA TYR G 304 -48.50 -41.42 39.70
C TYR G 304 -49.82 -41.34 38.91
N GLY G 305 -50.79 -42.14 39.35
CA GLY G 305 -51.97 -42.43 38.55
C GLY G 305 -51.82 -43.78 37.88
N ASN G 306 -52.92 -44.30 37.34
CA ASN G 306 -52.89 -45.65 36.75
C ASN G 306 -53.25 -45.62 35.27
N GLU G 307 -54.55 -45.55 34.95
CA GLU G 307 -55.02 -45.15 33.62
C GLU G 307 -54.61 -46.27 32.61
N SER G 308 -55.01 -46.29 31.32
CA SER G 308 -55.85 -45.35 30.61
C SER G 308 -57.28 -45.29 31.12
N ASN G 309 -57.74 -46.41 31.66
CA ASN G 309 -59.08 -46.48 32.22
C ASN G 309 -59.01 -47.03 33.63
N GLU G 310 -57.80 -47.38 34.05
CA GLU G 310 -57.56 -48.00 35.34
C GLU G 310 -57.90 -47.10 36.53
N SER G 311 -57.80 -45.78 36.35
CA SER G 311 -57.98 -44.88 37.49
C SER G 311 -58.36 -43.45 37.11
N TYR G 312 -58.90 -42.73 38.10
CA TYR G 312 -59.17 -41.30 37.99
C TYR G 312 -58.69 -40.67 39.28
N ILE G 313 -58.16 -39.46 39.21
CA ILE G 313 -57.52 -38.87 40.37
C ILE G 313 -58.44 -37.90 41.11
N ILE G 314 -58.98 -38.34 42.24
CA ILE G 314 -59.67 -37.42 43.13
C ILE G 314 -58.59 -36.66 43.86
N LEU G 315 -57.85 -35.85 43.12
CA LEU G 315 -56.93 -34.96 43.76
C LEU G 315 -57.77 -34.04 44.61
N ASN G 316 -57.33 -33.82 45.85
CA ASN G 316 -58.10 -33.06 46.82
C ASN G 316 -59.55 -33.58 46.83
N LYS G 317 -60.46 -32.70 47.19
CA LYS G 317 -61.87 -32.79 46.86
C LYS G 317 -62.31 -31.34 46.79
N TRP G 318 -63.20 -31.01 45.87
CA TRP G 318 -63.65 -29.62 45.72
C TRP G 318 -64.32 -29.15 46.99
N ASP G 319 -64.97 -30.08 47.63
CA ASP G 319 -65.59 -29.90 48.93
C ASP G 319 -65.27 -31.18 49.68
N GLN G 320 -64.49 -31.09 50.77
CA GLN G 320 -64.06 -32.30 51.46
C GLN G 320 -65.21 -32.90 52.24
N GLN G 321 -66.34 -33.05 51.57
CA GLN G 321 -67.59 -33.44 52.19
C GLN G 321 -68.26 -34.51 51.35
N PRO G 322 -69.11 -35.34 51.96
CA PRO G 322 -69.89 -36.26 51.13
C PRO G 322 -70.82 -35.50 50.20
N ASN G 323 -71.04 -36.02 49.00
CA ASN G 323 -71.77 -35.31 47.97
C ASN G 323 -72.55 -36.29 47.11
N LEU G 324 -73.70 -35.86 46.61
CA LEU G 324 -74.57 -36.73 45.83
C LEU G 324 -75.23 -36.03 44.65
N VAL G 325 -74.55 -35.01 44.08
CA VAL G 325 -75.07 -34.33 42.91
C VAL G 325 -75.15 -35.32 41.75
N ASP G 326 -76.25 -35.27 41.01
CA ASP G 326 -76.48 -36.26 39.96
C ASP G 326 -76.25 -35.70 38.55
N VAL G 327 -75.03 -35.90 38.07
CA VAL G 327 -74.67 -35.64 36.68
C VAL G 327 -73.72 -36.77 36.29
N HIS G 328 -73.58 -37.04 35.00
CA HIS G 328 -72.78 -38.19 34.59
C HIS G 328 -71.32 -38.05 35.01
N ASP G 329 -70.77 -39.13 35.55
CA ASP G 329 -69.39 -39.16 36.04
C ASP G 329 -68.65 -40.37 35.51
N PRO G 330 -68.11 -40.27 34.29
CA PRO G 330 -67.47 -41.42 33.65
C PRO G 330 -66.35 -41.94 34.52
N ASP G 331 -65.71 -41.05 35.28
CA ASP G 331 -64.68 -41.47 36.20
C ASP G 331 -65.18 -42.44 37.25
N ASN G 332 -66.46 -42.41 37.62
CA ASN G 332 -66.92 -43.35 38.64
C ASN G 332 -66.76 -44.79 38.17
N SER G 333 -66.86 -44.97 36.85
CA SER G 333 -66.60 -46.28 36.25
C SER G 333 -65.14 -46.67 36.44
N LEU G 334 -64.26 -45.68 36.45
CA LEU G 334 -62.85 -45.90 36.77
C LEU G 334 -62.67 -46.12 38.27
N ALA G 335 -61.64 -46.89 38.66
CA ALA G 335 -61.38 -47.17 40.08
C ALA G 335 -60.96 -45.94 40.87
N SER G 336 -61.47 -45.82 42.09
CA SER G 336 -61.12 -44.72 42.98
C SER G 336 -59.66 -44.81 43.40
N LEU G 337 -59.02 -43.65 43.54
CA LEU G 337 -57.62 -43.62 43.98
C LEU G 337 -57.40 -43.01 45.36
N THR G 338 -57.25 -43.89 46.34
CA THR G 338 -56.61 -43.55 47.60
C THR G 338 -55.12 -43.46 47.32
N PHE G 339 -54.39 -42.72 48.16
CA PHE G 339 -52.97 -42.46 47.91
C PHE G 339 -52.16 -43.74 47.82
N ASP G 340 -52.67 -44.79 48.46
CA ASP G 340 -51.91 -46.02 48.69
C ASP G 340 -51.49 -46.76 47.42
N GLU G 341 -52.31 -46.70 46.38
CA GLU G 341 -52.05 -47.47 45.16
C GLU G 341 -51.35 -46.69 44.06
N LEU G 342 -51.00 -45.44 44.35
CA LEU G 342 -50.47 -44.55 43.32
C LEU G 342 -49.14 -45.03 42.73
N GLN G 343 -48.32 -45.68 43.55
CA GLN G 343 -47.19 -46.49 43.08
C GLN G 343 -46.26 -45.80 42.07
N GLU G 344 -45.24 -45.11 42.56
CA GLU G 344 -44.33 -44.37 41.69
C GLU G 344 -43.59 -45.31 40.75
N ASN G 345 -43.34 -44.83 39.54
CA ASN G 345 -42.62 -45.61 38.54
C ASN G 345 -41.21 -45.07 38.29
N ILE G 346 -40.21 -45.79 38.78
CA ILE G 346 -38.81 -45.37 38.69
C ILE G 346 -38.30 -45.33 37.25
N HIS G 347 -37.49 -44.32 36.94
CA HIS G 347 -36.75 -44.29 35.69
C HIS G 347 -35.55 -43.35 35.82
N GLU G 348 -34.59 -43.75 36.64
CA GLU G 348 -33.39 -42.95 36.85
C GLU G 348 -32.59 -42.86 35.55
N VAL G 349 -32.02 -41.68 35.29
CA VAL G 349 -31.35 -41.41 34.02
C VAL G 349 -30.13 -40.52 34.22
N GLU G 350 -29.19 -40.56 33.29
CA GLU G 350 -27.97 -39.77 33.41
C GLU G 350 -28.30 -38.28 33.40
N ASP G 351 -27.57 -37.50 34.20
CA ASP G 351 -27.74 -36.06 34.20
C ASP G 351 -27.32 -35.52 32.84
N ALA G 352 -26.40 -36.22 32.20
CA ALA G 352 -25.78 -35.74 30.96
C ALA G 352 -26.81 -35.60 29.85
N SER G 353 -27.85 -36.41 29.91
CA SER G 353 -28.97 -36.27 29.00
C SER G 353 -29.88 -35.17 29.52
N GLU G 354 -29.68 -33.95 29.04
CA GLU G 354 -30.51 -32.84 29.49
C GLU G 354 -31.94 -33.16 29.08
N SER G 355 -32.90 -32.97 29.97
CA SER G 355 -34.25 -33.43 29.69
C SER G 355 -35.32 -32.80 30.57
N VAL G 356 -36.55 -32.84 30.08
CA VAL G 356 -37.68 -32.30 30.80
C VAL G 356 -38.85 -33.28 30.75
N MET G 357 -39.60 -33.29 31.83
CA MET G 357 -40.91 -33.92 31.90
C MET G 357 -41.90 -33.10 31.08
N SER G 358 -42.88 -33.77 30.46
CA SER G 358 -43.94 -33.06 29.75
C SER G 358 -44.83 -32.32 30.73
N SER G 359 -45.45 -31.24 30.28
CA SER G 359 -46.31 -30.45 31.16
C SER G 359 -47.53 -31.22 31.65
N ASP G 360 -48.03 -32.13 30.81
CA ASP G 360 -49.07 -33.05 31.26
C ASP G 360 -48.45 -34.18 32.06
N GLY G 361 -47.13 -34.30 31.96
CA GLY G 361 -46.35 -35.27 32.71
C GLY G 361 -46.30 -36.62 32.03
N LEU G 362 -47.00 -36.73 30.90
CA LEU G 362 -47.16 -37.99 30.21
C LEU G 362 -45.88 -38.56 29.59
N TYR G 363 -44.97 -37.69 29.17
CA TYR G 363 -43.85 -38.13 28.35
C TYR G 363 -42.54 -37.42 28.72
N ILE G 364 -41.44 -38.15 28.60
CA ILE G 364 -40.11 -37.58 28.82
C ILE G 364 -39.54 -37.09 27.50
N PHE G 365 -38.78 -35.99 27.50
CA PHE G 365 -38.03 -35.63 26.29
C PHE G 365 -36.72 -34.94 26.60
N GLY G 366 -35.73 -35.12 25.74
CA GLY G 366 -34.44 -34.47 25.93
C GLY G 366 -33.33 -34.98 25.03
N MET G 367 -32.16 -34.36 25.16
CA MET G 367 -31.00 -34.64 24.33
C MET G 367 -29.67 -34.33 25.00
N ARG G 368 -28.59 -34.78 24.37
CA ARG G 368 -27.22 -34.45 24.76
C ARG G 368 -26.29 -34.73 23.59
N ARG G 369 -25.09 -34.14 23.60
CA ARG G 369 -24.10 -34.47 22.58
C ARG G 369 -23.11 -35.53 23.08
N LYS G 370 -23.21 -36.73 22.51
CA LYS G 370 -22.24 -37.77 22.80
C LYS G 370 -20.87 -37.36 22.27
N SER G 371 -20.89 -36.62 21.17
CA SER G 371 -19.67 -36.19 20.50
C SER G 371 -19.97 -35.14 19.45
N SER G 372 -18.94 -34.45 19.01
CA SER G 372 -19.07 -33.46 17.95
C SER G 372 -17.72 -33.33 17.27
N SER G 373 -17.69 -32.76 16.07
CA SER G 373 -16.44 -32.64 15.33
C SER G 373 -16.43 -31.45 14.36
N GLY G 374 -15.24 -31.15 13.83
CA GLY G 374 -15.09 -30.03 12.91
C GLY G 374 -15.44 -30.36 11.47
N ILE G 375 -15.34 -29.36 10.60
CA ILE G 375 -15.56 -29.53 9.17
C ILE G 375 -14.55 -30.49 8.56
N SER G 376 -13.36 -30.55 9.13
CA SER G 376 -12.29 -31.41 8.62
C SER G 376 -12.65 -32.89 8.79
N GLU H 10 -19.55 -26.55 13.54
CA GLU H 10 -19.03 -27.86 13.90
C GLU H 10 -20.01 -28.98 13.57
N THR H 11 -19.47 -30.13 13.21
CA THR H 11 -20.27 -31.35 13.09
C THR H 11 -20.65 -31.79 14.51
N GLN H 12 -21.86 -32.32 14.68
CA GLN H 12 -22.32 -32.66 16.02
C GLN H 12 -23.14 -33.94 16.06
N VAL H 13 -22.66 -34.92 16.83
CA VAL H 13 -23.37 -36.18 17.03
C VAL H 13 -24.31 -36.07 18.24
N TRP H 14 -25.47 -35.45 18.03
CA TRP H 14 -26.45 -35.30 19.08
C TRP H 14 -27.24 -36.57 19.36
N GLU H 15 -27.75 -36.68 20.58
CA GLU H 15 -28.47 -37.88 21.02
C GLU H 15 -29.91 -37.59 21.45
N VAL H 16 -30.85 -37.72 20.52
CA VAL H 16 -32.27 -37.69 20.86
C VAL H 16 -32.66 -39.00 21.56
N TRP H 17 -33.55 -38.93 22.54
CA TRP H 17 -34.17 -40.14 23.08
C TRP H 17 -35.45 -39.84 23.86
N MET H 18 -36.21 -40.89 24.17
CA MET H 18 -37.47 -40.73 24.90
C MET H 18 -37.80 -41.95 25.75
N TYR H 19 -38.63 -41.73 26.77
CA TYR H 19 -39.10 -42.81 27.61
C TYR H 19 -40.53 -42.53 28.07
N SER H 20 -41.50 -43.06 27.35
CA SER H 20 -42.91 -42.89 27.71
C SER H 20 -43.22 -43.55 29.05
N GLN H 21 -44.02 -42.85 29.85
CA GLN H 21 -44.54 -43.40 31.10
C GLN H 21 -45.79 -44.21 30.83
N SER H 22 -46.59 -43.75 29.88
CA SER H 22 -47.83 -44.42 29.53
C SER H 22 -47.57 -45.82 28.98
N GLU H 23 -46.43 -45.97 28.29
CA GLU H 23 -46.04 -47.25 27.73
C GLU H 23 -44.94 -47.90 28.56
N LYS H 24 -44.35 -47.13 29.46
CA LYS H 24 -43.17 -47.54 30.21
C LYS H 24 -42.10 -48.04 29.25
N LYS H 25 -41.77 -47.23 28.26
CA LYS H 25 -40.97 -47.69 27.12
C LYS H 25 -39.92 -46.69 26.65
N HIS H 26 -38.71 -47.19 26.37
CA HIS H 26 -37.62 -46.34 25.91
C HIS H 26 -37.27 -46.53 24.43
N ARG H 27 -36.93 -45.42 23.78
CA ARG H 27 -36.44 -45.43 22.39
C ARG H 27 -35.47 -44.27 22.22
N SER H 28 -34.79 -44.21 21.07
CA SER H 28 -33.85 -43.14 20.82
C SER H 28 -33.60 -42.88 19.34
N LYS H 29 -33.05 -41.71 19.03
CA LYS H 29 -32.64 -41.37 17.68
C LYS H 29 -31.31 -40.63 17.68
N SER H 30 -30.52 -40.83 16.64
CA SER H 30 -29.35 -39.99 16.42
C SER H 30 -29.77 -38.65 15.83
N LEU H 31 -28.99 -37.61 16.06
CA LEU H 31 -29.25 -36.32 15.44
C LEU H 31 -27.95 -35.65 15.03
N LYS H 32 -27.56 -35.83 13.78
CA LYS H 32 -26.37 -35.17 13.25
C LYS H 32 -26.56 -33.67 13.15
N MET H 33 -25.50 -32.92 13.43
CA MET H 33 -25.48 -31.49 13.13
C MET H 33 -24.15 -31.04 12.55
N TYR H 34 -24.00 -31.18 11.24
CA TYR H 34 -22.80 -30.70 10.57
C TYR H 34 -22.67 -29.17 10.55
N ASN H 35 -21.44 -28.70 10.78
CA ASN H 35 -21.09 -27.28 10.65
C ASN H 35 -21.92 -26.34 11.54
N SER H 36 -22.38 -26.82 12.68
CA SER H 36 -23.11 -25.96 13.61
C SER H 36 -22.19 -24.88 14.18
N LEU H 37 -22.69 -23.64 14.21
CA LEU H 37 -21.95 -22.54 14.83
C LEU H 37 -22.24 -22.49 16.33
N ILE H 38 -23.25 -23.24 16.74
CA ILE H 38 -23.64 -23.31 18.14
C ILE H 38 -22.57 -24.09 18.91
N ILE H 39 -22.35 -23.73 20.17
CA ILE H 39 -21.33 -24.38 20.97
C ILE H 39 -21.94 -24.83 22.30
N ALA H 40 -23.01 -24.15 22.70
CA ALA H 40 -23.58 -24.27 24.04
C ALA H 40 -24.30 -25.60 24.31
N ASP H 41 -24.37 -25.95 25.60
CA ASP H 41 -25.18 -27.06 26.07
C ASP H 41 -26.67 -26.70 26.03
N PRO H 42 -27.54 -27.70 25.86
CA PRO H 42 -28.99 -27.48 25.82
C PRO H 42 -29.55 -26.93 27.13
N GLY H 43 -30.59 -26.10 27.02
CA GLY H 43 -31.17 -25.45 28.17
C GLY H 43 -30.88 -23.96 28.21
N PRO H 44 -31.69 -23.19 28.96
CA PRO H 44 -32.87 -23.60 29.72
C PRO H 44 -33.98 -24.15 28.83
N SER H 45 -34.72 -25.14 29.33
CA SER H 45 -35.74 -25.82 28.55
C SER H 45 -37.13 -25.43 28.99
N LEU H 46 -38.09 -25.57 28.08
CA LEU H 46 -39.47 -25.29 28.43
C LEU H 46 -40.43 -25.90 27.42
N ALA H 47 -41.36 -26.73 27.92
CA ALA H 47 -42.31 -27.37 27.03
C ALA H 47 -43.19 -26.34 26.35
N VAL H 48 -43.36 -26.49 25.04
CA VAL H 48 -44.17 -25.56 24.27
C VAL H 48 -45.61 -26.07 24.23
N SER H 49 -45.82 -27.26 24.77
CA SER H 49 -47.13 -27.87 24.91
C SER H 49 -47.00 -29.16 25.69
N ASP H 50 -48.12 -29.85 25.92
CA ASP H 50 -48.09 -31.15 26.56
C ASP H 50 -47.37 -32.19 25.70
N ARG H 51 -47.46 -32.03 24.38
CA ARG H 51 -46.89 -33.00 23.46
C ARG H 51 -45.57 -32.52 22.85
N CYS H 52 -45.21 -31.27 23.13
CA CYS H 52 -44.07 -30.68 22.44
C CYS H 52 -43.30 -29.71 23.31
N VAL H 53 -41.99 -29.62 23.08
CA VAL H 53 -41.10 -28.83 23.93
C VAL H 53 -40.15 -27.99 23.09
N ALA H 54 -39.86 -26.77 23.58
CA ALA H 54 -38.81 -25.94 23.02
C ALA H 54 -37.63 -25.86 23.98
N ILE H 55 -36.42 -25.81 23.44
CA ILE H 55 -35.20 -25.80 24.25
C ILE H 55 -34.14 -24.88 23.67
N VAL H 56 -33.47 -24.12 24.53
CA VAL H 56 -32.35 -23.29 24.09
C VAL H 56 -31.17 -24.10 23.57
N LEU H 57 -30.66 -23.69 22.42
CA LEU H 57 -29.46 -24.25 21.81
C LEU H 57 -28.72 -23.12 21.13
N GLY H 58 -27.84 -22.46 21.89
CA GLY H 58 -27.21 -21.25 21.41
C GLY H 58 -28.32 -20.25 21.19
N ASN H 59 -28.18 -19.40 20.18
CA ASN H 59 -29.27 -18.52 19.78
C ASN H 59 -30.45 -19.29 19.20
N TYR H 60 -30.18 -20.46 18.61
CA TYR H 60 -31.25 -21.25 18.00
C TYR H 60 -32.05 -22.02 19.03
N VAL H 61 -33.29 -22.35 18.71
CA VAL H 61 -34.10 -23.12 19.64
C VAL H 61 -34.64 -24.41 19.01
N ALA H 62 -34.32 -25.53 19.65
CA ALA H 62 -34.88 -26.80 19.24
C ALA H 62 -36.37 -26.83 19.53
N LEU H 63 -37.14 -27.36 18.60
CA LEU H 63 -38.56 -27.62 18.81
C LEU H 63 -38.84 -29.06 18.48
N VAL H 64 -39.46 -29.79 19.41
CA VAL H 64 -39.71 -31.21 19.22
C VAL H 64 -41.15 -31.51 19.61
N GLY H 65 -41.79 -32.47 18.98
CA GLY H 65 -43.13 -32.85 19.36
C GLY H 65 -43.65 -34.18 18.82
N TYR H 66 -44.70 -34.68 19.44
CA TYR H 66 -45.32 -35.93 19.02
C TYR H 66 -46.84 -35.84 19.03
N GLY H 67 -47.46 -36.14 17.89
CA GLY H 67 -48.91 -36.14 17.79
C GLY H 67 -49.38 -34.71 17.67
N SER H 68 -48.40 -33.83 17.52
CA SER H 68 -48.62 -32.40 17.51
C SER H 68 -49.33 -31.91 16.25
N GLU H 69 -50.22 -30.92 16.43
CA GLU H 69 -50.89 -30.29 15.31
C GLU H 69 -50.00 -29.22 14.69
N ILE H 70 -48.92 -28.91 15.39
CA ILE H 70 -48.00 -27.84 15.01
C ILE H 70 -47.27 -28.19 13.71
N PHE H 71 -47.12 -29.50 13.46
CA PHE H 71 -46.39 -29.98 12.28
C PHE H 71 -47.33 -30.19 11.09
N SER I 70 -17.50 15.98 2.12
CA SER I 70 -18.07 16.71 0.98
C SER I 70 -16.98 17.39 0.17
N PRO I 71 -17.18 17.56 -1.15
CA PRO I 71 -16.27 18.44 -1.90
C PRO I 71 -16.10 19.81 -1.26
N LEU I 72 -17.17 20.35 -0.66
CA LEU I 72 -17.04 21.60 0.08
C LEU I 72 -16.17 21.42 1.32
N GLU I 73 -16.52 20.46 2.20
CA GLU I 73 -15.84 20.26 3.48
C GLU I 73 -14.33 20.02 3.29
N VAL I 74 -13.91 19.62 2.09
CA VAL I 74 -12.50 19.60 1.73
C VAL I 74 -11.93 21.01 1.76
N LEU I 75 -12.62 21.95 1.12
CA LEU I 75 -12.13 23.33 1.07
C LEU I 75 -12.27 24.01 2.43
N ALA I 76 -13.36 23.75 3.15
CA ALA I 76 -13.44 24.22 4.53
C ALA I 76 -12.29 23.68 5.36
N SER I 77 -11.94 22.41 5.16
CA SER I 77 -10.80 21.84 5.88
C SER I 77 -9.50 22.54 5.49
N TRP I 78 -9.39 22.98 4.24
CA TRP I 78 -8.21 23.72 3.81
C TRP I 78 -8.09 25.05 4.55
N TYR I 79 -9.18 25.82 4.58
CA TYR I 79 -9.13 27.13 5.23
C TYR I 79 -8.86 27.00 6.72
N ALA I 80 -9.50 26.03 7.37
CA ALA I 80 -9.22 25.79 8.78
C ALA I 80 -7.79 25.30 8.97
N ALA I 81 -7.22 24.62 7.97
CA ALA I 81 -5.81 24.24 8.03
C ALA I 81 -4.93 25.48 8.05
N ASP I 82 -5.06 26.33 7.04
CA ASP I 82 -4.24 27.54 6.99
C ASP I 82 -4.50 28.45 8.19
N LEU I 83 -5.73 28.45 8.70
CA LEU I 83 -6.05 29.28 9.85
C LEU I 83 -5.40 28.76 11.14
N LEU I 84 -5.08 27.48 11.21
CA LEU I 84 -4.42 26.89 12.37
C LEU I 84 -2.90 27.02 12.30
N ASP I 85 -2.33 26.76 11.12
CA ASP I 85 -0.89 26.93 10.94
C ASP I 85 -0.47 28.36 11.23
N ALA I 86 -1.35 29.33 11.02
CA ALA I 86 -1.06 30.72 11.37
C ALA I 86 -1.29 31.03 12.84
N LEU I 87 -2.21 30.31 13.48
CA LEU I 87 -2.51 30.55 14.89
C LEU I 87 -1.46 29.94 15.82
N LEU I 88 -0.77 28.89 15.38
CA LEU I 88 0.23 28.25 16.24
C LEU I 88 1.51 29.07 16.29
N MET I 89 1.89 29.71 15.17
CA MET I 89 3.10 30.53 15.15
C MET I 89 2.96 31.82 15.94
N GLU I 90 1.74 32.33 16.12
CA GLU I 90 1.51 33.48 16.97
C GLU I 90 1.49 33.11 18.45
N SER I 91 1.45 31.83 18.79
CA SER I 91 1.40 31.42 20.20
C SER I 91 2.74 31.56 20.90
N LEU I 92 3.80 31.89 20.17
CA LEU I 92 5.14 32.05 20.73
C LEU I 92 5.47 33.50 21.06
N SER I 93 5.11 34.43 20.18
CA SER I 93 5.33 35.84 20.44
C SER I 93 4.28 36.42 21.39
N ARG I 94 3.00 36.21 21.10
CA ARG I 94 1.92 36.75 21.91
C ARG I 94 1.31 35.68 22.81
N LYS I 95 0.60 36.16 23.84
CA LYS I 95 -0.26 35.31 24.65
C LYS I 95 -1.57 35.14 23.89
N VAL I 96 -1.97 33.90 23.69
CA VAL I 96 -3.12 33.57 22.84
C VAL I 96 -4.18 32.88 23.69
N GLU I 97 -5.43 33.02 23.28
CA GLU I 97 -6.58 32.64 24.09
C GLU I 97 -7.48 31.64 23.37
N ILE I 98 -8.24 30.88 24.17
CA ILE I 98 -9.03 29.76 23.65
C ILE I 98 -10.02 30.22 22.58
N SER I 99 -10.55 31.45 22.70
CA SER I 99 -11.53 31.94 21.74
C SER I 99 -11.04 31.82 20.30
N GLU I 100 -9.72 31.91 20.08
CA GLU I 100 -9.18 31.78 18.73
C GLU I 100 -9.19 30.33 18.25
N ILE I 101 -9.08 29.38 19.17
CA ILE I 101 -9.07 27.96 18.80
C ILE I 101 -10.48 27.45 18.51
N GLU I 102 -11.43 27.77 19.39
CA GLU I 102 -12.82 27.36 19.16
C GLU I 102 -13.36 27.94 17.85
N GLU I 103 -12.85 29.11 17.44
CA GLU I 103 -13.19 29.63 16.11
C GLU I 103 -12.71 28.66 15.03
N ILE I 104 -11.48 28.15 15.17
CA ILE I 104 -10.95 27.23 14.18
C ILE I 104 -11.70 25.90 14.22
N ILE I 105 -12.14 25.48 15.40
CA ILE I 105 -12.78 24.16 15.55
C ILE I 105 -14.15 24.16 14.89
N SER I 106 -14.95 25.20 15.15
CA SER I 106 -16.25 25.30 14.51
C SER I 106 -16.10 25.59 13.01
N LEU I 107 -15.10 26.39 12.64
CA LEU I 107 -14.84 26.63 11.22
C LEU I 107 -14.50 25.33 10.49
N CYS I 108 -13.92 24.39 11.21
CA CYS I 108 -13.55 23.11 10.63
C CYS I 108 -14.78 22.25 10.34
N PRO I 109 -14.53 21.01 9.74
CA PRO I 109 -15.75 20.23 9.49
C PRO I 109 -15.97 19.15 10.55
N LYS I 110 -17.04 18.39 10.41
CA LYS I 110 -17.36 17.33 11.37
C LYS I 110 -16.14 16.45 11.64
N ASN I 111 -15.93 15.45 10.81
CA ASN I 111 -14.80 14.55 10.96
C ASN I 111 -13.77 14.71 9.85
N SER I 112 -12.94 15.73 9.96
CA SER I 112 -11.91 16.00 8.96
C SER I 112 -10.52 15.65 9.47
N SER I 113 -9.50 16.02 8.70
CA SER I 113 -8.12 15.84 9.13
C SER I 113 -7.72 16.91 10.13
N ILE I 114 -7.91 18.17 9.76
CA ILE I 114 -7.47 19.29 10.58
C ILE I 114 -8.30 19.43 11.86
N ILE I 115 -9.48 18.80 11.93
CA ILE I 115 -10.24 18.80 13.18
C ILE I 115 -9.51 18.04 14.28
N ARG I 116 -8.71 17.04 13.92
CA ARG I 116 -7.93 16.33 14.95
C ARG I 116 -6.72 17.15 15.37
N HIS I 117 -6.06 17.82 14.42
CA HIS I 117 -4.89 18.62 14.75
C HIS I 117 -5.28 19.86 15.56
N ALA I 118 -6.45 20.43 15.30
CA ALA I 118 -6.91 21.60 16.04
C ALA I 118 -7.07 21.28 17.52
N LEU I 119 -7.61 20.10 17.83
CA LEU I 119 -7.79 19.69 19.22
C LEU I 119 -6.45 19.46 19.91
N LEU I 120 -5.50 18.86 19.20
CA LEU I 120 -4.15 18.74 19.73
C LEU I 120 -3.60 20.11 20.09
N ALA I 121 -3.77 21.10 19.20
CA ALA I 121 -3.28 22.44 19.49
C ALA I 121 -3.88 22.95 20.80
N LYS I 122 -5.16 22.68 20.99
CA LYS I 122 -5.86 23.07 22.21
C LYS I 122 -5.29 22.34 23.43
N LEU I 123 -4.96 21.07 23.27
CA LEU I 123 -4.41 20.30 24.38
C LEU I 123 -3.02 20.78 24.74
N VAL I 124 -2.27 21.24 23.75
CA VAL I 124 -0.92 21.74 23.98
C VAL I 124 -0.96 23.18 24.47
N LEU I 125 -1.65 24.05 23.73
CA LEU I 125 -1.52 25.48 23.99
C LEU I 125 -2.21 25.94 25.26
N PHE I 126 -3.04 25.12 25.89
CA PHE I 126 -3.80 25.55 27.07
C PHE I 126 -3.71 24.51 28.17
N PRO I 127 -2.81 24.69 29.16
CA PRO I 127 -2.75 23.74 30.25
C PRO I 127 -3.91 23.86 31.21
N GLU I 128 -4.44 25.08 31.40
CA GLU I 128 -5.61 25.26 32.24
C GLU I 128 -6.82 24.49 31.73
N ASN I 129 -6.81 24.06 30.45
CA ASN I 129 -7.87 23.25 29.85
C ASN I 129 -7.22 22.02 29.20
N THR I 130 -6.73 21.09 30.02
CA THR I 130 -6.17 19.83 29.53
C THR I 130 -7.09 18.64 29.78
N ALA I 131 -7.66 18.55 30.98
CA ALA I 131 -8.58 17.44 31.28
C ALA I 131 -9.75 17.44 30.31
N ASP I 132 -10.50 18.55 30.25
CA ASP I 132 -11.58 18.66 29.28
C ASP I 132 -11.06 18.54 27.86
N SER I 133 -9.84 19.03 27.59
CA SER I 133 -9.27 18.95 26.24
C SER I 133 -8.85 17.54 25.88
N LEU I 134 -8.19 16.85 26.81
CA LEU I 134 -7.74 15.49 26.55
C LEU I 134 -8.92 14.59 26.20
N ASN I 135 -10.07 14.80 26.86
CA ASN I 135 -11.28 14.06 26.52
C ASN I 135 -11.66 14.30 25.07
N GLU I 136 -11.74 15.58 24.68
CA GLU I 136 -12.14 15.94 23.32
C GLU I 136 -11.18 15.37 22.27
N VAL I 137 -9.90 15.25 22.62
CA VAL I 137 -8.95 14.62 21.70
C VAL I 137 -9.22 13.12 21.63
N LEU I 138 -9.29 12.45 22.79
CA LEU I 138 -9.46 11.01 22.77
C LEU I 138 -10.85 10.60 22.28
N ALA I 139 -11.82 11.51 22.34
CA ALA I 139 -13.13 11.23 21.77
C ALA I 139 -13.11 11.34 20.26
N ALA I 140 -12.39 12.34 19.74
CA ALA I 140 -12.27 12.51 18.29
C ALA I 140 -11.43 11.42 17.67
N TYR I 141 -10.59 10.75 18.47
CA TYR I 141 -9.83 9.60 18.01
C TYR I 141 -10.60 8.30 18.23
N LYS I 142 -11.31 8.17 19.35
CA LYS I 142 -12.22 7.04 19.50
C LYS I 142 -13.33 7.09 18.45
N ASN I 143 -13.58 8.27 17.87
CA ASN I 143 -14.57 8.41 16.82
C ASN I 143 -13.99 8.08 15.44
N THR I 144 -12.81 8.61 15.13
CA THR I 144 -12.15 8.30 13.87
C THR I 144 -11.97 6.79 13.68
N LEU I 145 -11.79 6.05 14.78
CA LEU I 145 -11.57 4.62 14.70
C LEU I 145 -12.88 3.86 14.46
N ASP I 146 -13.95 4.26 15.15
CA ASP I 146 -15.23 3.56 15.04
C ASP I 146 -15.73 3.58 13.60
N LEU I 147 -15.64 4.75 12.96
CA LEU I 147 -15.96 4.90 11.55
C LEU I 147 -14.76 4.63 10.66
N CYS I 148 -13.99 3.61 10.97
CA CYS I 148 -12.96 3.04 10.10
C CYS I 148 -13.16 1.54 9.93
N SER I 149 -13.53 0.83 11.01
CA SER I 149 -13.89 -0.58 10.92
C SER I 149 -15.35 -0.80 10.56
N GLN I 150 -16.24 0.06 11.03
CA GLN I 150 -17.67 -0.12 10.80
C GLN I 150 -18.03 0.38 9.40
N ASP I 151 -17.02 0.46 8.53
CA ASP I 151 -17.23 0.93 7.17
C ASP I 151 -16.09 0.48 6.25
N SER I 157 -9.62 -1.06 6.78
CA SER I 157 -9.49 -0.86 8.23
C SER I 157 -8.04 -1.01 8.69
N VAL I 158 -7.14 -0.28 8.03
CA VAL I 158 -5.71 -0.28 8.35
C VAL I 158 -5.26 1.16 8.52
N LEU I 159 -4.40 1.38 9.52
CA LEU I 159 -4.02 2.73 9.92
C LEU I 159 -2.88 3.27 9.06
N LYS I 160 -2.85 4.59 8.94
CA LYS I 160 -1.88 5.29 8.10
C LYS I 160 -1.25 6.43 8.89
N ILE I 161 -0.16 6.09 9.58
CA ILE I 161 0.56 7.02 10.45
C ILE I 161 2.03 6.99 10.07
N ASN I 162 2.65 8.16 10.00
CA ASN I 162 4.08 8.23 9.78
C ASN I 162 4.77 8.56 11.11
N LEU I 163 6.10 8.48 11.09
CA LEU I 163 6.85 8.58 12.33
C LEU I 163 6.70 9.97 12.95
N SER I 164 6.61 11.00 12.11
CA SER I 164 6.53 12.36 12.64
C SER I 164 5.20 12.58 13.37
N LYS I 165 4.12 11.99 12.87
CA LYS I 165 2.84 12.10 13.55
C LYS I 165 2.70 11.14 14.72
N LEU I 166 3.49 10.05 14.73
CA LEU I 166 3.61 9.24 15.94
C LEU I 166 4.27 10.04 17.05
N PHE I 167 5.50 10.50 16.80
CA PHE I 167 6.19 11.36 17.76
C PHE I 167 5.33 12.56 18.18
N THR I 168 4.50 13.06 17.26
CA THR I 168 3.63 14.19 17.58
C THR I 168 2.60 13.82 18.64
N LEU I 169 1.84 12.74 18.41
CA LEU I 169 0.90 12.29 19.45
C LEU I 169 1.64 11.84 20.70
N HIS I 170 2.78 11.19 20.52
CA HIS I 170 3.58 10.72 21.65
C HIS I 170 3.84 11.84 22.65
N SER I 171 4.51 12.90 22.19
CA SER I 171 4.88 14.02 23.05
C SER I 171 3.64 14.70 23.61
N CYS I 172 2.66 14.94 22.75
CA CYS I 172 1.48 15.69 23.12
C CYS I 172 0.73 15.01 24.27
N LEU I 173 0.78 13.68 24.34
CA LEU I 173 0.19 12.98 25.47
C LEU I 173 1.01 13.20 26.73
N SER I 174 2.33 12.95 26.67
CA SER I 174 3.18 13.10 27.86
C SER I 174 3.07 14.50 28.44
N LEU I 175 3.10 15.52 27.57
CA LEU I 175 2.89 16.89 28.04
C LEU I 175 1.52 17.04 28.68
N ALA I 176 0.50 16.42 28.10
CA ALA I 176 -0.84 16.52 28.67
C ALA I 176 -0.93 15.81 30.01
N LEU I 177 -0.12 14.77 30.24
CA LEU I 177 -0.15 14.03 31.50
C LEU I 177 0.76 14.61 32.57
N GLN I 178 1.81 15.32 32.18
CA GLN I 178 2.56 16.11 33.15
C GLN I 178 1.67 17.19 33.75
N ARG I 179 0.85 17.82 32.91
CA ARG I 179 -0.07 18.84 33.39
C ARG I 179 -1.19 18.28 34.24
N LEU I 180 -1.38 16.97 34.27
CA LEU I 180 -2.43 16.35 35.08
C LEU I 180 -1.90 15.69 36.34
N GLY I 181 -0.66 15.97 36.73
CA GLY I 181 -0.12 15.55 38.00
C GLY I 181 0.47 14.15 38.03
N TYR I 182 0.10 13.28 37.09
CA TYR I 182 0.69 11.94 37.04
C TYR I 182 2.13 11.93 36.59
N GLY I 183 2.81 13.08 36.61
CA GLY I 183 4.19 13.20 36.18
C GLY I 183 5.11 12.13 36.71
N ASP I 184 4.74 11.51 37.83
CA ASP I 184 5.37 10.27 38.24
C ASP I 184 5.31 9.21 37.14
N VAL I 185 4.37 9.32 36.20
CA VAL I 185 4.33 8.48 35.02
C VAL I 185 4.79 9.23 33.78
N SER I 186 4.35 10.48 33.63
CA SER I 186 4.54 11.22 32.39
C SER I 186 6.01 11.39 32.05
N LYS I 187 6.87 11.49 33.06
CA LYS I 187 8.32 11.50 32.80
C LYS I 187 8.74 10.23 32.08
N ARG I 188 8.42 9.06 32.65
CA ARG I 188 8.93 7.79 32.11
C ARG I 188 8.40 7.54 30.70
N MET I 189 7.29 8.18 30.34
CA MET I 189 6.76 8.08 28.98
C MET I 189 7.53 8.99 28.03
N TYR I 190 7.83 10.20 28.49
CA TYR I 190 8.63 11.12 27.69
C TYR I 190 10.03 10.56 27.44
N GLN I 191 10.53 9.73 28.35
CA GLN I 191 11.88 9.18 28.17
C GLN I 191 11.98 8.28 26.95
N GLU I 192 10.90 7.59 26.59
CA GLU I 192 10.99 6.69 25.46
C GLU I 192 10.23 7.22 24.27
N ILE I 193 10.65 8.38 23.76
CA ILE I 193 10.05 9.00 22.59
C ILE I 193 11.03 8.88 21.44
N PHE I 194 10.60 8.30 20.33
CA PHE I 194 11.47 8.26 19.18
C PHE I 194 11.33 9.59 18.44
N VAL I 195 12.40 10.36 18.40
CA VAL I 195 12.42 11.70 17.81
C VAL I 195 12.94 11.59 16.38
N PRO I 196 12.21 12.15 15.43
CA PRO I 196 12.62 12.11 14.02
C PRO I 196 13.93 12.85 13.78
N ASP I 197 14.42 12.84 12.55
CA ASP I 197 15.67 13.52 12.20
C ASP I 197 15.39 14.89 11.62
N SER I 198 16.34 15.38 10.81
CA SER I 198 16.20 16.69 10.18
C SER I 198 15.66 16.57 8.77
N ASP I 199 14.50 17.19 8.53
CA ASP I 199 13.87 17.15 7.22
C ASP I 199 12.99 18.38 6.99
N ALA I 200 12.57 18.58 5.76
CA ALA I 200 11.72 19.72 5.40
C ALA I 200 10.35 19.61 6.05
N ASP I 201 9.79 18.41 6.02
CA ASP I 201 8.47 18.16 6.59
C ASP I 201 8.47 18.41 8.10
N ILE I 202 7.75 19.43 8.53
CA ILE I 202 7.66 19.78 9.95
C ILE I 202 6.57 20.81 10.21
N THR I 203 5.32 20.35 10.21
CA THR I 203 4.18 21.23 10.44
C THR I 203 4.33 22.00 11.75
N PRO I 204 3.78 23.21 11.79
CA PRO I 204 3.84 24.06 12.99
C PRO I 204 3.16 23.44 14.20
N LEU I 205 2.19 22.57 13.98
CA LEU I 205 1.59 21.82 15.08
C LEU I 205 2.66 20.99 15.80
N SER I 206 3.39 20.17 15.04
CA SER I 206 4.43 19.33 15.66
C SER I 206 5.58 20.17 16.23
N PHE I 207 5.83 21.35 15.68
CA PHE I 207 6.86 22.22 16.22
C PHE I 207 6.44 22.79 17.56
N ILE I 208 5.23 23.35 17.64
CA ILE I 208 4.75 23.93 18.90
C ILE I 208 4.69 22.88 19.99
N ILE I 209 4.25 21.66 19.64
CA ILE I 209 4.25 20.58 20.63
C ILE I 209 5.67 20.26 21.07
N SER I 210 6.57 20.04 20.10
CA SER I 210 7.93 19.66 20.45
C SER I 210 8.64 20.76 21.23
N TRP I 211 8.29 22.02 20.97
CA TRP I 211 8.87 23.13 21.70
C TRP I 211 8.31 23.21 23.11
N THR I 212 6.98 23.31 23.23
CA THR I 212 6.37 23.44 24.55
C THR I 212 6.57 22.19 25.40
N ALA I 213 6.79 21.03 24.78
CA ALA I 213 7.09 19.82 25.54
C ALA I 213 8.54 19.80 26.00
N LEU I 214 9.46 20.30 25.17
CA LEU I 214 10.85 20.43 25.59
C LEU I 214 10.98 21.36 26.78
N ASN I 215 10.25 22.48 26.75
CA ASN I 215 10.28 23.43 27.87
C ASN I 215 9.69 22.82 29.12
N THR I 216 8.51 22.22 29.01
CA THR I 216 7.85 21.66 30.18
C THR I 216 8.57 20.43 30.74
N PHE I 217 9.57 19.91 30.04
CA PHE I 217 10.36 18.79 30.54
C PHE I 217 11.84 19.11 30.60
N ALA I 218 12.25 20.33 30.26
CA ALA I 218 13.66 20.69 30.44
C ALA I 218 14.13 20.60 31.88
N PRO I 219 13.34 20.95 32.92
CA PRO I 219 13.85 20.79 34.28
C PRO I 219 13.67 19.40 34.89
N ILE I 220 12.48 18.81 34.80
CA ILE I 220 12.19 17.57 35.53
C ILE I 220 13.07 16.43 35.03
N CYS I 221 13.25 16.31 33.73
CA CYS I 221 14.02 15.20 33.18
C CYS I 221 15.51 15.46 33.36
N THR I 222 16.09 14.80 34.38
CA THR I 222 17.54 14.69 34.58
C THR I 222 17.85 13.33 35.19
N SER I 223 16.84 12.65 35.73
CA SER I 223 17.02 11.37 36.41
C SER I 223 16.60 10.17 35.55
N GLU I 226 17.63 8.50 28.26
CA GLU I 226 17.00 9.02 29.47
C GLU I 226 16.98 10.53 29.46
N ASN I 227 18.13 11.14 29.75
CA ASN I 227 18.28 12.57 29.64
C ASN I 227 18.51 12.91 28.18
N ASP I 228 18.68 11.85 27.39
CA ASP I 228 18.89 11.95 25.95
C ASP I 228 17.74 12.67 25.24
N VAL I 229 16.53 12.61 25.79
CA VAL I 229 15.36 13.14 25.08
C VAL I 229 15.44 14.66 25.00
N VAL I 230 15.68 15.31 26.15
CA VAL I 230 15.76 16.77 26.18
C VAL I 230 16.75 17.27 25.13
N GLU I 231 17.95 16.67 25.11
CA GLU I 231 18.97 17.08 24.14
C GLU I 231 18.52 16.77 22.72
N LYS I 232 17.97 15.58 22.50
CA LYS I 232 17.49 15.21 21.16
C LYS I 232 16.30 16.07 20.77
N MET I 233 15.41 16.35 21.71
CA MET I 233 14.23 17.14 21.39
C MET I 233 14.59 18.60 21.16
N ALA I 234 15.52 19.14 21.97
CA ALA I 234 15.97 20.51 21.78
C ALA I 234 16.69 20.65 20.45
N MET I 235 17.48 19.65 20.06
CA MET I 235 18.11 19.65 18.75
C MET I 235 17.08 19.58 17.63
N TYR I 236 15.97 18.90 17.88
CA TYR I 236 14.92 18.85 16.87
C TYR I 236 14.39 20.25 16.58
N VAL I 237 14.21 21.05 17.62
CA VAL I 237 13.69 22.40 17.44
C VAL I 237 14.75 23.30 16.83
N ARG I 238 15.94 23.27 17.41
CA ARG I 238 17.05 24.09 16.91
C ARG I 238 17.32 23.82 15.44
N THR I 239 17.42 22.54 15.08
CA THR I 239 17.67 22.16 13.70
C THR I 239 16.38 21.75 12.99
N ALA I 240 15.28 21.80 13.73
CA ALA I 240 13.98 21.42 13.18
C ALA I 240 12.95 22.51 13.44
N ILE I 241 13.29 23.75 13.07
CA ILE I 241 12.39 24.88 13.25
C ILE I 241 11.52 25.07 12.01
N GLY I 242 12.05 25.73 11.00
CA GLY I 242 11.33 25.95 9.75
C GLY I 242 10.41 27.15 9.73
N THR I 243 10.36 27.90 10.83
CA THR I 243 9.52 29.09 10.91
C THR I 243 10.30 30.28 11.44
N LEU I 244 9.84 31.48 11.10
CA LEU I 244 10.56 32.71 11.42
C LEU I 244 10.68 32.96 12.92
N LYS I 245 11.83 33.44 13.34
CA LYS I 245 12.05 33.81 14.73
C LYS I 245 11.19 35.00 15.13
N ILE I 246 10.70 34.97 16.37
CA ILE I 246 9.93 36.08 16.92
C ILE I 246 9.91 35.94 18.44
N GLN I 247 10.91 36.53 19.09
CA GLN I 247 11.18 36.27 20.50
C GLN I 247 11.36 34.76 20.69
N ASP I 248 11.87 34.13 19.64
CA ASP I 248 11.99 32.67 19.61
C ASP I 248 13.45 32.25 19.39
N LEU I 249 14.22 33.09 18.71
CA LEU I 249 15.64 32.83 18.53
C LEU I 249 16.31 32.84 19.89
N LYS I 250 15.84 33.70 20.78
CA LYS I 250 16.25 33.68 22.18
C LYS I 250 15.69 32.45 22.87
N LEU I 251 14.53 32.00 22.42
CA LEU I 251 13.89 30.81 23.00
C LEU I 251 14.55 29.54 22.47
N SER I 252 14.87 29.53 21.19
CA SER I 252 15.63 28.43 20.62
C SER I 252 17.02 28.38 21.23
N ARG I 253 17.58 29.55 21.53
CA ARG I 253 18.86 29.63 22.21
C ARG I 253 18.72 29.12 23.63
N LYS I 254 17.55 29.33 24.22
CA LYS I 254 17.25 28.80 25.54
C LYS I 254 17.17 27.28 25.50
N LEU I 255 16.70 26.77 24.36
CA LEU I 255 16.62 25.33 24.17
C LEU I 255 18.01 24.74 24.05
N ILE I 256 18.85 25.39 23.26
CA ILE I 256 20.22 24.94 23.06
C ILE I 256 21.03 25.03 24.35
N ASN I 257 20.71 26.03 25.17
CA ASN I 257 21.42 26.25 26.42
C ASN I 257 20.98 25.23 27.46
N SER I 258 19.69 24.95 27.51
CA SER I 258 19.17 23.94 28.42
C SER I 258 19.73 22.59 28.03
N CYS I 259 19.89 22.40 26.73
CA CYS I 259 20.52 21.22 26.20
C CYS I 259 21.99 21.19 26.57
N ILE I 260 22.57 22.38 26.72
CA ILE I 260 23.98 22.48 27.08
C ILE I 260 24.21 22.11 28.54
N ASP I 261 23.30 22.57 29.41
CA ASP I 261 23.35 22.19 30.82
C ASP I 261 23.03 20.70 30.95
N ILE I 262 22.23 20.19 30.01
CA ILE I 262 22.01 18.75 29.94
C ILE I 262 23.30 18.02 29.58
N GLY I 263 24.09 18.65 28.71
CA GLY I 263 25.42 18.13 28.39
C GLY I 263 26.37 18.32 29.57
N SER I 264 26.08 19.35 30.38
CA SER I 264 26.91 19.70 31.53
C SER I 264 26.52 18.92 32.78
N ARG I 265 25.44 18.13 32.68
CA ARG I 265 24.87 17.43 33.82
C ARG I 265 25.89 16.54 34.53
N VAL J 68 14.13 -10.38 6.08
CA VAL J 68 15.30 -11.11 5.60
C VAL J 68 15.71 -12.19 6.60
N LEU J 69 15.20 -13.40 6.39
CA LEU J 69 15.51 -14.52 7.27
C LEU J 69 15.90 -15.76 6.46
N SER J 70 16.93 -16.46 6.92
CA SER J 70 17.41 -17.66 6.25
C SER J 70 16.32 -18.72 6.19
N PRO J 71 16.76 -20.02 5.88
CA PRO J 71 15.67 -21.02 5.84
C PRO J 71 15.61 -21.84 7.13
N LEU J 72 16.62 -21.68 7.99
CA LEU J 72 16.66 -22.42 9.25
C LEU J 72 15.83 -21.72 10.31
N GLU J 73 15.85 -20.39 10.34
CA GLU J 73 15.14 -19.65 11.37
C GLU J 73 13.65 -19.51 11.09
N VAL J 74 13.25 -19.61 9.82
CA VAL J 74 11.83 -19.64 9.48
C VAL J 74 11.15 -20.85 10.12
N LEU J 75 11.81 -22.01 10.04
CA LEU J 75 11.27 -23.20 10.69
C LEU J 75 11.34 -23.07 12.20
N ALA J 76 12.41 -22.45 12.71
CA ALA J 76 12.50 -22.22 14.15
C ALA J 76 11.32 -21.39 14.64
N SER J 77 10.88 -20.42 13.83
CA SER J 77 9.77 -19.56 14.22
C SER J 77 8.45 -20.31 14.15
N TRP J 78 8.26 -21.13 13.11
CA TRP J 78 7.04 -21.93 12.99
C TRP J 78 6.94 -22.93 14.15
N TYR J 79 8.04 -23.63 14.42
CA TYR J 79 8.09 -24.53 15.57
C TYR J 79 7.80 -23.76 16.87
N ALA J 80 8.42 -22.58 17.03
CA ALA J 80 8.20 -21.79 18.24
C ALA J 80 6.75 -21.31 18.32
N ALA J 81 6.18 -20.87 17.19
CA ALA J 81 4.82 -20.35 17.18
C ALA J 81 3.80 -21.42 17.55
N ASP J 82 4.07 -22.69 17.23
CA ASP J 82 3.17 -23.75 17.62
C ASP J 82 3.32 -24.11 19.10
N LEU J 83 4.55 -24.12 19.61
CA LEU J 83 4.77 -24.36 21.04
C LEU J 83 4.19 -23.23 21.87
N LEU J 84 4.35 -21.99 21.39
CA LEU J 84 3.80 -20.83 22.09
C LEU J 84 2.28 -20.90 22.12
N ASP J 85 1.65 -21.19 20.97
CA ASP J 85 0.20 -21.37 20.98
C ASP J 85 -0.19 -22.50 21.92
N ALA J 86 0.62 -23.55 21.98
CA ALA J 86 0.31 -24.69 22.85
C ALA J 86 0.36 -24.28 24.31
N LEU J 87 1.35 -23.46 24.68
CA LEU J 87 1.52 -23.05 26.07
C LEU J 87 0.42 -22.08 26.51
N LEU J 88 -0.10 -21.27 25.61
CA LEU J 88 -1.17 -20.34 25.96
C LEU J 88 -2.46 -21.08 26.27
N MET J 89 -2.87 -22.00 25.39
CA MET J 89 -4.07 -22.77 25.63
C MET J 89 -3.88 -23.74 26.81
N GLU J 90 -2.68 -24.30 26.96
CA GLU J 90 -2.42 -25.16 28.12
C GLU J 90 -2.46 -24.36 29.42
N SER J 91 -2.04 -23.09 29.40
CA SER J 91 -2.06 -22.27 30.60
C SER J 91 -3.45 -22.07 31.15
N LEU J 92 -4.47 -22.26 30.30
CA LEU J 92 -5.85 -22.08 30.72
C LEU J 92 -6.35 -23.27 31.55
N SER J 93 -5.89 -24.48 31.37
CA SER J 93 -6.46 -25.45 32.28
C SER J 93 -5.42 -26.23 33.08
N ARG J 94 -4.22 -25.65 33.17
CA ARG J 94 -3.08 -26.25 33.84
C ARG J 94 -2.31 -25.08 34.45
N LYS J 95 -1.27 -25.37 35.24
CA LYS J 95 -0.56 -24.30 35.92
C LYS J 95 0.69 -23.95 35.13
N VAL J 96 0.82 -22.71 34.67
CA VAL J 96 1.94 -22.37 33.78
C VAL J 96 3.14 -21.65 34.46
N GLU J 97 4.29 -21.69 33.80
CA GLU J 97 5.49 -21.05 34.33
C GLU J 97 6.30 -20.39 33.22
N ILE J 98 7.39 -19.72 33.60
CA ILE J 98 8.24 -19.05 32.63
C ILE J 98 9.30 -20.00 32.07
N SER J 99 9.67 -21.00 32.86
CA SER J 99 10.66 -21.98 32.45
C SER J 99 10.38 -22.48 31.03
N GLU J 100 9.11 -22.47 30.65
CA GLU J 100 8.71 -22.92 29.32
C GLU J 100 8.88 -21.82 28.28
N ILE J 101 8.79 -20.57 28.73
CA ILE J 101 8.94 -19.42 27.83
C ILE J 101 10.40 -19.11 27.53
N GLU J 102 11.27 -19.24 28.54
CA GLU J 102 12.71 -19.17 28.30
C GLU J 102 13.11 -20.11 27.16
N GLU J 103 12.63 -21.34 27.19
CA GLU J 103 12.89 -22.28 26.11
C GLU J 103 12.31 -21.79 24.79
N ILE J 104 11.19 -21.06 24.84
CA ILE J 104 10.57 -20.58 23.61
C ILE J 104 11.41 -19.44 23.03
N ILE J 105 11.54 -18.34 23.76
CA ILE J 105 12.20 -17.15 23.24
C ILE J 105 13.59 -17.49 22.73
N SER J 106 14.31 -18.37 23.43
CA SER J 106 15.61 -18.81 22.96
C SER J 106 15.48 -19.60 21.67
N LEU J 107 14.41 -20.40 21.54
CA LEU J 107 14.18 -21.13 20.30
C LEU J 107 13.76 -20.18 19.19
N CYS J 108 13.01 -19.12 19.51
CA CYS J 108 12.64 -18.16 18.47
C CYS J 108 13.89 -17.44 17.98
N PRO J 109 14.02 -17.25 16.66
CA PRO J 109 15.18 -16.51 16.14
C PRO J 109 15.20 -15.09 16.66
N LYS J 110 16.40 -14.53 16.61
CA LYS J 110 16.78 -13.40 17.45
C LYS J 110 16.09 -12.08 17.08
N ASN J 111 15.39 -11.98 15.94
CA ASN J 111 14.74 -10.70 15.61
C ASN J 111 13.47 -10.88 14.77
N SER J 112 12.37 -11.32 15.41
CA SER J 112 11.19 -11.74 14.66
C SER J 112 9.92 -11.34 15.41
N SER J 113 8.78 -11.44 14.72
CA SER J 113 7.50 -11.17 15.36
C SER J 113 7.23 -12.13 16.51
N ILE J 114 7.63 -13.39 16.36
CA ILE J 114 7.41 -14.41 17.38
C ILE J 114 8.10 -14.05 18.69
N ILE J 115 9.22 -13.33 18.63
CA ILE J 115 9.84 -12.83 19.86
C ILE J 115 8.82 -12.09 20.72
N ARG J 116 8.16 -11.07 20.12
CA ARG J 116 7.23 -10.18 20.83
C ARG J 116 6.00 -10.95 21.34
N HIS J 117 5.47 -11.86 20.51
CA HIS J 117 4.38 -12.71 20.93
C HIS J 117 4.79 -13.59 22.11
N ALA J 118 6.02 -14.14 22.05
CA ALA J 118 6.55 -14.86 23.20
C ALA J 118 6.69 -13.94 24.41
N LEU J 119 6.97 -12.66 24.18
CA LEU J 119 7.13 -11.71 25.29
C LEU J 119 5.78 -11.29 25.85
N LEU J 120 4.84 -10.90 24.98
CA LEU J 120 3.51 -10.53 25.45
C LEU J 120 2.83 -11.68 26.18
N ALA J 121 3.10 -12.92 25.77
CA ALA J 121 2.62 -14.06 26.53
C ALA J 121 3.28 -14.13 27.90
N LYS J 122 4.58 -13.86 27.96
CA LYS J 122 5.31 -13.83 29.24
C LYS J 122 4.85 -12.67 30.12
N LEU J 123 4.42 -11.57 29.52
CA LEU J 123 3.91 -10.46 30.30
C LEU J 123 2.60 -10.82 30.97
N VAL J 124 1.70 -11.48 30.24
CA VAL J 124 0.38 -11.84 30.76
C VAL J 124 0.47 -13.02 31.69
N LEU J 125 1.14 -14.10 31.26
CA LEU J 125 1.11 -15.35 32.02
C LEU J 125 1.90 -15.29 33.32
N PHE J 126 2.72 -14.26 33.52
CA PHE J 126 3.57 -14.16 34.72
C PHE J 126 3.43 -12.78 35.33
N PRO J 127 2.64 -12.65 36.37
CA PRO J 127 2.24 -11.33 36.88
C PRO J 127 3.22 -10.70 37.87
N GLU J 128 3.92 -11.49 38.68
CA GLU J 128 4.99 -10.92 39.49
C GLU J 128 6.13 -10.44 38.61
N ASN J 129 6.32 -11.10 37.47
CA ASN J 129 7.31 -10.72 36.48
C ASN J 129 6.82 -9.64 35.54
N THR J 130 5.66 -9.03 35.80
CA THR J 130 5.21 -7.92 34.95
C THR J 130 6.29 -6.86 34.80
N ALA J 131 6.80 -6.36 35.92
CA ALA J 131 7.81 -5.31 35.87
C ALA J 131 9.00 -5.71 35.02
N ASP J 132 9.47 -6.95 35.19
CA ASP J 132 10.66 -7.41 34.49
C ASP J 132 10.36 -7.98 33.11
N SER J 133 9.12 -8.36 32.81
CA SER J 133 8.77 -8.76 31.46
C SER J 133 8.27 -7.60 30.61
N LEU J 134 7.70 -6.57 31.25
CA LEU J 134 7.37 -5.34 30.54
C LEU J 134 8.62 -4.65 30.01
N ASN J 135 9.75 -4.82 30.72
CA ASN J 135 11.02 -4.26 30.25
C ASN J 135 11.32 -4.73 28.84
N GLU J 136 11.24 -6.05 28.63
CA GLU J 136 11.66 -6.64 27.35
C GLU J 136 10.63 -6.39 26.26
N VAL J 137 9.33 -6.38 26.62
CA VAL J 137 8.27 -6.10 25.64
C VAL J 137 8.48 -4.73 25.01
N LEU J 138 8.85 -3.75 25.82
CA LEU J 138 9.18 -2.42 25.30
C LEU J 138 10.53 -2.44 24.58
N ALA J 139 11.51 -3.18 25.11
CA ALA J 139 12.80 -3.26 24.45
C ALA J 139 12.67 -3.78 23.03
N ALA J 140 11.93 -4.88 22.85
CA ALA J 140 11.76 -5.44 21.51
C ALA J 140 11.00 -4.50 20.60
N TYR J 141 10.02 -3.78 21.14
CA TYR J 141 9.25 -2.85 20.32
C TYR J 141 10.01 -1.56 20.05
N LYS J 142 10.78 -1.07 21.03
CA LYS J 142 11.65 0.07 20.75
C LYS J 142 12.81 -0.31 19.85
N ASN J 143 13.14 -1.61 19.78
CA ASN J 143 14.17 -2.07 18.86
C ASN J 143 13.60 -2.36 17.48
N THR J 144 12.40 -2.94 17.44
CA THR J 144 11.73 -3.10 16.15
C THR J 144 11.41 -1.76 15.51
N LEU J 145 11.18 -0.72 16.32
CA LEU J 145 11.08 0.64 15.81
C LEU J 145 12.44 1.18 15.43
N ASP J 146 13.50 0.71 16.10
CA ASP J 146 14.82 1.31 15.95
C ASP J 146 15.32 1.15 14.52
N LEU J 147 15.23 -0.07 13.99
CA LEU J 147 15.61 -0.35 12.61
C LEU J 147 14.54 0.05 11.62
N CYS J 148 13.32 0.36 12.08
CA CYS J 148 12.23 0.69 11.18
C CYS J 148 12.48 2.00 10.43
N SER J 149 13.42 2.82 10.90
CA SER J 149 13.89 3.99 10.17
C SER J 149 15.36 3.92 9.81
N GLN J 150 16.17 3.24 10.61
CA GLN J 150 17.61 3.20 10.46
C GLN J 150 18.04 1.89 9.80
N VAL J 158 7.65 3.25 7.76
CA VAL J 158 6.24 3.48 8.00
C VAL J 158 5.60 2.24 8.63
N LEU J 159 4.88 2.48 9.72
CA LEU J 159 4.26 1.39 10.47
C LEU J 159 2.93 1.02 9.83
N LYS J 160 2.56 -0.25 9.99
CA LYS J 160 1.30 -0.80 9.51
C LYS J 160 0.85 -1.81 10.54
N ILE J 161 -0.02 -1.36 11.46
CA ILE J 161 -0.47 -2.17 12.59
C ILE J 161 -1.93 -2.53 12.37
N ASN J 162 -2.33 -3.70 12.87
CA ASN J 162 -3.69 -4.20 12.75
C ASN J 162 -4.56 -3.76 13.93
N LEU J 163 -5.87 -3.74 13.70
CA LEU J 163 -6.82 -3.43 14.77
C LEU J 163 -6.62 -4.34 15.97
N SER J 164 -6.61 -5.65 15.74
CA SER J 164 -6.44 -6.59 16.82
C SER J 164 -5.05 -6.48 17.44
N LYS J 165 -4.05 -6.13 16.63
CA LYS J 165 -2.71 -5.88 17.17
C LYS J 165 -2.73 -4.69 18.12
N LEU J 166 -3.37 -3.59 17.72
CA LEU J 166 -3.53 -2.45 18.61
C LEU J 166 -4.25 -2.86 19.90
N PHE J 167 -5.41 -3.50 19.74
CA PHE J 167 -6.19 -3.95 20.89
C PHE J 167 -5.38 -4.88 21.79
N THR J 168 -4.66 -5.83 21.19
CA THR J 168 -3.82 -6.74 22.00
C THR J 168 -2.81 -5.96 22.83
N LEU J 169 -2.00 -5.12 22.17
CA LEU J 169 -1.06 -4.27 22.92
C LEU J 169 -1.79 -3.36 23.89
N HIS J 170 -2.90 -2.75 23.44
CA HIS J 170 -3.70 -1.89 24.30
C HIS J 170 -4.05 -2.60 25.61
N SER J 171 -4.80 -3.69 25.52
CA SER J 171 -5.29 -4.38 26.72
C SER J 171 -4.15 -5.03 27.49
N CYS J 172 -3.10 -5.45 26.79
CA CYS J 172 -1.97 -6.08 27.47
C CYS J 172 -1.23 -5.07 28.33
N LEU J 173 -1.12 -3.82 27.87
CA LEU J 173 -0.54 -2.78 28.69
C LEU J 173 -1.46 -2.43 29.87
N SER J 174 -2.76 -2.27 29.60
CA SER J 174 -3.72 -2.04 30.68
C SER J 174 -3.58 -3.11 31.75
N LEU J 175 -3.46 -4.37 31.32
CA LEU J 175 -3.30 -5.47 32.27
C LEU J 175 -2.00 -5.32 33.04
N ALA J 176 -0.92 -4.99 32.33
CA ALA J 176 0.39 -4.84 32.98
C ALA J 176 0.41 -3.66 33.94
N LEU J 177 -0.36 -2.61 33.67
CA LEU J 177 -0.37 -1.46 34.56
C LEU J 177 -1.15 -1.74 35.83
N GLN J 178 -2.31 -2.41 35.72
CA GLN J 178 -3.05 -2.75 36.93
C GLN J 178 -2.21 -3.62 37.86
N ARG J 179 -1.48 -4.57 37.28
CA ARG J 179 -0.59 -5.42 38.07
C ARG J 179 0.58 -4.66 38.66
N LEU J 180 0.66 -3.36 38.38
CA LEU J 180 1.75 -2.53 38.89
C LEU J 180 1.28 -1.70 40.08
N GLY J 181 0.07 -1.16 39.98
CA GLY J 181 -0.49 -0.34 41.04
C GLY J 181 -0.90 1.04 40.56
N TYR J 182 -1.52 1.09 39.39
CA TYR J 182 -1.97 2.36 38.82
C TYR J 182 -3.49 2.50 38.91
N GLY J 183 -4.18 1.37 38.95
CA GLY J 183 -5.62 1.37 39.04
C GLY J 183 -6.27 2.38 38.11
N ASP J 184 -6.39 3.63 38.58
CA ASP J 184 -6.98 4.69 37.80
C ASP J 184 -6.45 4.69 36.36
N VAL J 185 -5.14 4.79 36.23
CA VAL J 185 -4.51 4.80 34.92
C VAL J 185 -4.73 3.48 34.17
N SER J 186 -4.88 2.40 34.94
CA SER J 186 -5.11 1.08 34.37
C SER J 186 -6.54 0.95 33.85
N LYS J 187 -7.48 1.51 34.59
CA LYS J 187 -8.90 1.45 34.21
C LYS J 187 -9.21 2.36 33.04
N ARG J 188 -8.63 3.56 33.05
CA ARG J 188 -8.93 4.53 31.98
C ARG J 188 -8.40 4.05 30.66
N MET J 189 -7.20 3.46 30.67
CA MET J 189 -6.69 2.86 29.44
C MET J 189 -7.55 1.65 29.05
N TYR J 190 -7.98 0.88 30.04
CA TYR J 190 -8.86 -0.26 29.78
C TYR J 190 -10.19 0.18 29.18
N GLN J 191 -10.75 1.27 29.70
CA GLN J 191 -12.03 1.76 29.19
C GLN J 191 -11.91 2.36 27.80
N GLU J 192 -10.71 2.71 27.35
CA GLU J 192 -10.53 3.25 26.00
C GLU J 192 -10.04 2.18 25.02
N ILE J 193 -10.00 0.91 25.44
CA ILE J 193 -9.65 -0.15 24.52
C ILE J 193 -10.69 -0.23 23.42
N PHE J 194 -10.23 -0.41 22.19
CA PHE J 194 -11.14 -0.56 21.06
C PHE J 194 -11.13 -2.05 20.71
N VAL J 195 -12.13 -2.76 21.24
CA VAL J 195 -12.22 -4.21 21.01
C VAL J 195 -12.61 -4.47 19.55
N PRO J 196 -11.88 -5.31 18.82
CA PRO J 196 -12.27 -5.60 17.44
C PRO J 196 -13.65 -6.25 17.39
N ASP J 197 -14.26 -6.17 16.21
CA ASP J 197 -15.60 -6.70 16.00
C ASP J 197 -15.66 -8.18 16.31
N SER J 198 -15.46 -9.02 15.28
CA SER J 198 -15.45 -10.47 15.41
C SER J 198 -15.01 -11.09 14.08
N ASP J 199 -13.71 -11.09 13.81
CA ASP J 199 -13.24 -11.63 12.53
C ASP J 199 -12.36 -12.87 12.73
N ALA J 200 -11.58 -13.25 11.72
CA ALA J 200 -10.73 -14.43 11.82
C ALA J 200 -9.49 -14.20 12.66
N ASP J 201 -9.09 -12.93 12.86
CA ASP J 201 -7.91 -12.58 13.65
C ASP J 201 -8.08 -12.97 15.11
N ILE J 202 -8.07 -14.27 15.38
CA ILE J 202 -8.24 -14.81 16.73
C ILE J 202 -7.09 -15.79 16.92
N THR J 203 -6.09 -15.38 17.67
CA THR J 203 -4.99 -16.26 18.05
C THR J 203 -5.07 -16.56 19.55
N PRO J 204 -4.67 -17.77 19.96
CA PRO J 204 -4.64 -18.08 21.40
C PRO J 204 -3.99 -17.00 22.25
N LEU J 205 -3.01 -16.27 21.73
CA LEU J 205 -2.42 -15.19 22.50
C LEU J 205 -3.42 -14.05 22.69
N SER J 206 -4.03 -13.58 21.61
CA SER J 206 -5.03 -12.52 21.75
C SER J 206 -6.16 -12.96 22.66
N PHE J 207 -6.48 -14.25 22.65
CA PHE J 207 -7.53 -14.77 23.52
C PHE J 207 -7.08 -14.81 24.96
N ILE J 208 -5.89 -15.35 25.22
CA ILE J 208 -5.40 -15.47 26.59
C ILE J 208 -5.29 -14.10 27.24
N ILE J 209 -4.85 -13.09 26.48
CA ILE J 209 -4.74 -11.74 27.00
C ILE J 209 -6.12 -11.20 27.37
N SER J 210 -7.09 -11.36 26.46
CA SER J 210 -8.42 -10.79 26.67
C SER J 210 -9.15 -11.50 27.80
N TRP J 211 -8.90 -12.80 27.95
CA TRP J 211 -9.47 -13.53 29.08
C TRP J 211 -8.91 -12.99 30.39
N THR J 212 -7.58 -13.04 30.56
CA THR J 212 -7.00 -12.63 31.84
C THR J 212 -7.23 -11.15 32.11
N ALA J 213 -7.34 -10.34 31.07
CA ALA J 213 -7.58 -8.90 31.26
C ALA J 213 -9.03 -8.66 31.66
N LEU J 214 -9.96 -9.36 31.02
CA LEU J 214 -11.35 -9.32 31.48
C LEU J 214 -11.42 -9.74 32.94
N ASN J 215 -10.65 -10.76 33.32
CA ASN J 215 -10.67 -11.27 34.69
C ASN J 215 -10.23 -10.20 35.68
N THR J 216 -9.01 -9.67 35.50
CA THR J 216 -8.45 -8.74 36.48
C THR J 216 -9.08 -7.36 36.42
N PHE J 217 -10.04 -7.12 35.52
CA PHE J 217 -10.68 -5.81 35.37
C PHE J 217 -12.19 -5.84 35.49
N ALA J 218 -12.84 -6.99 35.34
CA ALA J 218 -14.29 -7.03 35.51
C ALA J 218 -14.76 -6.59 36.89
N PRO J 219 -14.04 -6.80 37.99
CA PRO J 219 -14.49 -6.27 39.29
C PRO J 219 -14.17 -4.81 39.55
N ILE J 220 -13.69 -4.04 38.56
CA ILE J 220 -13.27 -2.66 38.77
C ILE J 220 -14.00 -1.70 37.84
N CYS J 221 -13.98 -1.99 36.53
CA CYS J 221 -14.68 -1.16 35.54
C CYS J 221 -16.17 -1.40 35.53
N THR J 222 -16.65 -2.43 36.22
CA THR J 222 -18.06 -2.75 36.27
C THR J 222 -18.80 -1.80 37.20
N SER J 223 -18.06 -1.15 38.09
CA SER J 223 -18.64 -0.21 39.05
C SER J 223 -19.18 1.03 38.35
N PRO J 224 -18.22 1.96 37.93
CA PRO J 224 -18.80 3.13 37.25
C PRO J 224 -19.69 2.72 36.09
N LYS J 225 -20.90 3.27 36.01
CA LYS J 225 -21.80 2.81 34.96
C LYS J 225 -22.14 3.93 34.00
N GLU J 226 -21.86 3.72 32.72
CA GLU J 226 -22.14 4.73 31.72
C GLU J 226 -21.49 4.37 30.39
N ASN J 227 -20.17 4.44 30.35
CA ASN J 227 -19.43 4.10 29.16
C ASN J 227 -18.38 3.05 29.46
N ASP J 228 -18.65 1.80 29.09
CA ASP J 228 -17.69 0.74 29.35
C ASP J 228 -17.63 -0.24 28.17
N VAL J 229 -16.56 -1.04 28.14
CA VAL J 229 -16.39 -2.02 27.07
C VAL J 229 -16.52 -3.44 27.60
N VAL J 230 -16.77 -3.56 28.90
CA VAL J 230 -16.91 -4.86 29.54
C VAL J 230 -17.80 -5.78 28.71
N GLU J 231 -18.91 -5.23 28.22
CA GLU J 231 -19.85 -6.00 27.41
C GLU J 231 -19.21 -6.43 26.09
N LYS J 232 -18.53 -5.50 25.44
CA LYS J 232 -17.87 -5.78 24.16
C LYS J 232 -16.71 -6.76 24.36
N MET J 233 -16.00 -6.62 25.47
CA MET J 233 -14.88 -7.51 25.76
C MET J 233 -15.33 -8.95 25.94
N ALA J 234 -16.46 -9.16 26.63
CA ALA J 234 -16.92 -10.52 26.90
C ALA J 234 -17.48 -11.18 25.65
N MET J 235 -18.07 -10.39 24.74
CA MET J 235 -18.51 -10.95 23.48
C MET J 235 -17.34 -11.30 22.56
N TYR J 236 -16.17 -10.70 22.81
CA TYR J 236 -14.96 -11.08 22.08
C TYR J 236 -14.47 -12.46 22.51
N VAL J 237 -14.36 -12.70 23.82
CA VAL J 237 -13.88 -13.99 24.30
C VAL J 237 -14.90 -15.10 24.01
N ARG J 238 -16.18 -14.75 23.91
CA ARG J 238 -17.18 -15.69 23.40
C ARG J 238 -16.76 -16.27 22.06
N THR J 239 -16.57 -15.41 21.05
CA THR J 239 -16.20 -15.85 19.73
C THR J 239 -14.75 -16.36 19.67
N ALA J 240 -13.95 -16.12 20.71
CA ALA J 240 -12.58 -16.57 20.76
C ALA J 240 -12.50 -18.10 20.88
N ILE J 241 -12.85 -18.61 22.05
CA ILE J 241 -12.83 -20.04 22.30
C ILE J 241 -13.81 -20.78 21.38
N GLY J 242 -13.26 -21.48 20.39
CA GLY J 242 -14.08 -22.23 19.45
C GLY J 242 -13.45 -22.32 18.07
N THR J 243 -12.33 -23.04 17.99
CA THR J 243 -11.62 -23.20 16.72
C THR J 243 -11.21 -24.65 16.50
N LEU J 244 -9.93 -24.93 16.65
CA LEU J 244 -9.41 -26.28 16.46
C LEU J 244 -8.92 -26.92 17.75
N LYS J 245 -9.29 -26.35 18.90
CA LYS J 245 -8.85 -26.88 20.18
C LYS J 245 -9.38 -28.29 20.45
N ILE J 246 -10.61 -28.54 19.99
CA ILE J 246 -11.36 -29.79 20.17
C ILE J 246 -11.15 -30.46 21.54
N GLN J 247 -10.93 -29.66 22.56
CA GLN J 247 -10.65 -30.16 23.91
C GLN J 247 -10.80 -29.04 24.91
N ASP J 248 -11.25 -29.34 26.13
CA ASP J 248 -11.63 -30.70 26.53
C ASP J 248 -12.97 -30.67 27.25
N LEU J 249 -13.99 -30.14 26.58
CA LEU J 249 -15.35 -30.02 27.13
C LEU J 249 -15.40 -29.17 28.41
N LYS J 250 -14.59 -29.57 29.40
CA LYS J 250 -14.50 -28.85 30.67
C LYS J 250 -13.93 -27.45 30.50
N LEU J 251 -13.08 -27.27 29.48
CA LEU J 251 -12.61 -25.94 29.13
C LEU J 251 -13.75 -25.15 28.51
N SER J 252 -14.52 -25.81 27.65
CA SER J 252 -15.71 -25.21 27.07
C SER J 252 -16.77 -24.99 28.15
N ARG J 253 -16.81 -25.89 29.13
CA ARG J 253 -17.70 -25.73 30.27
C ARG J 253 -17.28 -24.53 31.10
N LYS J 254 -15.98 -24.27 31.15
CA LYS J 254 -15.43 -23.13 31.87
C LYS J 254 -15.76 -21.85 31.14
N LEU J 255 -15.70 -21.89 29.82
CA LEU J 255 -16.11 -20.76 29.01
C LEU J 255 -17.59 -20.51 29.20
N ILE J 256 -18.34 -21.59 29.38
CA ILE J 256 -19.78 -21.48 29.67
C ILE J 256 -19.97 -20.84 31.03
N ASN J 257 -19.04 -21.12 31.95
CA ASN J 257 -19.03 -20.47 33.25
C ASN J 257 -18.71 -19.00 33.12
N SER J 258 -17.94 -18.66 32.08
CA SER J 258 -17.61 -17.27 31.80
C SER J 258 -18.83 -16.54 31.27
N CYS J 259 -19.54 -17.19 30.36
CA CYS J 259 -20.77 -16.61 29.82
C CYS J 259 -21.78 -16.45 30.93
N ILE J 260 -21.79 -17.41 31.84
CA ILE J 260 -22.64 -17.32 33.00
C ILE J 260 -22.20 -16.15 33.88
N ASP J 261 -20.90 -15.90 33.91
CA ASP J 261 -20.35 -14.80 34.70
C ASP J 261 -20.73 -13.44 34.11
N ILE J 262 -20.90 -13.40 32.80
CA ILE J 262 -21.25 -12.17 32.12
C ILE J 262 -22.75 -11.88 32.17
N GLY J 263 -23.54 -12.91 31.90
CA GLY J 263 -25.00 -12.76 31.89
C GLY J 263 -25.54 -12.47 33.28
N SER J 264 -24.87 -13.01 34.30
CA SER J 264 -25.28 -12.79 35.68
C SER J 264 -24.75 -11.45 36.20
N ARG J 265 -23.86 -10.83 35.41
CA ARG J 265 -23.28 -9.55 35.78
C ARG J 265 -24.20 -8.39 35.39
N PRO K 71 5.86 -23.81 2.22
CA PRO K 71 7.19 -23.46 2.74
C PRO K 71 8.32 -24.11 1.96
N LEU K 72 8.13 -25.33 1.48
CA LEU K 72 9.13 -25.96 0.62
C LEU K 72 9.24 -25.23 -0.71
N GLU K 73 8.11 -25.08 -1.43
CA GLU K 73 8.11 -24.49 -2.78
C GLU K 73 8.72 -23.09 -2.80
N VAL K 74 8.78 -22.43 -1.63
CA VAL K 74 9.58 -21.21 -1.49
C VAL K 74 11.05 -21.49 -1.74
N LEU K 75 11.58 -22.53 -1.08
CA LEU K 75 12.98 -22.86 -1.23
C LEU K 75 13.28 -23.44 -2.61
N ALA K 76 12.38 -24.27 -3.14
CA ALA K 76 12.52 -24.71 -4.52
C ALA K 76 12.54 -23.51 -5.47
N SER K 77 11.69 -22.51 -5.20
CA SER K 77 11.70 -21.31 -6.03
C SER K 77 13.03 -20.56 -5.89
N TRP K 78 13.65 -20.62 -4.72
CA TRP K 78 14.96 -19.99 -4.53
C TRP K 78 16.01 -20.68 -5.40
N TYR K 79 16.08 -22.01 -5.34
CA TYR K 79 17.11 -22.72 -6.11
C TYR K 79 16.90 -22.53 -7.60
N ALA K 80 15.65 -22.60 -8.07
CA ALA K 80 15.39 -22.33 -9.47
C ALA K 80 15.70 -20.88 -9.83
N ALA K 81 15.58 -19.97 -8.87
CA ALA K 81 15.99 -18.59 -9.10
C ALA K 81 17.49 -18.51 -9.36
N ASP K 82 18.29 -19.02 -8.42
CA ASP K 82 19.74 -18.97 -8.60
C ASP K 82 20.18 -19.78 -9.82
N LEU K 83 19.46 -20.85 -10.15
CA LEU K 83 19.80 -21.65 -11.31
C LEU K 83 19.52 -20.92 -12.62
N LEU K 84 18.60 -19.96 -12.61
CA LEU K 84 18.28 -19.17 -13.82
C LEU K 84 19.18 -17.97 -13.98
N ASP K 85 19.46 -17.26 -12.87
CA ASP K 85 20.38 -16.14 -12.93
C ASP K 85 21.76 -16.57 -13.40
N ALA K 86 22.14 -17.83 -13.16
CA ALA K 86 23.41 -18.36 -13.67
C ALA K 86 23.30 -18.82 -15.11
N LEU K 87 22.12 -19.26 -15.54
CA LEU K 87 21.95 -19.74 -16.91
C LEU K 87 21.86 -18.60 -17.92
N LEU K 88 21.39 -17.42 -17.49
CA LEU K 88 21.26 -16.31 -18.43
C LEU K 88 22.61 -15.68 -18.74
N MET K 89 23.51 -15.63 -17.75
CA MET K 89 24.84 -15.05 -17.98
C MET K 89 25.72 -15.93 -18.86
N GLU K 90 25.47 -17.23 -18.90
CA GLU K 90 26.19 -18.12 -19.82
C GLU K 90 25.64 -18.06 -21.24
N SER K 91 24.49 -17.41 -21.45
CA SER K 91 23.91 -17.35 -22.78
C SER K 91 24.63 -16.35 -23.69
N LEU K 92 25.58 -15.58 -23.15
CA LEU K 92 26.31 -14.59 -23.92
C LEU K 92 27.64 -15.13 -24.43
N SER K 93 28.38 -15.87 -23.58
CA SER K 93 29.64 -16.45 -24.00
C SER K 93 29.42 -17.72 -24.84
N ARG K 94 28.62 -18.66 -24.34
CA ARG K 94 28.38 -19.93 -25.03
C ARG K 94 27.02 -19.92 -25.73
N LYS K 95 26.89 -20.85 -26.68
CA LYS K 95 25.61 -21.17 -27.27
C LYS K 95 24.89 -22.13 -26.33
N VAL K 96 23.67 -21.77 -25.94
CA VAL K 96 22.93 -22.49 -24.92
C VAL K 96 21.66 -23.07 -25.55
N GLU K 97 21.17 -24.17 -24.96
CA GLU K 97 20.13 -24.99 -25.56
C GLU K 97 18.93 -25.14 -24.62
N ILE K 98 17.77 -25.44 -25.23
CA ILE K 98 16.50 -25.45 -24.50
C ILE K 98 16.53 -26.45 -23.35
N SER K 99 17.27 -27.56 -23.50
CA SER K 99 17.31 -28.58 -22.46
C SER K 99 17.70 -27.99 -21.09
N GLU K 100 18.49 -26.92 -21.08
CA GLU K 100 18.88 -26.30 -19.81
C GLU K 100 17.73 -25.48 -19.21
N ILE K 101 16.85 -24.94 -20.05
CA ILE K 101 15.73 -24.15 -19.56
C ILE K 101 14.61 -25.03 -19.02
N GLU K 102 14.24 -26.06 -19.77
CA GLU K 102 13.21 -26.99 -19.31
C GLU K 102 13.60 -27.65 -17.99
N GLU K 103 14.91 -27.83 -17.76
CA GLU K 103 15.37 -28.29 -16.45
C GLU K 103 14.99 -27.29 -15.37
N ILE K 104 15.18 -26.00 -15.64
CA ILE K 104 14.84 -24.97 -14.66
C ILE K 104 13.33 -24.88 -14.47
N ILE K 105 12.56 -25.11 -15.54
CA ILE K 105 11.11 -24.95 -15.46
C ILE K 105 10.48 -26.05 -14.62
N SER K 106 10.89 -27.29 -14.85
CA SER K 106 10.39 -28.40 -14.03
C SER K 106 10.95 -28.32 -12.62
N LEU K 107 12.19 -27.88 -12.46
CA LEU K 107 12.76 -27.69 -11.13
C LEU K 107 11.97 -26.65 -10.34
N CYS K 108 11.36 -25.70 -11.05
CA CYS K 108 10.57 -24.65 -10.42
C CYS K 108 9.26 -25.20 -9.88
N PRO K 109 8.44 -24.27 -9.21
CA PRO K 109 7.19 -24.85 -8.71
C PRO K 109 6.01 -24.54 -9.63
N LYS K 110 4.82 -25.02 -9.26
CA LYS K 110 3.63 -24.78 -10.06
C LYS K 110 3.50 -23.31 -10.43
N ASN K 111 2.90 -22.53 -9.55
CA ASN K 111 2.71 -21.10 -9.79
C ASN K 111 3.55 -20.24 -8.85
N SER K 112 4.83 -20.10 -9.18
CA SER K 112 5.75 -19.31 -8.37
C SER K 112 6.11 -17.99 -9.05
N SER K 113 7.07 -17.29 -8.47
CA SER K 113 7.58 -16.06 -9.07
C SER K 113 8.53 -16.38 -10.22
N ILE K 114 9.55 -17.20 -9.95
CA ILE K 114 10.59 -17.50 -10.92
C ILE K 114 10.07 -18.37 -12.07
N ILE K 115 8.91 -19.01 -11.91
CA ILE K 115 8.31 -19.75 -13.02
C ILE K 115 7.90 -18.81 -14.15
N ARG K 116 7.54 -17.56 -13.82
CA ARG K 116 7.19 -16.62 -14.88
C ARG K 116 8.45 -16.08 -15.56
N HIS K 117 9.50 -15.80 -14.77
CA HIS K 117 10.74 -15.29 -15.34
C HIS K 117 11.44 -16.34 -16.19
N ALA K 118 11.34 -17.62 -15.81
CA ALA K 118 11.97 -18.69 -16.59
C ALA K 118 11.40 -18.76 -17.99
N LEU K 119 10.08 -18.60 -18.11
CA LEU K 119 9.42 -18.64 -19.42
C LEU K 119 9.83 -17.45 -20.27
N LEU K 120 9.93 -16.26 -19.66
CA LEU K 120 10.46 -15.10 -20.37
C LEU K 120 11.84 -15.42 -20.92
N ALA K 121 12.71 -16.02 -20.11
CA ALA K 121 14.05 -16.36 -20.60
C ALA K 121 13.96 -17.24 -21.84
N LYS K 122 13.03 -18.18 -21.81
CA LYS K 122 12.80 -19.06 -22.95
C LYS K 122 12.30 -18.29 -24.17
N LEU K 123 11.43 -17.31 -23.94
CA LEU K 123 10.90 -16.53 -25.05
C LEU K 123 11.97 -15.64 -25.66
N VAL K 124 12.92 -15.19 -24.82
CA VAL K 124 14.00 -14.34 -25.30
C VAL K 124 15.11 -15.19 -25.91
N LEU K 125 15.60 -16.18 -25.15
CA LEU K 125 16.82 -16.86 -25.56
C LEU K 125 16.65 -17.79 -26.75
N PHE K 126 15.42 -18.10 -27.17
CA PHE K 126 15.20 -19.05 -28.26
C PHE K 126 14.21 -18.50 -29.27
N PRO K 127 14.69 -17.93 -30.38
CA PRO K 127 13.75 -17.43 -31.40
C PRO K 127 13.09 -18.56 -32.18
N GLU K 128 13.80 -19.66 -32.40
CA GLU K 128 13.20 -20.81 -33.07
C GLU K 128 11.99 -21.37 -32.31
N ASN K 129 11.85 -21.02 -31.02
CA ASN K 129 10.70 -21.42 -30.20
C ASN K 129 10.12 -20.16 -29.54
N THR K 130 9.47 -19.32 -30.34
CA THR K 130 8.79 -18.13 -29.83
C THR K 130 7.28 -18.28 -29.83
N ALA K 131 6.71 -18.80 -30.92
CA ALA K 131 5.26 -19.00 -30.97
C ALA K 131 4.80 -19.90 -29.84
N ASP K 132 5.33 -21.12 -29.78
CA ASP K 132 5.00 -22.01 -28.67
C ASP K 132 5.40 -21.39 -27.33
N SER K 133 6.49 -20.63 -27.30
CA SER K 133 6.93 -20.02 -26.05
C SER K 133 6.02 -18.87 -25.63
N LEU K 134 5.65 -18.01 -26.57
CA LEU K 134 4.79 -16.88 -26.27
C LEU K 134 3.48 -17.36 -25.67
N ASN K 135 2.94 -18.47 -26.17
CA ASN K 135 1.74 -19.07 -25.59
C ASN K 135 1.97 -19.42 -24.12
N GLU K 136 3.06 -20.13 -23.84
CA GLU K 136 3.36 -20.55 -22.47
C GLU K 136 3.56 -19.37 -21.53
N VAL K 137 4.07 -18.26 -22.05
CA VAL K 137 4.18 -17.05 -21.24
C VAL K 137 2.80 -16.46 -20.99
N LEU K 138 2.03 -16.25 -22.06
CA LEU K 138 0.72 -15.61 -21.88
C LEU K 138 -0.27 -16.51 -21.17
N ALA K 139 -0.02 -17.83 -21.16
CA ALA K 139 -0.87 -18.73 -20.39
C ALA K 139 -0.52 -18.66 -18.91
N ALA K 140 0.77 -18.56 -18.59
CA ALA K 140 1.21 -18.44 -17.20
C ALA K 140 0.83 -17.08 -16.61
N TYR K 141 0.58 -16.09 -17.46
CA TYR K 141 0.09 -14.80 -17.02
C TYR K 141 -1.44 -14.75 -17.01
N LYS K 142 -2.09 -15.38 -17.99
CA LYS K 142 -3.54 -15.53 -17.91
C LYS K 142 -3.91 -16.41 -16.72
N ASN K 143 -2.97 -17.21 -16.21
CA ASN K 143 -3.22 -18.04 -15.03
C ASN K 143 -2.97 -17.27 -13.73
N THR K 144 -1.85 -16.54 -13.66
CA THR K 144 -1.57 -15.72 -12.48
C THR K 144 -2.71 -14.74 -12.18
N LEU K 145 -3.40 -14.28 -13.23
CA LEU K 145 -4.48 -13.31 -13.05
C LEU K 145 -5.76 -13.98 -12.56
N ASP K 146 -6.10 -15.15 -13.12
CA ASP K 146 -7.35 -15.83 -12.76
C ASP K 146 -7.36 -16.16 -11.26
N LEU K 147 -6.24 -16.66 -10.75
CA LEU K 147 -6.07 -16.91 -9.32
C LEU K 147 -5.52 -15.69 -8.60
N CYS K 148 -6.02 -14.52 -8.93
CA CYS K 148 -5.82 -13.29 -8.18
C CYS K 148 -7.16 -12.62 -7.85
N SER K 149 -8.11 -12.63 -8.79
CA SER K 149 -9.47 -12.16 -8.52
C SER K 149 -10.35 -13.23 -7.92
N GLN K 150 -10.18 -14.48 -8.34
CA GLN K 150 -11.04 -15.57 -7.89
C GLN K 150 -10.59 -16.03 -6.51
N ASP K 151 -9.86 -15.17 -5.80
CA ASP K 151 -9.37 -15.49 -4.46
C ASP K 151 -9.01 -14.23 -3.69
N SER K 157 -6.98 -8.01 -5.04
CA SER K 157 -6.97 -8.12 -6.49
C SER K 157 -6.40 -6.86 -7.14
N VAL K 158 -5.22 -6.45 -6.69
CA VAL K 158 -4.51 -5.28 -7.21
C VAL K 158 -3.09 -5.68 -7.58
N LEU K 159 -2.61 -5.17 -8.71
CA LEU K 159 -1.35 -5.60 -9.28
C LEU K 159 -0.17 -4.88 -8.65
N LYS K 160 0.97 -5.56 -8.66
CA LYS K 160 2.20 -5.06 -8.04
C LYS K 160 3.37 -5.20 -9.01
N ILE K 161 3.55 -4.16 -9.82
CA ILE K 161 4.56 -4.12 -10.86
C ILE K 161 5.37 -2.85 -10.69
N ASN K 162 6.68 -2.96 -10.83
CA ASN K 162 7.53 -1.78 -10.84
C ASN K 162 7.96 -1.48 -12.27
N LEU K 163 8.60 -0.32 -12.44
CA LEU K 163 8.88 0.16 -13.78
C LEU K 163 9.87 -0.75 -14.50
N SER K 164 10.82 -1.33 -13.75
CA SER K 164 11.83 -2.17 -14.38
C SER K 164 11.20 -3.45 -14.92
N LYS K 165 10.22 -4.01 -14.22
CA LYS K 165 9.54 -5.20 -14.71
C LYS K 165 8.47 -4.87 -15.75
N LEU K 166 7.97 -3.64 -15.79
CA LEU K 166 7.17 -3.18 -16.93
C LEU K 166 8.02 -3.15 -18.19
N PHE K 167 9.09 -2.35 -18.17
CA PHE K 167 10.03 -2.31 -19.29
C PHE K 167 10.51 -3.70 -19.67
N THR K 168 10.63 -4.60 -18.70
CA THR K 168 11.07 -5.97 -18.98
C THR K 168 10.05 -6.71 -19.84
N LEU K 169 8.78 -6.74 -19.42
CA LEU K 169 7.76 -7.36 -20.24
C LEU K 169 7.57 -6.61 -21.55
N HIS K 170 7.66 -5.28 -21.49
CA HIS K 170 7.51 -4.44 -22.67
C HIS K 170 8.43 -4.91 -23.79
N SER K 171 9.74 -4.88 -23.54
CA SER K 171 10.74 -5.25 -24.55
C SER K 171 10.58 -6.70 -24.98
N CYS K 172 10.39 -7.58 -24.00
CA CYS K 172 10.33 -9.01 -24.26
C CYS K 172 9.20 -9.34 -25.22
N LEU K 173 8.10 -8.59 -25.17
CA LEU K 173 7.02 -8.78 -26.14
C LEU K 173 7.44 -8.33 -27.53
N SER K 174 7.94 -7.08 -27.64
CA SER K 174 8.33 -6.54 -28.94
C SER K 174 9.36 -7.43 -29.63
N LEU K 175 10.36 -7.89 -28.87
CA LEU K 175 11.32 -8.83 -29.42
C LEU K 175 10.62 -10.11 -29.87
N ALA K 176 9.67 -10.60 -29.09
CA ALA K 176 8.95 -11.81 -29.47
C ALA K 176 8.11 -11.61 -30.71
N LEU K 177 7.63 -10.38 -30.95
CA LEU K 177 6.80 -10.10 -32.13
C LEU K 177 7.59 -9.73 -33.37
N GLN K 178 8.80 -9.20 -33.20
CA GLN K 178 9.70 -9.08 -34.34
C GLN K 178 10.05 -10.45 -34.89
N ARG K 179 10.28 -11.42 -34.01
CA ARG K 179 10.57 -12.78 -34.42
C ARG K 179 9.38 -13.49 -35.05
N LEU K 180 8.17 -12.94 -34.94
CA LEU K 180 6.99 -13.54 -35.53
C LEU K 180 6.52 -12.84 -36.79
N GLY K 181 7.34 -11.97 -37.37
CA GLY K 181 7.07 -11.39 -38.66
C GLY K 181 6.21 -10.14 -38.66
N TYR K 182 5.43 -9.91 -37.60
CA TYR K 182 4.63 -8.69 -37.52
C TYR K 182 5.46 -7.44 -37.28
N GLY K 183 6.76 -7.50 -37.52
CA GLY K 183 7.66 -6.38 -37.29
C GLY K 183 7.16 -5.06 -37.86
N ASP K 184 6.27 -5.14 -38.85
CA ASP K 184 5.50 -3.96 -39.24
C ASP K 184 4.76 -3.35 -38.06
N VAL K 185 4.52 -4.12 -37.01
CA VAL K 185 3.96 -3.62 -35.75
C VAL K 185 5.02 -3.54 -34.67
N SER K 186 5.87 -4.58 -34.57
CA SER K 186 6.78 -4.72 -33.43
C SER K 186 7.73 -3.55 -33.33
N LYS K 187 8.12 -2.96 -34.46
CA LYS K 187 8.93 -1.74 -34.42
C LYS K 187 8.20 -0.63 -33.66
N ARG K 188 6.97 -0.31 -34.08
CA ARG K 188 6.26 0.83 -33.50
C ARG K 188 5.98 0.63 -32.02
N MET K 189 5.98 -0.62 -31.55
CA MET K 189 5.83 -0.91 -30.13
C MET K 189 7.14 -0.68 -29.39
N TYR K 190 8.25 -1.12 -29.98
CA TYR K 190 9.57 -0.88 -29.42
C TYR K 190 9.88 0.61 -29.31
N GLN K 191 9.30 1.42 -30.20
CA GLN K 191 9.57 2.86 -30.18
C GLN K 191 9.06 3.52 -28.91
N GLU K 192 7.97 3.01 -28.34
CA GLU K 192 7.44 3.66 -27.16
C GLU K 192 7.67 2.82 -25.91
N ILE K 193 8.94 2.58 -25.59
CA ILE K 193 9.33 1.84 -24.40
C ILE K 193 9.93 2.81 -23.40
N PHE K 194 9.38 2.85 -22.20
CA PHE K 194 9.99 3.69 -21.18
C PHE K 194 11.13 2.91 -20.54
N VAL K 195 12.35 3.39 -20.75
CA VAL K 195 13.57 2.73 -20.27
C VAL K 195 13.97 3.33 -18.94
N PRO K 196 14.21 2.49 -17.95
CA PRO K 196 14.61 2.96 -16.61
C PRO K 196 15.95 3.69 -16.64
N ASP K 197 16.39 4.18 -15.50
CA ASP K 197 17.67 4.89 -15.40
C ASP K 197 18.77 3.96 -14.90
N SER K 198 19.79 4.55 -14.30
CA SER K 198 20.92 3.78 -13.77
C SER K 198 20.75 3.49 -12.29
N ASP K 199 20.69 2.21 -11.95
CA ASP K 199 20.53 1.80 -10.56
C ASP K 199 21.14 0.42 -10.31
N ALA K 200 21.27 0.05 -9.04
CA ALA K 200 21.84 -1.24 -8.68
C ALA K 200 20.92 -2.39 -9.10
N ASP K 201 19.62 -2.21 -8.87
CA ASP K 201 18.64 -3.23 -9.23
C ASP K 201 18.61 -3.47 -10.75
N ILE K 202 19.02 -4.67 -11.15
CA ILE K 202 19.05 -5.03 -12.56
C ILE K 202 19.29 -6.53 -12.75
N THR K 203 18.26 -7.32 -12.53
CA THR K 203 18.36 -8.77 -12.67
C THR K 203 18.88 -9.15 -14.04
N PRO K 204 19.59 -10.28 -14.11
CA PRO K 204 20.14 -10.77 -15.38
C PRO K 204 19.09 -11.09 -16.41
N LEU K 205 17.87 -11.44 -15.98
CA LEU K 205 16.76 -11.61 -16.91
C LEU K 205 16.52 -10.32 -17.70
N SER K 206 16.34 -9.20 -17.00
CA SER K 206 16.10 -7.93 -17.69
C SER K 206 17.31 -7.46 -18.48
N PHE K 207 18.51 -7.85 -18.07
CA PHE K 207 19.70 -7.50 -18.84
C PHE K 207 19.75 -8.25 -20.15
N ILE K 208 19.57 -9.58 -20.10
CA ILE K 208 19.60 -10.39 -21.32
C ILE K 208 18.51 -9.96 -22.29
N ILE K 209 17.33 -9.64 -21.78
CA ILE K 209 16.27 -9.13 -22.66
C ILE K 209 16.69 -7.80 -23.27
N SER K 210 17.12 -6.85 -22.43
CA SER K 210 17.47 -5.53 -22.94
C SER K 210 18.63 -5.59 -23.91
N TRP K 211 19.55 -6.55 -23.70
CA TRP K 211 20.67 -6.71 -24.61
C TRP K 211 20.22 -7.34 -25.93
N THR K 212 19.59 -8.52 -25.86
CA THR K 212 19.18 -9.20 -27.09
C THR K 212 18.10 -8.42 -27.84
N ALA K 213 17.34 -7.56 -27.15
CA ALA K 213 16.36 -6.71 -27.84
C ALA K 213 17.04 -5.52 -28.51
N LEU K 214 18.07 -4.95 -27.87
CA LEU K 214 18.85 -3.90 -28.50
C LEU K 214 19.51 -4.38 -29.77
N ASN K 215 20.07 -5.59 -29.74
CA ASN K 215 20.71 -6.17 -30.93
C ASN K 215 19.69 -6.42 -32.03
N THR K 216 18.57 -7.09 -31.69
CA THR K 216 17.58 -7.42 -32.69
C THR K 216 16.85 -6.20 -33.24
N PHE K 217 17.05 -5.02 -32.65
CA PHE K 217 16.45 -3.79 -33.16
C PHE K 217 17.49 -2.72 -33.46
N ALA K 218 18.77 -3.01 -33.30
CA ALA K 218 19.79 -2.04 -33.70
C ALA K 218 19.74 -1.71 -35.20
N PRO K 219 19.45 -2.65 -36.12
CA PRO K 219 19.38 -2.24 -37.54
C PRO K 219 18.03 -1.68 -37.97
N ILE K 220 16.93 -2.36 -37.66
CA ILE K 220 15.62 -1.99 -38.23
C ILE K 220 15.20 -0.59 -37.77
N CYS K 221 15.41 -0.28 -36.49
CA CYS K 221 14.96 1.02 -35.96
C CYS K 221 15.94 2.11 -36.40
N THR K 222 15.52 2.88 -37.41
CA THR K 222 16.16 4.13 -37.82
C THR K 222 15.10 5.08 -38.34
N SER K 223 13.92 4.55 -38.66
CA SER K 223 12.83 5.35 -39.25
C SER K 223 11.74 5.72 -38.23
N GLU K 226 12.01 8.03 -31.05
CA GLU K 226 11.93 7.14 -32.20
C GLU K 226 13.18 6.29 -32.32
N ASN K 227 14.25 6.92 -32.82
CA ASN K 227 15.55 6.27 -32.88
C ASN K 227 16.18 6.39 -31.50
N ASP K 228 15.51 7.17 -30.65
CA ASP K 228 15.92 7.39 -29.28
C ASP K 228 16.03 6.10 -28.47
N VAL K 229 15.25 5.08 -28.83
CA VAL K 229 15.20 3.86 -28.01
C VAL K 229 16.52 3.12 -28.08
N VAL K 230 17.02 2.87 -29.30
CA VAL K 230 18.27 2.16 -29.47
C VAL K 230 19.37 2.79 -28.63
N GLU K 231 19.51 4.12 -28.73
CA GLU K 231 20.54 4.82 -27.97
C GLU K 231 20.26 4.73 -26.47
N LYS K 232 19.00 4.93 -26.06
CA LYS K 232 18.65 4.82 -24.65
C LYS K 232 18.81 3.40 -24.16
N MET K 233 18.42 2.43 -24.99
CA MET K 233 18.52 1.04 -24.56
C MET K 233 19.96 0.57 -24.53
N ALA K 234 20.77 1.00 -25.51
CA ALA K 234 22.18 0.64 -25.51
C ALA K 234 22.90 1.27 -24.31
N MET K 235 22.53 2.51 -23.96
CA MET K 235 23.08 3.13 -22.76
C MET K 235 22.64 2.39 -21.50
N TYR K 236 21.45 1.80 -21.52
CA TYR K 236 21.01 1.03 -20.36
C TYR K 236 21.95 -0.14 -20.12
N VAL K 237 22.36 -0.81 -21.20
CA VAL K 237 23.24 -1.97 -21.07
C VAL K 237 24.65 -1.52 -20.70
N ARG K 238 25.19 -0.53 -21.44
CA ARG K 238 26.53 -0.02 -21.16
C ARG K 238 26.63 0.49 -19.72
N THR K 239 25.59 1.17 -19.25
CA THR K 239 25.63 1.75 -17.91
C THR K 239 25.60 0.73 -16.76
N ALA K 240 26.31 -0.39 -16.93
CA ALA K 240 26.37 -1.39 -15.85
C ALA K 240 27.08 -2.70 -16.24
N ILE K 241 27.57 -3.41 -15.22
CA ILE K 241 28.14 -4.74 -15.38
C ILE K 241 28.03 -5.50 -14.06
N GLY K 242 28.98 -5.28 -13.16
CA GLY K 242 28.97 -5.93 -11.86
C GLY K 242 29.56 -7.32 -11.86
N THR K 243 30.07 -7.77 -13.00
CA THR K 243 30.68 -9.09 -13.11
C THR K 243 32.01 -9.05 -13.86
N LEU K 244 32.83 -10.06 -13.63
CA LEU K 244 34.20 -10.09 -14.12
C LEU K 244 34.26 -10.16 -15.65
N LYS K 245 35.19 -9.41 -16.22
CA LYS K 245 35.33 -9.26 -17.67
C LYS K 245 35.93 -10.49 -18.34
N ILE K 246 35.64 -10.68 -19.62
CA ILE K 246 36.16 -11.84 -20.34
C ILE K 246 36.40 -11.76 -21.87
N GLN K 247 35.64 -11.05 -22.72
CA GLN K 247 34.55 -10.07 -22.48
C GLN K 247 34.95 -8.82 -21.68
N ASP K 248 36.17 -8.34 -21.92
CA ASP K 248 36.55 -6.99 -21.51
C ASP K 248 36.51 -6.12 -22.74
N LEU K 249 37.09 -6.64 -23.81
CA LEU K 249 37.04 -6.02 -25.13
C LEU K 249 35.63 -6.07 -25.71
N LYS K 250 34.81 -7.01 -25.24
CA LYS K 250 33.45 -7.15 -25.72
C LYS K 250 32.56 -6.01 -25.23
N LEU K 251 32.65 -5.71 -23.93
CA LEU K 251 31.91 -4.60 -23.37
C LEU K 251 32.42 -3.29 -23.96
N SER K 252 33.72 -3.24 -24.23
CA SER K 252 34.33 -2.08 -24.87
C SER K 252 33.79 -1.94 -26.30
N ARG K 253 33.50 -3.08 -26.92
CA ARG K 253 32.90 -3.08 -28.24
C ARG K 253 31.48 -2.56 -28.16
N LYS K 254 30.80 -2.85 -27.05
CA LYS K 254 29.48 -2.29 -26.83
C LYS K 254 29.60 -0.77 -26.69
N LEU K 255 30.70 -0.34 -26.09
CA LEU K 255 30.93 1.08 -25.86
C LEU K 255 31.18 1.81 -27.19
N ILE K 256 32.07 1.26 -28.00
CA ILE K 256 32.37 1.85 -29.29
C ILE K 256 31.18 1.79 -30.23
N ASN K 257 30.38 0.74 -30.12
CA ASN K 257 29.16 0.63 -30.92
C ASN K 257 28.18 1.71 -30.51
N SER K 258 28.16 1.99 -29.21
CA SER K 258 27.36 3.09 -28.68
C SER K 258 27.91 4.41 -29.21
N CYS K 259 29.22 4.44 -29.44
CA CYS K 259 29.89 5.66 -29.88
C CYS K 259 29.56 5.96 -31.34
N ILE K 260 29.62 4.94 -32.18
CA ILE K 260 29.23 5.09 -33.58
C ILE K 260 27.73 5.35 -33.67
N ASP K 261 26.98 4.85 -32.68
CA ASP K 261 25.59 5.20 -32.57
C ASP K 261 25.43 6.68 -32.27
N ILE K 262 26.37 7.23 -31.49
CA ILE K 262 26.43 8.67 -31.25
C ILE K 262 26.90 9.39 -32.50
N GLY K 263 27.64 8.69 -33.34
CA GLY K 263 28.22 9.26 -34.55
C GLY K 263 27.25 9.24 -35.73
N SER K 264 26.08 8.62 -35.52
CA SER K 264 25.09 8.43 -36.56
C SER K 264 24.71 9.73 -37.25
N VAL L 68 -1.72 16.89 -6.96
CA VAL L 68 -1.62 18.29 -6.59
C VAL L 68 -2.41 19.18 -7.56
N LEU L 69 -3.66 19.45 -7.19
CA LEU L 69 -4.52 20.28 -8.03
C LEU L 69 -5.22 21.35 -7.19
N SER L 70 -5.29 22.57 -7.73
CA SER L 70 -5.93 23.67 -7.04
C SER L 70 -7.40 23.38 -6.77
N PRO L 71 -8.19 24.50 -6.43
CA PRO L 71 -9.60 24.16 -6.19
C PRO L 71 -10.47 24.49 -7.39
N LEU L 72 -9.91 25.17 -8.37
CA LEU L 72 -10.64 25.55 -9.58
C LEU L 72 -10.68 24.40 -10.57
N GLU L 73 -9.57 23.66 -10.70
CA GLU L 73 -9.48 22.59 -11.68
C GLU L 73 -10.14 21.31 -11.22
N VAL L 74 -10.30 21.12 -9.91
CA VAL L 74 -11.06 19.98 -9.40
C VAL L 74 -12.52 20.07 -9.85
N LEU L 75 -13.10 21.26 -9.77
CA LEU L 75 -14.45 21.46 -10.27
C LEU L 75 -14.50 21.34 -11.79
N ALA L 76 -13.47 21.83 -12.47
CA ALA L 76 -13.41 21.69 -13.92
C ALA L 76 -13.44 20.21 -14.31
N SER L 77 -12.78 19.37 -13.52
CA SER L 77 -12.74 17.94 -13.83
C SER L 77 -14.09 17.27 -13.54
N TRP L 78 -14.73 17.64 -12.43
CA TRP L 78 -16.05 17.10 -12.11
C TRP L 78 -17.07 17.50 -13.16
N TYR L 79 -17.07 18.79 -13.53
CA TYR L 79 -17.93 19.26 -14.60
C TYR L 79 -17.63 18.51 -15.91
N ALA L 80 -16.35 18.34 -16.22
CA ALA L 80 -15.97 17.63 -17.44
C ALA L 80 -16.38 16.16 -17.38
N ALA L 81 -16.18 15.52 -16.22
CA ALA L 81 -16.51 14.11 -16.08
C ALA L 81 -18.00 13.84 -16.24
N ASP L 82 -18.85 14.81 -15.87
CA ASP L 82 -20.29 14.64 -16.07
C ASP L 82 -20.68 14.87 -17.52
N LEU L 83 -20.08 15.85 -18.19
CA LEU L 83 -20.34 16.07 -19.60
C LEU L 83 -19.84 14.90 -20.43
N LEU L 84 -18.67 14.38 -20.07
CA LEU L 84 -18.11 13.22 -20.77
C LEU L 84 -19.01 12.00 -20.60
N ASP L 85 -19.45 11.72 -19.38
CA ASP L 85 -20.40 10.64 -19.18
C ASP L 85 -21.67 10.88 -19.98
N ALA L 86 -22.09 12.15 -20.07
CA ALA L 86 -23.30 12.47 -20.81
C ALA L 86 -23.13 12.18 -22.29
N LEU L 87 -21.96 12.51 -22.84
CA LEU L 87 -21.69 12.33 -24.26
C LEU L 87 -21.58 10.86 -24.63
N LEU L 88 -21.08 10.03 -23.72
CA LEU L 88 -20.95 8.59 -24.01
C LEU L 88 -22.31 7.93 -24.09
N MET L 89 -23.18 8.17 -23.11
CA MET L 89 -24.51 7.60 -23.15
C MET L 89 -25.36 8.23 -24.26
N GLU L 90 -25.17 9.52 -24.53
CA GLU L 90 -25.88 10.14 -25.64
C GLU L 90 -25.42 9.57 -26.98
N SER L 91 -24.14 9.21 -27.10
CA SER L 91 -23.63 8.65 -28.36
C SER L 91 -24.30 7.34 -28.73
N LEU L 92 -24.92 6.68 -27.76
CA LEU L 92 -25.59 5.41 -28.00
C LEU L 92 -26.94 5.62 -28.67
N SER L 93 -27.67 6.69 -28.47
CA SER L 93 -28.90 6.70 -29.23
C SER L 93 -29.07 7.95 -30.11
N ARG L 94 -27.95 8.61 -30.37
CA ARG L 94 -27.89 9.84 -31.14
C ARG L 94 -26.59 9.77 -31.92
N LYS L 95 -26.34 10.74 -32.82
CA LYS L 95 -25.15 10.68 -33.66
C LYS L 95 -24.07 11.57 -33.06
N VAL L 96 -22.93 10.99 -32.70
CA VAL L 96 -21.92 11.80 -31.99
C VAL L 96 -20.74 12.33 -32.87
N GLU L 97 -20.06 13.35 -32.37
CA GLU L 97 -18.93 13.93 -33.09
C GLU L 97 -17.79 14.30 -32.13
N ILE L 98 -16.69 14.80 -32.69
CA ILE L 98 -15.54 15.20 -31.89
C ILE L 98 -15.67 16.63 -31.40
N SER L 99 -16.40 17.44 -32.16
CA SER L 99 -16.60 18.84 -31.80
C SER L 99 -16.99 18.99 -30.34
N GLU L 100 -17.63 17.96 -29.79
CA GLU L 100 -18.05 17.97 -28.39
C GLU L 100 -16.91 17.57 -27.47
N ILE L 101 -16.00 16.75 -27.99
CA ILE L 101 -14.85 16.28 -27.20
C ILE L 101 -13.74 17.32 -27.11
N GLU L 102 -13.50 18.05 -28.20
CA GLU L 102 -12.62 19.21 -28.15
C GLU L 102 -13.01 20.14 -27.01
N GLU L 103 -14.31 20.44 -26.90
CA GLU L 103 -14.80 21.26 -25.80
C GLU L 103 -14.54 20.60 -24.45
N ILE L 104 -14.56 19.26 -24.41
CA ILE L 104 -14.35 18.56 -23.15
C ILE L 104 -12.89 18.64 -22.76
N ILE L 105 -12.00 18.08 -23.59
CA ILE L 105 -10.58 17.99 -23.23
C ILE L 105 -10.02 19.37 -22.87
N SER L 106 -10.45 20.40 -23.61
CA SER L 106 -10.02 21.75 -23.27
C SER L 106 -10.58 22.17 -21.91
N LEU L 107 -11.81 21.76 -21.61
CA LEU L 107 -12.38 22.04 -20.29
C LEU L 107 -11.70 21.24 -19.20
N CYS L 108 -11.27 20.01 -19.51
CA CYS L 108 -10.55 19.23 -18.50
C CYS L 108 -9.20 19.88 -18.21
N PRO L 109 -8.80 19.97 -16.95
CA PRO L 109 -7.49 20.55 -16.63
C PRO L 109 -6.37 19.74 -17.24
N LYS L 110 -5.24 20.41 -17.39
CA LYS L 110 -4.22 20.03 -18.34
C LYS L 110 -3.46 18.75 -17.98
N ASN L 111 -3.62 18.18 -16.78
CA ASN L 111 -2.89 16.94 -16.46
C ASN L 111 -3.63 16.05 -15.46
N SER L 112 -4.68 15.36 -15.91
CA SER L 112 -5.58 14.66 -14.99
C SER L 112 -6.04 13.35 -15.61
N SER L 113 -6.67 12.52 -14.76
CA SER L 113 -7.24 11.26 -15.25
C SER L 113 -8.33 11.51 -16.29
N ILE L 114 -9.13 12.56 -16.11
CA ILE L 114 -10.21 12.89 -17.02
C ILE L 114 -9.70 13.16 -18.43
N ILE L 115 -8.48 13.68 -18.56
CA ILE L 115 -7.88 13.83 -19.89
C ILE L 115 -7.96 12.52 -20.67
N ARG L 116 -7.41 11.44 -20.05
CA ARG L 116 -7.29 10.13 -20.71
C ARG L 116 -8.66 9.51 -21.00
N HIS L 117 -9.59 9.64 -20.05
CA HIS L 117 -10.96 9.20 -20.27
C HIS L 117 -11.60 9.96 -21.43
N ALA L 118 -11.37 11.27 -21.48
CA ALA L 118 -11.81 12.04 -22.64
C ALA L 118 -11.14 11.57 -23.92
N LEU L 119 -9.90 11.09 -23.82
CA LEU L 119 -9.18 10.62 -25.00
C LEU L 119 -9.65 9.22 -25.41
N LEU L 120 -9.73 8.30 -24.47
CA LEU L 120 -10.22 6.96 -24.78
C LEU L 120 -11.63 7.00 -25.35
N ALA L 121 -12.46 7.95 -24.88
CA ALA L 121 -13.77 8.15 -25.48
C ALA L 121 -13.63 8.64 -26.92
N LYS L 122 -12.69 9.55 -27.17
CA LYS L 122 -12.44 10.05 -28.53
C LYS L 122 -11.86 8.96 -29.42
N LEU L 123 -11.10 8.03 -28.85
CA LEU L 123 -10.56 6.93 -29.64
C LEU L 123 -11.68 6.01 -30.12
N VAL L 124 -12.62 5.69 -29.22
CA VAL L 124 -13.70 4.77 -29.54
C VAL L 124 -14.76 5.45 -30.40
N LEU L 125 -15.22 6.63 -29.98
CA LEU L 125 -16.36 7.26 -30.64
C LEU L 125 -16.04 7.80 -32.03
N PHE L 126 -14.76 7.88 -32.41
CA PHE L 126 -14.37 8.45 -33.70
C PHE L 126 -13.39 7.51 -34.39
N PRO L 127 -13.86 6.71 -35.34
CA PRO L 127 -13.05 5.62 -35.88
C PRO L 127 -12.12 6.00 -37.02
N GLU L 128 -12.50 6.97 -37.86
CA GLU L 128 -11.53 7.48 -38.83
C GLU L 128 -10.40 8.21 -38.14
N ASN L 129 -10.69 8.81 -36.99
CA ASN L 129 -9.71 9.48 -36.16
C ASN L 129 -8.96 8.53 -35.25
N THR L 130 -9.12 7.20 -35.40
CA THR L 130 -8.36 6.26 -34.58
C THR L 130 -6.88 6.57 -34.64
N ALA L 131 -6.32 6.64 -35.85
CA ALA L 131 -4.89 6.87 -36.01
C ALA L 131 -4.47 8.15 -35.28
N ASP L 132 -5.24 9.22 -35.43
CA ASP L 132 -4.86 10.51 -34.85
C ASP L 132 -5.32 10.66 -33.40
N SER L 133 -6.28 9.86 -32.93
CA SER L 133 -6.63 9.91 -31.51
C SER L 133 -5.84 8.89 -30.69
N LEU L 134 -5.38 7.80 -31.32
CA LEU L 134 -4.47 6.88 -30.67
C LEU L 134 -3.14 7.56 -30.35
N ASN L 135 -2.75 8.54 -31.19
CA ASN L 135 -1.54 9.30 -30.93
C ASN L 135 -1.56 9.91 -29.53
N GLU L 136 -2.66 10.60 -29.22
CA GLU L 136 -2.75 11.35 -27.97
C GLU L 136 -2.98 10.43 -26.77
N VAL L 137 -3.73 9.33 -26.96
CA VAL L 137 -3.97 8.37 -25.88
C VAL L 137 -2.64 7.81 -25.37
N LEU L 138 -1.73 7.51 -26.30
CA LEU L 138 -0.39 7.08 -25.93
C LEU L 138 0.43 8.23 -25.38
N ALA L 139 0.30 9.42 -25.96
CA ALA L 139 1.03 10.59 -25.48
C ALA L 139 0.71 10.86 -24.02
N ALA L 140 -0.57 10.88 -23.67
CA ALA L 140 -0.96 11.14 -22.29
C ALA L 140 -0.48 10.05 -21.35
N TYR L 141 -0.50 8.80 -21.82
CA TYR L 141 -0.05 7.70 -20.98
C TYR L 141 1.46 7.62 -20.90
N LYS L 142 2.16 7.90 -22.00
CA LYS L 142 3.62 8.00 -21.91
C LYS L 142 4.06 9.22 -21.13
N ASN L 143 3.18 10.23 -21.02
CA ASN L 143 3.50 11.41 -20.21
C ASN L 143 3.11 11.18 -18.75
N THR L 144 1.97 10.52 -18.51
CA THR L 144 1.64 10.15 -17.13
C THR L 144 2.65 9.18 -16.56
N LEU L 145 3.27 8.34 -17.41
CA LEU L 145 4.40 7.52 -16.99
C LEU L 145 5.65 8.37 -16.81
N ASP L 146 5.77 9.46 -17.58
CA ASP L 146 7.00 10.23 -17.64
C ASP L 146 7.34 10.83 -16.29
N LEU L 147 6.35 11.47 -15.66
CA LEU L 147 6.51 12.03 -14.32
C LEU L 147 6.37 10.98 -13.23
N CYS L 148 5.89 9.78 -13.56
CA CYS L 148 5.67 8.76 -12.55
C CYS L 148 6.99 8.27 -11.93
N SER L 149 8.13 8.55 -12.58
CA SER L 149 9.44 8.32 -12.00
C SER L 149 10.26 9.60 -11.81
N GLN L 150 10.03 10.59 -12.67
CA GLN L 150 10.81 11.81 -12.70
C GLN L 150 10.06 12.95 -12.01
N VAL L 158 5.70 3.77 -8.78
CA VAL L 158 5.07 2.45 -8.85
C VAL L 158 3.62 2.57 -9.30
N LEU L 159 3.28 1.79 -10.31
CA LEU L 159 1.95 1.84 -10.88
C LEU L 159 0.98 1.00 -10.07
N LYS L 160 -0.29 1.40 -10.10
CA LYS L 160 -1.36 0.70 -9.41
C LYS L 160 -2.58 0.82 -10.31
N ILE L 161 -2.81 -0.20 -11.14
CA ILE L 161 -3.88 -0.19 -12.14
C ILE L 161 -4.96 -1.18 -11.71
N ASN L 162 -6.20 -0.88 -12.08
CA ASN L 162 -7.36 -1.71 -11.74
C ASN L 162 -7.62 -2.74 -12.84
N LEU L 163 -8.30 -3.83 -12.44
CA LEU L 163 -8.71 -4.85 -13.40
C LEU L 163 -9.50 -4.26 -14.56
N SER L 164 -10.55 -3.50 -14.23
CA SER L 164 -11.37 -2.89 -15.27
C SER L 164 -10.59 -1.85 -16.06
N LYS L 165 -9.64 -1.16 -15.41
CA LYS L 165 -8.77 -0.24 -16.13
C LYS L 165 -7.91 -0.99 -17.15
N LEU L 166 -7.31 -2.12 -16.75
CA LEU L 166 -6.58 -2.95 -17.70
C LEU L 166 -7.49 -3.38 -18.84
N PHE L 167 -8.63 -3.98 -18.50
CA PHE L 167 -9.59 -4.44 -19.51
C PHE L 167 -10.01 -3.31 -20.44
N THR L 168 -10.32 -2.13 -19.87
CA THR L 168 -10.70 -0.99 -20.71
C THR L 168 -9.61 -0.65 -21.71
N LEU L 169 -8.38 -0.41 -21.23
CA LEU L 169 -7.27 -0.17 -22.14
C LEU L 169 -7.05 -1.36 -23.07
N HIS L 170 -7.10 -2.57 -22.53
CA HIS L 170 -6.96 -3.77 -23.34
C HIS L 170 -7.89 -3.75 -24.54
N SER L 171 -9.20 -3.74 -24.28
CA SER L 171 -10.18 -3.84 -25.35
C SER L 171 -10.19 -2.59 -26.22
N CYS L 172 -9.86 -1.44 -25.63
CA CYS L 172 -9.85 -0.20 -26.40
C CYS L 172 -8.72 -0.21 -27.41
N LEU L 173 -7.57 -0.80 -27.05
CA LEU L 173 -6.49 -0.95 -28.02
C LEU L 173 -6.87 -1.99 -29.09
N SER L 174 -7.42 -3.13 -28.68
CA SER L 174 -7.91 -4.12 -29.64
C SER L 174 -8.85 -3.47 -30.64
N LEU L 175 -9.76 -2.64 -30.14
CA LEU L 175 -10.70 -1.95 -31.03
C LEU L 175 -9.95 -1.01 -31.96
N ALA L 176 -9.00 -0.26 -31.42
CA ALA L 176 -8.23 0.68 -32.23
C ALA L 176 -7.38 -0.01 -33.27
N LEU L 177 -6.91 -1.23 -32.99
CA LEU L 177 -6.07 -1.94 -33.95
C LEU L 177 -6.90 -2.52 -35.08
N GLN L 178 -8.08 -3.08 -34.79
CA GLN L 178 -8.94 -3.58 -35.87
C GLN L 178 -9.30 -2.46 -36.82
N ARG L 179 -9.61 -1.28 -36.28
CA ARG L 179 -9.92 -0.12 -37.10
C ARG L 179 -8.71 0.37 -37.89
N LEU L 180 -7.56 -0.27 -37.71
CA LEU L 180 -6.35 0.12 -38.42
C LEU L 180 -6.08 -0.80 -39.60
N GLY L 181 -6.28 -2.10 -39.39
CA GLY L 181 -6.05 -3.09 -40.42
C GLY L 181 -5.09 -4.17 -39.99
N TYR L 182 -5.23 -4.64 -38.75
CA TYR L 182 -4.36 -5.69 -38.22
C TYR L 182 -5.09 -7.02 -38.14
N GLY L 183 -6.42 -6.95 -38.00
CA GLY L 183 -7.23 -8.15 -37.91
C GLY L 183 -6.63 -9.20 -36.98
N ASP L 184 -5.74 -10.02 -37.52
CA ASP L 184 -5.09 -11.06 -36.73
C ASP L 184 -4.61 -10.53 -35.39
N VAL L 185 -3.78 -9.50 -35.43
CA VAL L 185 -3.25 -8.90 -34.21
C VAL L 185 -4.37 -8.30 -33.36
N SER L 186 -5.44 -7.85 -34.02
CA SER L 186 -6.58 -7.26 -33.33
C SER L 186 -7.42 -8.33 -32.63
N LYS L 187 -7.57 -9.47 -33.29
CA LYS L 187 -8.36 -10.58 -32.72
C LYS L 187 -7.62 -11.27 -31.59
N ARG L 188 -6.31 -11.48 -31.75
CA ARG L 188 -5.56 -12.20 -30.74
C ARG L 188 -5.48 -11.40 -29.45
N MET L 189 -5.30 -10.08 -29.57
CA MET L 189 -5.36 -9.24 -28.39
C MET L 189 -6.76 -9.25 -27.80
N TYR L 190 -7.78 -9.23 -28.67
CA TYR L 190 -9.16 -9.30 -28.22
C TYR L 190 -9.45 -10.60 -27.49
N GLN L 191 -8.94 -11.72 -28.01
CA GLN L 191 -9.18 -13.01 -27.38
C GLN L 191 -8.44 -13.16 -26.06
N GLU L 192 -7.43 -12.33 -25.79
CA GLU L 192 -6.72 -12.40 -24.53
C GLU L 192 -7.19 -11.33 -23.55
N ILE L 193 -8.26 -10.62 -23.87
CA ILE L 193 -8.84 -9.66 -22.94
C ILE L 193 -9.33 -10.41 -21.71
N PHE L 194 -9.06 -9.85 -20.53
CA PHE L 194 -9.55 -10.43 -19.28
C PHE L 194 -10.73 -9.58 -18.83
N VAL L 195 -11.92 -10.02 -19.18
CA VAL L 195 -13.14 -9.27 -18.84
C VAL L 195 -13.38 -9.35 -17.34
N PRO L 196 -13.58 -8.22 -16.64
CA PRO L 196 -13.85 -8.30 -15.21
C PRO L 196 -15.14 -9.06 -14.94
N ASP L 197 -15.25 -9.53 -13.70
CA ASP L 197 -16.41 -10.33 -13.27
C ASP L 197 -17.71 -9.55 -13.47
N SER L 198 -18.15 -8.85 -12.43
CA SER L 198 -19.35 -8.04 -12.46
C SER L 198 -19.45 -7.24 -11.16
N ASP L 199 -18.69 -6.15 -11.04
CA ASP L 199 -18.71 -5.37 -9.81
C ASP L 199 -19.28 -3.96 -10.04
N ALA L 200 -19.03 -3.05 -9.09
CA ALA L 200 -19.55 -1.68 -9.22
C ALA L 200 -18.77 -0.85 -10.22
N ASP L 201 -17.54 -1.24 -10.56
CA ASP L 201 -16.71 -0.52 -11.52
C ASP L 201 -17.30 -0.54 -12.91
N ILE L 202 -18.41 0.18 -13.10
CA ILE L 202 -19.12 0.26 -14.36
C ILE L 202 -19.31 1.75 -14.64
N THR L 203 -18.51 2.29 -15.53
CA THR L 203 -18.68 3.66 -15.99
C THR L 203 -19.17 3.67 -17.43
N PRO L 204 -19.98 4.65 -17.81
CA PRO L 204 -20.41 4.76 -19.21
C PRO L 204 -19.28 4.63 -20.22
N LEU L 205 -18.07 5.07 -19.87
CA LEU L 205 -16.95 4.89 -20.79
C LEU L 205 -16.60 3.42 -20.93
N SER L 206 -16.41 2.72 -19.81
CA SER L 206 -16.10 1.29 -19.90
C SER L 206 -17.21 0.54 -20.62
N PHE L 207 -18.45 1.01 -20.48
CA PHE L 207 -19.57 0.38 -21.17
C PHE L 207 -19.53 0.68 -22.67
N ILE L 208 -19.36 1.95 -23.03
CA ILE L 208 -19.35 2.33 -24.44
C ILE L 208 -18.26 1.60 -25.20
N ILE L 209 -17.08 1.46 -24.56
CA ILE L 209 -15.97 0.74 -25.18
C ILE L 209 -16.34 -0.72 -25.41
N SER L 210 -16.89 -1.37 -24.38
CA SER L 210 -17.18 -2.80 -24.47
C SER L 210 -18.32 -3.07 -25.44
N TRP L 211 -19.27 -2.14 -25.52
CA TRP L 211 -20.32 -2.28 -26.52
C TRP L 211 -19.75 -2.20 -27.93
N THR L 212 -19.08 -1.09 -28.26
CA THR L 212 -18.59 -0.93 -29.62
C THR L 212 -17.53 -1.97 -29.98
N ALA L 213 -16.78 -2.45 -28.98
CA ALA L 213 -15.76 -3.48 -29.25
C ALA L 213 -16.41 -4.83 -29.47
N LEU L 214 -17.43 -5.16 -28.67
CA LEU L 214 -18.23 -6.36 -28.95
C LEU L 214 -18.80 -6.28 -30.36
N ASN L 215 -19.25 -5.09 -30.77
CA ASN L 215 -19.86 -4.90 -32.08
C ASN L 215 -18.86 -5.21 -33.19
N THR L 216 -17.73 -4.50 -33.20
CA THR L 216 -16.79 -4.62 -34.30
C THR L 216 -15.98 -5.91 -34.27
N PHE L 217 -16.20 -6.77 -33.28
CA PHE L 217 -15.47 -8.03 -33.13
C PHE L 217 -16.34 -9.27 -33.06
N ALA L 218 -17.62 -9.15 -32.75
CA ALA L 218 -18.49 -10.32 -32.73
C ALA L 218 -18.56 -11.06 -34.07
N PRO L 219 -18.48 -10.42 -35.24
CA PRO L 219 -18.46 -11.16 -36.49
C PRO L 219 -17.11 -11.75 -36.90
N ILE L 220 -16.09 -11.71 -36.04
CA ILE L 220 -14.73 -12.17 -36.39
C ILE L 220 -14.23 -13.24 -35.44
N CYS L 221 -14.29 -12.98 -34.13
CA CYS L 221 -13.87 -13.95 -33.13
C CYS L 221 -14.89 -15.06 -32.91
N THR L 222 -16.09 -14.90 -33.46
CA THR L 222 -17.14 -15.90 -33.31
C THR L 222 -16.89 -17.10 -34.21
N SER L 223 -16.06 -16.92 -35.22
CA SER L 223 -15.73 -17.98 -36.17
C SER L 223 -14.92 -19.08 -35.49
N PRO L 224 -13.56 -18.78 -35.26
CA PRO L 224 -12.83 -19.88 -34.60
C PRO L 224 -13.51 -20.32 -33.31
N LYS L 225 -13.73 -21.60 -33.11
CA LYS L 225 -14.46 -22.02 -31.94
C LYS L 225 -13.60 -22.88 -31.02
N GLU L 226 -13.45 -22.44 -29.77
CA GLU L 226 -12.64 -23.18 -28.82
C GLU L 226 -12.41 -22.35 -27.56
N ASN L 227 -11.61 -21.30 -27.69
CA ASN L 227 -11.33 -20.42 -26.57
C ASN L 227 -11.65 -18.98 -26.94
N ASP L 228 -12.79 -18.48 -26.45
CA ASP L 228 -13.17 -17.10 -26.75
C ASP L 228 -13.79 -16.43 -25.53
N VAL L 229 -13.85 -15.10 -25.57
CA VAL L 229 -14.42 -14.33 -24.47
C VAL L 229 -15.73 -13.67 -24.88
N VAL L 230 -16.14 -13.89 -26.12
CA VAL L 230 -17.37 -13.32 -26.64
C VAL L 230 -18.51 -13.48 -25.64
N GLU L 231 -18.61 -14.67 -25.05
CA GLU L 231 -19.66 -14.96 -24.08
C GLU L 231 -19.49 -14.10 -22.82
N LYS L 232 -18.26 -14.02 -22.33
CA LYS L 232 -17.96 -13.24 -21.15
C LYS L 232 -18.15 -11.75 -21.41
N MET L 233 -17.79 -11.32 -22.62
CA MET L 233 -17.94 -9.91 -22.97
C MET L 233 -19.40 -9.48 -23.00
N ALA L 234 -20.29 -10.34 -23.52
CA ALA L 234 -21.69 -9.97 -23.63
C ALA L 234 -22.38 -9.98 -22.27
N MET L 235 -21.95 -10.84 -21.36
CA MET L 235 -22.48 -10.82 -20.01
C MET L 235 -22.01 -9.59 -19.24
N TYR L 236 -20.89 -8.98 -19.66
CA TYR L 236 -20.45 -7.72 -19.06
C TYR L 236 -21.36 -6.56 -19.46
N VAL L 237 -21.68 -6.43 -20.76
CA VAL L 237 -22.54 -5.34 -21.21
C VAL L 237 -23.97 -5.53 -20.71
N ARG L 238 -24.39 -6.78 -20.47
CA ARG L 238 -25.64 -7.05 -19.77
C ARG L 238 -25.71 -6.27 -18.47
N THR L 239 -25.09 -6.98 -17.47
CA THR L 239 -24.94 -6.51 -16.10
C THR L 239 -24.72 -5.00 -16.07
N ALA L 240 -24.14 -4.48 -17.15
CA ALA L 240 -23.81 -3.07 -17.19
C ALA L 240 -25.04 -2.20 -17.34
N ILE L 241 -25.89 -2.57 -18.29
CA ILE L 241 -27.04 -1.75 -18.64
C ILE L 241 -28.06 -1.63 -17.50
N GLY L 242 -28.12 -2.67 -16.67
CA GLY L 242 -29.13 -2.74 -15.62
C GLY L 242 -28.76 -2.12 -14.29
N THR L 243 -27.57 -1.57 -14.17
CA THR L 243 -27.13 -1.00 -12.91
C THR L 243 -27.04 0.51 -12.91
N LEU L 244 -27.00 1.11 -14.11
CA LEU L 244 -26.70 2.53 -14.21
C LEU L 244 -27.62 3.27 -15.18
N LYS L 245 -27.53 2.93 -16.46
CA LYS L 245 -28.27 3.63 -17.50
C LYS L 245 -29.78 3.51 -17.33
N ILE L 246 -30.22 2.35 -16.86
CA ILE L 246 -31.62 2.02 -16.54
C ILE L 246 -32.67 2.61 -17.50
N GLN L 247 -32.30 2.79 -18.77
CA GLN L 247 -33.20 3.42 -19.73
C GLN L 247 -32.71 3.21 -21.17
N ASP L 248 -33.47 2.46 -21.96
CA ASP L 248 -34.68 1.78 -21.49
C ASP L 248 -34.72 0.37 -22.05
N LEU L 249 -35.80 0.05 -22.76
CA LEU L 249 -35.90 -1.24 -23.44
C LEU L 249 -35.10 -1.22 -24.74
N LYS L 250 -34.66 -0.02 -25.14
CA LYS L 250 -33.98 0.19 -26.42
C LYS L 250 -32.71 -0.63 -26.56
N LEU L 251 -31.67 -0.24 -25.82
CA LEU L 251 -30.41 -0.96 -25.85
C LEU L 251 -30.54 -2.34 -25.24
N SER L 252 -31.49 -2.51 -24.33
CA SER L 252 -31.72 -3.79 -23.68
C SER L 252 -32.18 -4.85 -24.68
N ARG L 253 -32.96 -4.43 -25.67
CA ARG L 253 -33.43 -5.35 -26.69
C ARG L 253 -32.28 -5.81 -27.58
N LYS L 254 -31.43 -4.86 -27.95
CA LYS L 254 -30.26 -5.14 -28.76
C LYS L 254 -29.25 -6.00 -28.02
N LEU L 255 -29.19 -5.81 -26.71
CA LEU L 255 -28.26 -6.56 -25.88
C LEU L 255 -28.74 -7.99 -25.70
N ILE L 256 -30.05 -8.14 -25.49
CA ILE L 256 -30.64 -9.48 -25.41
C ILE L 256 -30.47 -10.16 -26.76
N ASN L 257 -30.51 -9.35 -27.82
CA ASN L 257 -30.24 -9.85 -29.16
C ASN L 257 -28.79 -10.27 -29.30
N SER L 258 -27.90 -9.61 -28.56
CA SER L 258 -26.50 -10.00 -28.54
C SER L 258 -26.33 -11.33 -27.83
N CYS L 259 -27.10 -11.52 -26.78
CA CYS L 259 -27.09 -12.79 -26.06
C CYS L 259 -27.60 -13.87 -26.98
N ILE L 260 -28.56 -13.52 -27.82
CA ILE L 260 -29.04 -14.42 -28.84
C ILE L 260 -27.94 -14.71 -29.84
N ASP L 261 -27.11 -13.70 -30.10
CA ASP L 261 -26.01 -13.82 -31.04
C ASP L 261 -24.93 -14.76 -30.51
N ILE L 262 -24.81 -14.81 -29.18
CA ILE L 262 -23.82 -15.68 -28.56
C ILE L 262 -24.32 -17.11 -28.42
N GLY L 263 -25.55 -17.26 -27.94
CA GLY L 263 -26.13 -18.58 -27.72
C GLY L 263 -26.36 -19.33 -29.03
N SER L 264 -26.69 -18.61 -30.08
CA SER L 264 -26.93 -19.22 -31.39
C SER L 264 -25.62 -19.53 -32.10
N ARG L 265 -24.53 -19.01 -31.56
CA ARG L 265 -23.20 -19.23 -32.12
C ARG L 265 -22.54 -20.46 -31.51
#